data_8XJ2
#
_entry.id   8XJ2
#
_cell.length_a   1.00
_cell.length_b   1.00
_cell.length_c   1.00
_cell.angle_alpha   90.00
_cell.angle_beta   90.00
_cell.angle_gamma   90.00
#
_symmetry.space_group_name_H-M   'P 1'
#
loop_
_entity.id
_entity.type
_entity.pdbx_description
1 polymer 'S-adenosylmethionine synthase isoform type-2'
2 non-polymer 7-chloranyl-5-(2-cyclopropylpyridin-3-yl)-1-methyl-imidazo[4,5-c]quinolin-4-one
3 non-polymer S-ADENOSYLMETHIONINE
#
_entity_poly.entity_id   1
_entity_poly.type   'polypeptide(L)'
_entity_poly.pdbx_seq_one_letter_code
;MNGQLNGFHEAFIEEGTFLFTSESVGEGHPDKICDQISDAVLDAHLQQDPDAKVACETVAKTGMILLAGEITSRAAVDYQ
KVVREAVKHIGYDDSSKGFDYKTCNVLVALEQQSPDIAQGVHLDRNEEDIGAGDQGLMFGYATDETEECMPLTIVLAHKL
NAKLAELRRNGTLPWLRPDSKTQVTVQYMQDRGAVLPIRVHTIVISVQHDEEVCLDEMRDALKEKVIKAVVPAKYLDEDT
IYHLQPSGRFVIGGPQGDAGLTGRKIIVDTYGGWGAHGGGAFSGKDYTKVDRSAAYAARWVAKSLVKGGLCRRVLVQVSY
AIGVSHPLSISIFHYGTSQKSERELLEIVKKNFDLRPGVIVRDLDLKKPIYQRTAAYGHFGRDSFPWEVPKKLKY
;
_entity_poly.pdbx_strand_id   A,B,C,D
#
# COMPACT_ATOMS: atom_id res chain seq x y z
N GLU A 15 45.38 -29.33 -12.87
CA GLU A 15 45.50 -29.14 -14.31
C GLU A 15 45.37 -27.67 -14.67
N GLY A 16 44.61 -26.93 -13.88
CA GLY A 16 44.33 -25.54 -14.19
C GLY A 16 42.97 -25.31 -14.82
N THR A 17 42.00 -26.18 -14.54
CA THR A 17 40.64 -26.07 -15.07
C THR A 17 39.67 -25.94 -13.92
N PHE A 18 38.67 -25.07 -14.09
CA PHE A 18 37.64 -24.91 -13.07
C PHE A 18 36.31 -24.64 -13.74
N LEU A 19 35.26 -24.56 -12.94
CA LEU A 19 33.92 -24.22 -13.40
C LEU A 19 33.49 -22.93 -12.71
N PHE A 20 32.71 -22.13 -13.42
CA PHE A 20 32.13 -20.94 -12.81
C PHE A 20 30.74 -20.71 -13.39
N THR A 21 29.79 -20.41 -12.51
CA THR A 21 28.40 -20.18 -12.87
C THR A 21 28.10 -18.69 -12.83
N SER A 22 27.08 -18.30 -13.59
CA SER A 22 26.58 -16.94 -13.53
C SER A 22 25.12 -16.94 -13.97
N GLU A 23 24.34 -16.05 -13.38
CA GLU A 23 22.90 -16.03 -13.53
C GLU A 23 22.45 -14.79 -14.30
N SER A 24 21.23 -14.86 -14.82
CA SER A 24 20.59 -13.67 -15.37
C SER A 24 19.09 -13.94 -15.46
N VAL A 25 18.32 -12.87 -15.41
CA VAL A 25 16.87 -12.96 -15.35
C VAL A 25 16.29 -12.01 -16.38
N GLY A 26 15.20 -12.44 -17.03
CA GLY A 26 14.62 -11.66 -18.10
C GLY A 26 13.83 -10.48 -17.62
N GLU A 27 13.38 -9.66 -18.58
CA GLU A 27 12.67 -8.44 -18.25
C GLU A 27 11.41 -8.70 -17.44
N GLY A 28 10.87 -9.91 -17.50
CA GLY A 28 9.67 -10.21 -16.75
C GLY A 28 9.91 -10.60 -15.30
N HIS A 29 11.14 -10.88 -14.93
CA HIS A 29 11.42 -11.27 -13.56
C HIS A 29 10.99 -10.16 -12.62
N PRO A 30 10.26 -10.47 -11.54
CA PRO A 30 9.71 -9.37 -10.71
C PRO A 30 10.75 -8.40 -10.23
N ASP A 31 11.93 -8.87 -9.86
CA ASP A 31 12.98 -7.96 -9.45
C ASP A 31 13.34 -7.01 -10.60
N LYS A 32 13.39 -7.53 -11.82
CA LYS A 32 13.70 -6.67 -12.96
C LYS A 32 12.51 -5.81 -13.36
N ILE A 33 11.27 -6.25 -13.10
CA ILE A 33 10.15 -5.35 -13.26
C ILE A 33 10.34 -4.13 -12.36
N CYS A 34 10.69 -4.37 -11.10
CA CYS A 34 10.92 -3.27 -10.17
C CYS A 34 12.07 -2.40 -10.61
N ASP A 35 13.17 -3.00 -11.09
CA ASP A 35 14.31 -2.22 -11.51
C ASP A 35 13.96 -1.32 -12.70
N GLN A 36 13.27 -1.88 -13.69
CA GLN A 36 12.86 -1.07 -14.85
C GLN A 36 11.91 0.04 -14.43
N ILE A 37 10.98 -0.24 -13.52
CA ILE A 37 10.05 0.81 -13.11
C ILE A 37 10.78 1.92 -12.36
N SER A 38 11.74 1.55 -11.51
CA SER A 38 12.52 2.56 -10.80
C SER A 38 13.29 3.43 -11.78
N ASP A 39 13.97 2.80 -12.74
CA ASP A 39 14.72 3.58 -13.72
C ASP A 39 13.80 4.39 -14.61
N ALA A 40 12.59 3.91 -14.86
CA ALA A 40 11.62 4.68 -15.65
C ALA A 40 11.21 5.94 -14.91
N VAL A 41 10.98 5.84 -13.60
CA VAL A 41 10.67 7.03 -12.81
C VAL A 41 11.85 7.98 -12.82
N LEU A 42 13.05 7.45 -12.66
CA LEU A 42 14.24 8.30 -12.70
C LEU A 42 14.36 9.02 -14.04
N ASP A 43 14.12 8.31 -15.14
CA ASP A 43 14.17 8.95 -16.46
C ASP A 43 13.09 10.00 -16.61
N ALA A 44 11.88 9.71 -16.13
CA ALA A 44 10.80 10.67 -16.24
C ALA A 44 11.15 11.96 -15.52
N HIS A 45 11.82 11.85 -14.38
CA HIS A 45 12.24 13.05 -13.66
C HIS A 45 13.39 13.75 -14.38
N LEU A 46 14.40 12.98 -14.80
CA LEU A 46 15.57 13.57 -15.44
C LEU A 46 15.24 14.25 -16.76
N GLN A 47 14.14 13.86 -17.41
CA GLN A 47 13.78 14.50 -18.67
C GLN A 47 13.43 15.96 -18.45
N GLN A 48 12.81 16.29 -17.32
CA GLN A 48 12.36 17.65 -17.03
C GLN A 48 13.31 18.40 -16.10
N ASP A 49 13.92 17.71 -15.14
CA ASP A 49 14.80 18.35 -14.16
C ASP A 49 16.11 17.57 -14.11
N PRO A 50 17.12 17.98 -14.88
CA PRO A 50 18.40 17.27 -14.84
C PRO A 50 19.03 17.20 -13.46
N ASP A 51 18.64 18.08 -12.55
CA ASP A 51 19.19 18.11 -11.19
C ASP A 51 18.34 17.33 -10.20
N ALA A 52 17.35 16.59 -10.66
CA ALA A 52 16.46 15.88 -9.75
C ALA A 52 17.25 14.94 -8.85
N LYS A 53 16.92 14.94 -7.56
CA LYS A 53 17.51 14.01 -6.59
C LYS A 53 16.49 12.90 -6.36
N VAL A 54 16.79 11.71 -6.87
CA VAL A 54 15.84 10.61 -6.91
C VAL A 54 16.44 9.39 -6.23
N ALA A 55 15.65 8.76 -5.35
CA ALA A 55 15.96 7.46 -4.78
C ALA A 55 14.63 6.75 -4.62
N CYS A 56 14.29 5.89 -5.58
CA CYS A 56 12.96 5.30 -5.70
C CYS A 56 13.07 3.79 -5.69
N GLU A 57 12.75 3.18 -4.55
CA GLU A 57 12.61 1.74 -4.44
C GLU A 57 11.23 1.32 -4.92
N THR A 58 11.16 0.15 -5.54
CA THR A 58 9.92 -0.36 -6.10
C THR A 58 9.67 -1.77 -5.60
N VAL A 59 8.41 -2.07 -5.31
CA VAL A 59 7.99 -3.37 -4.83
C VAL A 59 6.85 -3.86 -5.71
N ALA A 60 7.05 -4.99 -6.37
CA ALA A 60 6.08 -5.53 -7.30
C ALA A 60 5.61 -6.89 -6.82
N LYS A 61 4.30 -7.10 -6.82
CA LYS A 61 3.72 -8.38 -6.45
C LYS A 61 2.36 -8.48 -7.13
N THR A 62 1.63 -9.56 -6.86
CA THR A 62 0.36 -9.80 -7.54
C THR A 62 -0.49 -8.54 -7.57
N GLY A 63 -0.73 -8.01 -8.77
CA GLY A 63 -1.61 -6.88 -8.93
C GLY A 63 -1.24 -5.67 -8.11
N MET A 64 0.04 -5.46 -7.82
CA MET A 64 0.47 -4.31 -7.04
C MET A 64 1.86 -3.88 -7.45
N ILE A 65 2.00 -2.58 -7.72
CA ILE A 65 3.29 -1.91 -7.85
C ILE A 65 3.30 -0.79 -6.83
N LEU A 66 4.34 -0.75 -6.00
CA LEU A 66 4.45 0.26 -4.95
C LEU A 66 5.76 0.98 -5.11
N LEU A 67 5.71 2.31 -5.24
CA LEU A 67 6.90 3.15 -5.31
C LEU A 67 7.08 3.84 -3.97
N ALA A 68 8.23 3.61 -3.33
CA ALA A 68 8.54 4.23 -2.06
C ALA A 68 9.94 4.80 -2.14
N GLY A 69 10.11 6.02 -1.65
CA GLY A 69 11.41 6.64 -1.67
C GLY A 69 11.29 8.14 -1.61
N GLU A 70 12.42 8.79 -1.91
CA GLU A 70 12.53 10.24 -1.81
C GLU A 70 12.90 10.80 -3.17
N ILE A 71 12.06 11.70 -3.69
CA ILE A 71 12.30 12.35 -4.97
C ILE A 71 12.09 13.84 -4.78
N THR A 72 13.17 14.60 -4.76
CA THR A 72 13.12 16.06 -4.68
C THR A 72 13.51 16.59 -6.05
N SER A 73 12.55 17.21 -6.74
CA SER A 73 12.79 17.73 -8.06
C SER A 73 11.71 18.74 -8.41
N ARG A 74 11.99 19.55 -9.42
CA ARG A 74 11.04 20.53 -9.94
C ARG A 74 10.10 19.94 -10.99
N ALA A 75 10.26 18.67 -11.31
CA ALA A 75 9.49 18.04 -12.37
C ALA A 75 8.10 17.64 -11.87
N ALA A 76 7.17 17.52 -12.81
CA ALA A 76 5.83 17.02 -12.54
C ALA A 76 5.66 15.75 -13.36
N VAL A 77 5.56 14.61 -12.68
CA VAL A 77 5.57 13.30 -13.31
C VAL A 77 4.27 12.60 -13.01
N ASP A 78 3.74 11.88 -14.01
CA ASP A 78 2.55 11.07 -13.86
C ASP A 78 3.01 9.64 -13.62
N TYR A 79 3.08 9.25 -12.35
CA TYR A 79 3.64 7.95 -12.01
C TYR A 79 2.79 6.82 -12.57
N GLN A 80 1.48 7.04 -12.70
CA GLN A 80 0.62 6.02 -13.26
C GLN A 80 1.06 5.65 -14.67
N LYS A 81 1.21 6.66 -15.53
CA LYS A 81 1.64 6.39 -16.90
C LYS A 81 3.04 5.77 -16.93
N VAL A 82 3.97 6.30 -16.14
CA VAL A 82 5.33 5.77 -16.18
C VAL A 82 5.32 4.29 -15.85
N VAL A 83 4.67 3.92 -14.74
CA VAL A 83 4.66 2.53 -14.31
C VAL A 83 3.95 1.66 -15.34
N ARG A 84 2.79 2.11 -15.82
CA ARG A 84 2.00 1.25 -16.68
C ARG A 84 2.64 1.08 -18.05
N GLU A 85 3.29 2.12 -18.57
CA GLU A 85 4.01 1.97 -19.83
C GLU A 85 5.25 1.10 -19.67
N ALA A 86 5.95 1.20 -18.53
CA ALA A 86 7.06 0.30 -18.30
C ALA A 86 6.59 -1.15 -18.28
N VAL A 87 5.49 -1.42 -17.58
CA VAL A 87 4.97 -2.78 -17.50
C VAL A 87 4.50 -3.24 -18.88
N LYS A 88 3.86 -2.37 -19.64
CA LYS A 88 3.43 -2.74 -20.98
C LYS A 88 4.62 -3.09 -21.87
N HIS A 89 5.67 -2.28 -21.81
CA HIS A 89 6.87 -2.60 -22.58
C HIS A 89 7.48 -3.93 -22.14
N ILE A 90 7.37 -4.26 -20.86
CA ILE A 90 7.84 -5.56 -20.39
C ILE A 90 7.06 -6.68 -21.09
N GLY A 91 5.74 -6.54 -21.18
CA GLY A 91 4.93 -7.47 -21.95
C GLY A 91 3.82 -8.13 -21.17
N TYR A 92 3.44 -7.55 -20.03
CA TYR A 92 2.40 -8.10 -19.17
C TYR A 92 1.11 -7.34 -19.45
N ASP A 93 0.25 -7.92 -20.29
CA ASP A 93 -0.95 -7.22 -20.73
C ASP A 93 -2.16 -8.15 -20.76
N ASP A 94 -2.27 -9.05 -19.78
CA ASP A 94 -3.44 -9.90 -19.69
C ASP A 94 -3.39 -10.68 -18.37
N SER A 95 -4.56 -10.97 -17.83
CA SER A 95 -4.61 -11.76 -16.60
C SER A 95 -4.11 -13.17 -16.81
N SER A 96 -4.27 -13.71 -18.01
CA SER A 96 -3.78 -15.06 -18.30
C SER A 96 -2.28 -15.17 -18.09
N LYS A 97 -1.56 -14.07 -18.16
CA LYS A 97 -0.12 -14.06 -17.93
C LYS A 97 0.25 -13.77 -16.48
N GLY A 98 -0.73 -13.51 -15.62
CA GLY A 98 -0.47 -13.22 -14.23
C GLY A 98 -0.30 -11.76 -13.90
N PHE A 99 -0.46 -10.87 -14.86
CA PHE A 99 -0.28 -9.43 -14.62
C PHE A 99 -0.83 -8.68 -15.82
N ASP A 100 -1.31 -7.47 -15.57
CA ASP A 100 -1.93 -6.67 -16.62
C ASP A 100 -1.75 -5.20 -16.29
N TYR A 101 -1.01 -4.48 -17.14
CA TYR A 101 -0.71 -3.09 -16.85
C TYR A 101 -1.99 -2.25 -16.73
N LYS A 102 -3.03 -2.59 -17.48
CA LYS A 102 -4.25 -1.80 -17.43
C LYS A 102 -4.88 -1.81 -16.06
N THR A 103 -4.89 -2.98 -15.40
CA THR A 103 -5.62 -3.15 -14.15
C THR A 103 -4.71 -3.45 -12.96
N CYS A 104 -3.40 -3.28 -13.10
CA CYS A 104 -2.51 -3.40 -11.96
C CYS A 104 -2.67 -2.17 -11.07
N ASN A 105 -2.34 -2.35 -9.79
CA ASN A 105 -2.52 -1.31 -8.79
C ASN A 105 -1.18 -0.65 -8.52
N VAL A 106 -1.12 0.68 -8.68
CA VAL A 106 0.08 1.46 -8.45
C VAL A 106 -0.16 2.35 -7.24
N LEU A 107 0.61 2.11 -6.17
CA LEU A 107 0.57 2.92 -4.96
C LEU A 107 1.84 3.75 -4.90
N VAL A 108 1.70 5.06 -4.71
CA VAL A 108 2.82 5.98 -4.66
C VAL A 108 2.97 6.45 -3.22
N ALA A 109 4.12 6.15 -2.62
CA ALA A 109 4.45 6.58 -1.27
C ALA A 109 5.69 7.45 -1.27
N LEU A 110 5.86 8.23 -2.33
CA LEU A 110 7.06 9.03 -2.50
C LEU A 110 7.01 10.27 -1.61
N GLU A 111 8.16 10.63 -1.05
CA GLU A 111 8.31 11.80 -0.19
C GLU A 111 9.46 12.64 -0.71
N GLN A 112 9.76 13.71 0.03
CA GLN A 112 10.85 14.61 -0.33
C GLN A 112 12.13 14.17 0.34
N GLN A 113 13.26 14.45 -0.32
CA GLN A 113 14.56 14.08 0.23
C GLN A 113 14.75 14.73 1.60
N SER A 114 15.28 13.95 2.53
CA SER A 114 15.42 14.42 3.90
C SER A 114 16.32 15.66 3.94
N PRO A 115 15.90 16.75 4.58
CA PRO A 115 16.75 17.95 4.60
C PRO A 115 18.10 17.71 5.25
N ASP A 116 18.19 16.74 6.17
CA ASP A 116 19.47 16.45 6.81
C ASP A 116 20.50 16.01 5.78
N ILE A 117 20.09 15.18 4.82
CA ILE A 117 21.00 14.77 3.75
C ILE A 117 21.31 15.94 2.84
N ALA A 118 20.31 16.76 2.52
CA ALA A 118 20.53 17.94 1.70
C ALA A 118 21.50 18.91 2.36
N GLN A 119 21.67 18.83 3.68
CA GLN A 119 22.70 19.64 4.33
C GLN A 119 24.09 19.27 3.83
N GLY A 120 24.34 17.97 3.66
CA GLY A 120 25.64 17.50 3.18
C GLY A 120 25.52 16.65 1.92
N ASP A 124 23.21 24.20 -2.39
CA ASP A 124 23.94 24.01 -1.14
C ASP A 124 25.43 24.35 -1.31
N ARG A 125 26.05 23.82 -2.35
CA ARG A 125 27.49 23.98 -2.56
C ARG A 125 27.81 23.91 -4.04
N ASN A 126 29.02 24.37 -4.38
CA ASN A 126 29.45 24.36 -5.76
C ASN A 126 29.46 22.94 -6.32
N GLU A 127 29.15 22.82 -7.62
CA GLU A 127 28.99 21.51 -8.23
C GLU A 127 30.28 20.69 -8.15
N GLU A 128 31.41 21.30 -8.49
CA GLU A 128 32.65 20.54 -8.64
C GLU A 128 33.05 19.82 -7.35
N ASP A 129 32.61 20.32 -6.19
CA ASP A 129 32.95 19.73 -4.90
C ASP A 129 31.70 19.32 -4.15
N ILE A 130 30.70 18.81 -4.87
CA ILE A 130 29.50 18.30 -4.22
C ILE A 130 29.83 16.98 -3.54
N GLY A 131 29.42 16.85 -2.28
CA GLY A 131 29.79 15.69 -1.51
C GLY A 131 29.06 14.44 -1.96
N ALA A 132 29.58 13.30 -1.51
CA ALA A 132 28.99 12.01 -1.84
C ALA A 132 27.57 11.92 -1.30
N GLY A 133 26.69 11.27 -2.05
CA GLY A 133 25.33 11.09 -1.59
C GLY A 133 25.15 10.10 -0.47
N ASP A 134 26.15 9.26 -0.24
CA ASP A 134 26.15 8.31 0.86
C ASP A 134 27.50 7.60 0.89
N GLN A 135 27.85 7.06 2.05
CA GLN A 135 29.10 6.34 2.18
C GLN A 135 28.95 4.95 1.59
N GLY A 136 30.08 4.29 1.37
CA GLY A 136 30.05 2.92 0.93
C GLY A 136 31.21 2.56 0.04
N LEU A 137 31.42 1.27 -0.16
CA LEU A 137 32.45 0.74 -1.05
C LEU A 137 31.80 0.27 -2.33
N MET A 138 32.49 0.49 -3.45
CA MET A 138 31.94 0.17 -4.77
C MET A 138 33.07 -0.30 -5.67
N PHE A 139 32.76 -1.33 -6.45
CA PHE A 139 33.75 -2.07 -7.22
C PHE A 139 33.54 -1.91 -8.72
N GLY A 140 34.64 -1.96 -9.46
CA GLY A 140 34.59 -2.12 -10.89
C GLY A 140 35.50 -3.26 -11.28
N TYR A 141 35.24 -3.82 -12.46
CA TYR A 141 35.95 -5.02 -12.88
C TYR A 141 35.90 -5.13 -14.40
N ALA A 142 36.97 -5.64 -14.98
CA ALA A 142 37.01 -5.82 -16.42
C ALA A 142 37.96 -6.95 -16.76
N THR A 143 37.44 -7.95 -17.47
CA THR A 143 38.23 -9.08 -17.94
C THR A 143 38.07 -9.18 -19.45
N ASP A 144 39.19 -9.25 -20.16
CA ASP A 144 39.17 -9.18 -21.62
C ASP A 144 38.88 -10.52 -22.27
N GLU A 145 38.31 -11.49 -21.56
CA GLU A 145 37.96 -12.75 -22.18
C GLU A 145 36.85 -12.61 -23.21
N THR A 146 36.18 -11.46 -23.26
CA THR A 146 35.21 -11.16 -24.30
C THR A 146 35.48 -9.76 -24.84
N GLU A 147 35.02 -9.51 -26.07
CA GLU A 147 35.27 -8.22 -26.70
C GLU A 147 34.70 -7.07 -25.89
N GLU A 148 33.71 -7.33 -25.04
CA GLU A 148 33.12 -6.31 -24.18
C GLU A 148 33.85 -6.18 -22.85
N CYS A 149 34.96 -6.89 -22.66
CA CYS A 149 35.66 -6.92 -21.38
C CYS A 149 34.71 -7.30 -20.26
N MET A 150 34.06 -8.44 -20.40
CA MET A 150 33.14 -8.97 -19.40
C MET A 150 33.30 -10.48 -19.35
N PRO A 151 32.94 -11.10 -18.23
CA PRO A 151 33.01 -12.56 -18.14
C PRO A 151 32.09 -13.22 -19.16
N LEU A 152 32.49 -14.40 -19.62
CA LEU A 152 31.71 -15.08 -20.65
C LEU A 152 30.37 -15.57 -20.10
N THR A 153 30.33 -16.04 -18.86
CA THR A 153 29.10 -16.64 -18.34
C THR A 153 27.98 -15.61 -18.25
N ILE A 154 28.26 -14.44 -17.69
CA ILE A 154 27.22 -13.43 -17.59
C ILE A 154 26.81 -12.93 -18.97
N VAL A 155 27.76 -12.83 -19.88
CA VAL A 155 27.44 -12.40 -21.24
C VAL A 155 26.49 -13.40 -21.89
N LEU A 156 26.78 -14.70 -21.75
CA LEU A 156 25.93 -15.71 -22.36
C LEU A 156 24.56 -15.74 -21.70
N ALA A 157 24.50 -15.59 -20.38
CA ALA A 157 23.20 -15.58 -19.70
C ALA A 157 22.35 -14.40 -20.16
N HIS A 158 22.96 -13.22 -20.25
CA HIS A 158 22.22 -12.05 -20.71
C HIS A 158 21.77 -12.23 -22.15
N LYS A 159 22.63 -12.80 -23.00
CA LYS A 159 22.24 -13.03 -24.38
C LYS A 159 21.14 -14.06 -24.51
N LEU A 160 21.13 -15.08 -23.63
CA LEU A 160 20.03 -16.04 -23.66
C LEU A 160 18.72 -15.39 -23.27
N ASN A 161 18.73 -14.53 -22.25
CA ASN A 161 17.52 -13.81 -21.89
C ASN A 161 17.08 -12.90 -23.02
N ALA A 162 18.01 -12.22 -23.67
CA ALA A 162 17.67 -11.34 -24.77
C ALA A 162 17.07 -12.12 -25.94
N LYS A 163 17.63 -13.30 -26.23
CA LYS A 163 17.08 -14.12 -27.31
C LYS A 163 15.68 -14.60 -26.97
N LEU A 164 15.45 -15.01 -25.72
CA LEU A 164 14.10 -15.41 -25.34
C LEU A 164 13.12 -14.26 -25.50
N ALA A 165 13.52 -13.06 -25.06
CA ALA A 165 12.64 -11.89 -25.23
C ALA A 165 12.38 -11.61 -26.70
N GLU A 166 13.42 -11.69 -27.53
CA GLU A 166 13.25 -11.42 -28.95
C GLU A 166 12.31 -12.41 -29.60
N LEU A 167 12.48 -13.70 -29.30
CA LEU A 167 11.59 -14.71 -29.88
C LEU A 167 10.16 -14.52 -29.40
N ARG A 168 9.99 -14.18 -28.12
CA ARG A 168 8.63 -13.97 -27.60
C ARG A 168 7.97 -12.77 -28.28
N ARG A 169 8.72 -11.68 -28.46
CA ARG A 169 8.12 -10.42 -28.89
C ARG A 169 7.79 -10.40 -30.38
N ASN A 170 8.53 -11.13 -31.21
CA ASN A 170 8.27 -11.17 -32.65
C ASN A 170 7.35 -12.30 -33.05
N GLY A 171 6.84 -13.07 -32.10
CA GLY A 171 5.85 -14.09 -32.40
C GLY A 171 6.40 -15.40 -32.92
N THR A 172 7.72 -15.59 -32.90
CA THR A 172 8.28 -16.85 -33.36
C THR A 172 7.86 -18.01 -32.46
N LEU A 173 7.86 -17.81 -31.14
CA LEU A 173 7.44 -18.82 -30.17
C LEU A 173 6.35 -18.17 -29.31
N PRO A 174 5.08 -18.31 -29.71
CA PRO A 174 4.03 -17.55 -29.02
C PRO A 174 3.66 -18.11 -27.67
N TRP A 175 4.26 -19.21 -27.22
CA TRP A 175 3.99 -19.76 -25.90
C TRP A 175 4.95 -19.24 -24.84
N LEU A 176 5.88 -18.38 -25.19
CA LEU A 176 6.75 -17.77 -24.20
C LEU A 176 6.03 -16.65 -23.48
N ARG A 177 6.51 -16.33 -22.29
CA ARG A 177 5.94 -15.28 -21.47
C ARG A 177 7.07 -14.56 -20.74
N PRO A 178 6.82 -13.35 -20.25
CA PRO A 178 7.94 -12.45 -19.94
C PRO A 178 8.95 -12.99 -18.94
N ASP A 179 8.53 -13.75 -17.95
CA ASP A 179 9.46 -14.18 -16.90
C ASP A 179 10.38 -15.28 -17.43
N SER A 180 11.65 -15.20 -17.02
CA SER A 180 12.63 -16.21 -17.42
C SER A 180 13.83 -16.08 -16.50
N LYS A 181 14.67 -17.12 -16.52
CA LYS A 181 15.89 -17.13 -15.70
C LYS A 181 16.92 -17.98 -16.42
N THR A 182 17.78 -17.34 -17.21
CA THR A 182 18.79 -18.06 -17.98
C THR A 182 20.15 -17.87 -17.31
N GLN A 183 20.87 -18.96 -17.14
CA GLN A 183 21.83 -19.05 -16.06
C GLN A 183 22.74 -20.26 -16.26
N VAL A 184 24.03 -19.98 -16.46
CA VAL A 184 24.94 -20.80 -17.25
C VAL A 184 26.20 -21.11 -16.45
N THR A 185 26.72 -22.32 -16.63
CA THR A 185 27.98 -22.75 -16.04
C THR A 185 29.00 -22.99 -17.15
N VAL A 186 30.19 -22.40 -17.01
CA VAL A 186 31.22 -22.46 -18.03
C VAL A 186 32.50 -23.01 -17.44
N GLN A 187 33.21 -23.79 -18.25
CA GLN A 187 34.50 -24.36 -17.89
C GLN A 187 35.61 -23.43 -18.36
N TYR A 188 36.53 -23.12 -17.45
CA TYR A 188 37.56 -22.11 -17.65
C TYR A 188 38.93 -22.72 -17.42
N MET A 189 39.94 -22.17 -18.10
CA MET A 189 41.33 -22.52 -17.89
C MET A 189 42.14 -21.27 -17.58
N GLN A 190 43.10 -21.40 -16.67
CA GLN A 190 43.90 -20.26 -16.24
C GLN A 190 45.14 -20.12 -17.12
N ASP A 191 45.58 -18.88 -17.29
CA ASP A 191 46.80 -18.58 -18.05
C ASP A 191 47.39 -17.27 -17.52
N ARG A 192 48.44 -17.38 -16.72
CA ARG A 192 49.14 -16.24 -16.15
C ARG A 192 48.16 -15.18 -15.66
N GLY A 193 47.31 -15.60 -14.73
CA GLY A 193 46.40 -14.69 -14.06
C GLY A 193 45.14 -14.35 -14.82
N ALA A 194 45.06 -14.70 -16.10
CA ALA A 194 43.85 -14.49 -16.89
C ALA A 194 43.08 -15.80 -17.01
N VAL A 195 41.86 -15.70 -17.50
CA VAL A 195 40.98 -16.86 -17.66
C VAL A 195 40.52 -16.95 -19.12
N LEU A 196 40.58 -18.14 -19.67
CA LEU A 196 40.11 -18.43 -21.01
C LEU A 196 38.98 -19.45 -20.95
N PRO A 197 37.80 -19.15 -21.50
CA PRO A 197 36.70 -20.11 -21.44
C PRO A 197 36.87 -21.20 -22.48
N ILE A 198 36.71 -22.46 -22.06
CA ILE A 198 36.86 -23.60 -22.95
C ILE A 198 35.51 -23.95 -23.56
N ARG A 199 34.56 -24.32 -22.71
CA ARG A 199 33.27 -24.81 -23.17
C ARG A 199 32.22 -24.45 -22.14
N VAL A 200 30.97 -24.73 -22.48
CA VAL A 200 29.83 -24.47 -21.61
C VAL A 200 29.45 -25.79 -20.96
N HIS A 201 29.75 -25.93 -19.67
CA HIS A 201 29.53 -27.20 -18.99
C HIS A 201 28.04 -27.47 -18.79
N THR A 202 27.30 -26.47 -18.31
CA THR A 202 25.88 -26.62 -18.07
C THR A 202 25.15 -25.37 -18.53
N ILE A 203 23.90 -25.54 -18.94
CA ILE A 203 23.01 -24.42 -19.24
C ILE A 203 21.65 -24.73 -18.65
N VAL A 204 21.10 -23.79 -17.87
CA VAL A 204 19.79 -23.94 -17.27
C VAL A 204 18.89 -22.84 -17.81
N ILE A 205 17.74 -23.22 -18.36
CA ILE A 205 16.74 -22.28 -18.84
C ILE A 205 15.41 -22.67 -18.22
N SER A 206 14.69 -21.68 -17.70
CA SER A 206 13.36 -21.90 -17.14
C SER A 206 12.55 -20.64 -17.40
N VAL A 207 11.62 -20.71 -18.35
CA VAL A 207 10.90 -19.55 -18.86
C VAL A 207 9.41 -19.79 -18.71
N GLN A 208 8.69 -18.77 -18.27
CA GLN A 208 7.24 -18.88 -18.13
C GLN A 208 6.60 -19.17 -19.47
N HIS A 209 5.54 -19.97 -19.45
CA HIS A 209 4.86 -20.38 -20.67
C HIS A 209 3.37 -20.53 -20.35
N ASP A 210 2.61 -20.99 -21.35
CA ASP A 210 1.18 -21.18 -21.19
C ASP A 210 0.86 -22.66 -20.99
N GLU A 211 -0.42 -22.98 -20.78
CA GLU A 211 -0.84 -24.35 -20.49
C GLU A 211 -0.88 -25.21 -21.75
N GLU A 212 -1.34 -24.64 -22.87
CA GLU A 212 -1.63 -25.44 -24.05
C GLU A 212 -0.39 -26.10 -24.64
N VAL A 213 0.81 -25.64 -24.30
CA VAL A 213 2.03 -26.19 -24.89
C VAL A 213 2.57 -27.31 -24.02
N CYS A 214 3.07 -28.36 -24.67
CA CYS A 214 3.58 -29.55 -23.99
C CYS A 214 5.07 -29.41 -23.73
N LEU A 215 5.54 -30.15 -22.72
CA LEU A 215 6.90 -29.96 -22.21
C LEU A 215 7.94 -30.29 -23.27
N ASP A 216 7.73 -31.39 -24.01
CA ASP A 216 8.74 -31.80 -24.99
C ASP A 216 8.96 -30.71 -26.03
N GLU A 217 7.89 -30.07 -26.48
CA GLU A 217 8.05 -29.02 -27.48
C GLU A 217 8.86 -27.86 -26.93
N MET A 218 8.59 -27.42 -25.70
CA MET A 218 9.35 -26.31 -25.15
C MET A 218 10.81 -26.67 -24.99
N ARG A 219 11.10 -27.87 -24.50
CA ARG A 219 12.49 -28.26 -24.33
C ARG A 219 13.21 -28.34 -25.68
N ASP A 220 12.56 -28.92 -26.70
CA ASP A 220 13.19 -29.00 -28.01
C ASP A 220 13.42 -27.61 -28.59
N ALA A 221 12.44 -26.72 -28.47
CA ALA A 221 12.59 -25.38 -29.01
C ALA A 221 13.70 -24.62 -28.30
N LEU A 222 13.76 -24.73 -26.97
CA LEU A 222 14.81 -24.04 -26.23
C LEU A 222 16.18 -24.58 -26.60
N LYS A 223 16.29 -25.90 -26.76
CA LYS A 223 17.56 -26.49 -27.15
C LYS A 223 17.99 -26.01 -28.53
N GLU A 224 17.05 -25.93 -29.47
CA GLU A 224 17.38 -25.63 -30.85
C GLU A 224 17.23 -24.14 -31.19
N LYS A 225 16.05 -23.57 -30.90
CA LYS A 225 15.79 -22.18 -31.30
C LYS A 225 16.63 -21.18 -30.55
N VAL A 226 16.86 -21.38 -29.24
CA VAL A 226 17.48 -20.37 -28.40
C VAL A 226 18.97 -20.67 -28.22
N ILE A 227 19.29 -21.85 -27.67
CA ILE A 227 20.67 -22.16 -27.33
C ILE A 227 21.56 -22.09 -28.57
N LYS A 228 21.13 -22.73 -29.65
CA LYS A 228 21.98 -22.82 -30.83
C LYS A 228 22.20 -21.45 -31.49
N ALA A 229 21.26 -20.52 -31.30
CA ALA A 229 21.36 -19.21 -31.91
C ALA A 229 22.11 -18.19 -31.06
N VAL A 230 22.56 -18.57 -29.86
CA VAL A 230 23.21 -17.64 -28.95
C VAL A 230 24.63 -18.10 -28.67
N VAL A 231 24.78 -19.31 -28.16
CA VAL A 231 26.09 -19.83 -27.76
C VAL A 231 26.84 -20.29 -28.99
N PRO A 232 28.05 -19.78 -29.26
CA PRO A 232 28.81 -20.28 -30.42
C PRO A 232 29.03 -21.78 -30.33
N ALA A 233 29.00 -22.44 -31.48
CA ALA A 233 29.09 -23.90 -31.50
C ALA A 233 30.41 -24.39 -30.92
N LYS A 234 31.45 -23.56 -30.94
CA LYS A 234 32.73 -24.00 -30.39
C LYS A 234 32.68 -24.22 -28.89
N TYR A 235 31.66 -23.69 -28.22
CA TYR A 235 31.49 -23.90 -26.78
C TYR A 235 30.58 -25.07 -26.45
N LEU A 236 29.54 -25.30 -27.25
CA LEU A 236 28.65 -26.42 -27.01
C LEU A 236 29.26 -27.71 -27.54
N ASP A 237 29.52 -28.64 -26.63
CA ASP A 237 29.99 -29.96 -26.97
C ASP A 237 28.83 -30.95 -26.88
N GLU A 238 29.13 -32.23 -27.09
CA GLU A 238 28.12 -33.27 -26.94
CA GLU A 238 28.12 -33.26 -26.94
C GLU A 238 27.92 -33.70 -25.50
N ASP A 239 28.82 -33.30 -24.60
CA ASP A 239 28.73 -33.62 -23.19
C ASP A 239 28.04 -32.51 -22.40
N THR A 240 27.67 -31.41 -23.05
CA THR A 240 27.04 -30.30 -22.35
C THR A 240 25.78 -30.76 -21.64
N ILE A 241 25.57 -30.25 -20.42
CA ILE A 241 24.40 -30.60 -19.64
C ILE A 241 23.35 -29.51 -19.85
N TYR A 242 22.13 -29.93 -20.14
CA TYR A 242 21.03 -29.02 -20.43
C TYR A 242 19.92 -29.27 -19.43
N HIS A 243 19.62 -28.26 -18.62
CA HIS A 243 18.49 -28.26 -17.70
C HIS A 243 17.50 -27.24 -18.25
N LEU A 244 16.67 -27.67 -19.18
CA LEU A 244 15.69 -26.79 -19.81
C LEU A 244 14.33 -27.07 -19.20
N GLN A 245 13.76 -26.06 -18.56
CA GLN A 245 12.52 -26.22 -17.80
C GLN A 245 12.68 -27.36 -16.79
N PRO A 246 13.65 -27.26 -15.88
CA PRO A 246 13.91 -28.38 -14.96
C PRO A 246 12.77 -28.64 -14.00
N SER A 247 11.86 -27.70 -13.81
CA SER A 247 10.77 -27.83 -12.84
C SER A 247 9.44 -28.14 -13.51
N GLY A 248 9.44 -28.88 -14.62
CA GLY A 248 8.18 -29.20 -15.27
C GLY A 248 7.47 -27.93 -15.70
N ARG A 249 6.23 -27.78 -15.27
CA ARG A 249 5.44 -26.62 -15.63
C ARG A 249 5.86 -25.42 -14.79
N PHE A 250 5.92 -24.25 -15.44
CA PHE A 250 6.23 -22.99 -14.78
C PHE A 250 5.25 -21.93 -15.22
N VAL A 251 3.96 -22.27 -15.24
CA VAL A 251 2.95 -21.37 -15.79
C VAL A 251 2.72 -20.15 -14.90
N ILE A 252 2.73 -20.31 -13.59
CA ILE A 252 2.49 -19.21 -12.66
C ILE A 252 3.81 -18.49 -12.45
N GLY A 253 3.91 -17.27 -12.96
CA GLY A 253 5.15 -16.51 -12.85
C GLY A 253 4.91 -15.03 -12.85
N GLY A 254 5.97 -14.24 -12.96
CA GLY A 254 5.87 -12.80 -12.86
C GLY A 254 5.64 -12.39 -11.42
N PRO A 255 5.11 -11.19 -11.20
CA PRO A 255 4.83 -10.76 -9.83
C PRO A 255 3.93 -11.73 -9.09
N GLN A 256 2.99 -12.35 -9.79
CA GLN A 256 2.22 -13.44 -9.20
C GLN A 256 3.13 -14.65 -9.01
N GLY A 257 2.90 -15.38 -7.93
CA GLY A 257 3.75 -16.53 -7.65
C GLY A 257 5.17 -16.17 -7.31
N ASP A 258 5.43 -14.92 -6.96
CA ASP A 258 6.75 -14.47 -6.50
C ASP A 258 6.57 -13.08 -5.93
N ALA A 259 7.68 -12.40 -5.64
CA ALA A 259 7.66 -11.01 -5.22
C ALA A 259 8.97 -10.36 -5.63
N GLY A 260 8.90 -9.06 -5.93
CA GLY A 260 10.05 -8.35 -6.44
C GLY A 260 10.37 -7.15 -5.58
N LEU A 261 11.60 -6.66 -5.76
CA LEU A 261 12.06 -5.45 -5.09
C LEU A 261 13.17 -4.82 -5.92
N THR A 262 13.30 -3.50 -5.81
CA THR A 262 14.40 -2.82 -6.49
C THR A 262 15.73 -3.23 -5.88
N GLY A 263 16.71 -3.50 -6.74
CA GLY A 263 18.05 -3.76 -6.27
C GLY A 263 18.25 -5.09 -5.59
N ARG A 264 17.40 -6.08 -5.85
CA ARG A 264 17.57 -7.42 -5.31
C ARG A 264 18.30 -8.35 -6.27
N LYS A 265 18.74 -7.85 -7.43
CA LYS A 265 19.48 -8.61 -8.42
C LYS A 265 20.77 -7.87 -8.77
N ILE A 266 21.51 -7.46 -7.74
CA ILE A 266 22.66 -6.60 -7.97
C ILE A 266 23.79 -7.35 -8.67
N ILE A 267 23.98 -8.63 -8.34
CA ILE A 267 25.05 -9.39 -8.97
C ILE A 267 24.72 -9.68 -10.43
N VAL A 268 23.45 -9.96 -10.72
CA VAL A 268 23.04 -10.14 -12.11
C VAL A 268 23.33 -8.90 -12.92
N ASP A 269 23.34 -7.73 -12.27
CA ASP A 269 23.51 -6.48 -13.00
C ASP A 269 24.95 -6.25 -13.44
N THR A 270 25.93 -6.70 -12.67
CA THR A 270 27.29 -6.21 -12.86
C THR A 270 28.22 -7.25 -13.46
N TYR A 271 28.47 -8.37 -12.78
CA TYR A 271 29.42 -9.34 -13.28
C TYR A 271 29.03 -10.78 -13.02
N GLY A 272 27.86 -11.04 -12.44
CA GLY A 272 27.47 -12.42 -12.19
C GLY A 272 28.46 -13.18 -11.34
N GLY A 273 28.94 -12.57 -10.27
CA GLY A 273 29.80 -13.22 -9.31
C GLY A 273 31.27 -12.88 -9.45
N TRP A 274 31.71 -12.46 -10.65
CA TRP A 274 33.11 -12.12 -10.84
C TRP A 274 33.44 -10.79 -10.17
N GLY A 275 34.71 -10.64 -9.84
CA GLY A 275 35.16 -9.43 -9.18
C GLY A 275 34.62 -9.34 -7.77
N ALA A 276 33.75 -8.37 -7.52
CA ALA A 276 33.09 -8.26 -6.23
C ALA A 276 32.03 -7.17 -6.35
N HIS A 277 31.23 -7.04 -5.31
CA HIS A 277 30.16 -6.06 -5.27
C HIS A 277 30.19 -5.34 -3.93
N GLY A 278 29.84 -4.07 -3.96
CA GLY A 278 29.76 -3.27 -2.75
C GLY A 278 28.43 -3.30 -2.05
N GLY A 279 27.48 -4.08 -2.55
CA GLY A 279 26.17 -4.20 -1.93
C GLY A 279 25.18 -3.13 -2.32
N GLY A 280 25.60 -2.14 -3.11
CA GLY A 280 24.73 -1.02 -3.44
C GLY A 280 23.93 -1.28 -4.72
N ALA A 281 22.63 -1.07 -4.64
CA ALA A 281 21.77 -1.19 -5.80
C ALA A 281 21.98 -0.01 -6.74
N PHE A 282 21.75 -0.24 -8.02
CA PHE A 282 21.87 0.82 -9.03
C PHE A 282 20.54 1.48 -9.32
N SER A 283 19.52 0.70 -9.62
CA SER A 283 18.28 1.25 -10.17
C SER A 283 17.63 2.24 -9.21
N GLY A 284 17.16 3.35 -9.76
CA GLY A 284 16.40 4.33 -9.01
C GLY A 284 17.20 5.47 -8.43
N LYS A 285 18.50 5.53 -8.69
CA LYS A 285 19.38 6.51 -8.07
C LYS A 285 19.95 7.45 -9.12
N ASP A 286 20.09 8.72 -8.77
CA ASP A 286 20.67 9.71 -9.65
C ASP A 286 22.18 9.77 -9.43
N TYR A 287 22.83 10.80 -9.97
CA TYR A 287 24.30 10.82 -9.97
C TYR A 287 24.87 11.05 -8.58
N THR A 288 24.15 11.75 -7.71
CA THR A 288 24.70 12.04 -6.38
C THR A 288 24.90 10.78 -5.55
N LYS A 289 24.20 9.70 -5.87
CA LYS A 289 24.33 8.45 -5.12
C LYS A 289 25.54 7.70 -5.64
N VAL A 290 26.61 7.64 -4.84
CA VAL A 290 27.83 7.00 -5.30
C VAL A 290 27.59 5.52 -5.58
N ASP A 291 26.54 4.93 -5.03
CA ASP A 291 26.25 3.53 -5.32
C ASP A 291 26.19 3.27 -6.82
N ARG A 292 25.70 4.24 -7.58
CA ARG A 292 25.59 4.15 -9.03
C ARG A 292 26.72 4.87 -9.74
N SER A 293 26.95 6.14 -9.42
CA SER A 293 27.97 6.93 -10.11
C SER A 293 29.36 6.33 -9.90
N ALA A 294 29.69 5.96 -8.67
CA ALA A 294 31.01 5.43 -8.39
C ALA A 294 31.19 4.04 -8.97
N ALA A 295 30.13 3.23 -9.00
CA ALA A 295 30.23 1.94 -9.67
C ALA A 295 30.50 2.11 -11.16
N TYR A 296 29.79 3.06 -11.79
CA TYR A 296 30.04 3.35 -13.19
C TYR A 296 31.47 3.85 -13.41
N ALA A 297 31.94 4.73 -12.52
CA ALA A 297 33.30 5.26 -12.67
C ALA A 297 34.34 4.17 -12.48
N ALA A 298 34.13 3.25 -11.54
CA ALA A 298 35.08 2.17 -11.34
C ALA A 298 35.08 1.21 -12.52
N ARG A 299 33.90 0.94 -13.09
CA ARG A 299 33.86 0.16 -14.32
C ARG A 299 34.60 0.87 -15.44
N TRP A 300 34.44 2.19 -15.53
CA TRP A 300 35.17 2.95 -16.54
C TRP A 300 36.67 2.83 -16.34
N VAL A 301 37.12 2.93 -15.09
CA VAL A 301 38.56 2.83 -14.81
C VAL A 301 39.07 1.45 -15.19
N ALA A 302 38.33 0.41 -14.81
CA ALA A 302 38.78 -0.95 -15.10
C ALA A 302 38.82 -1.22 -16.60
N LYS A 303 37.79 -0.81 -17.33
CA LYS A 303 37.79 -1.01 -18.77
C LYS A 303 38.87 -0.16 -19.44
N SER A 304 39.16 1.02 -18.91
CA SER A 304 40.24 1.82 -19.46
C SER A 304 41.59 1.14 -19.27
N LEU A 305 41.82 0.57 -18.09
CA LEU A 305 43.08 -0.12 -17.85
C LEU A 305 43.20 -1.36 -18.74
N VAL A 306 42.11 -2.12 -18.90
CA VAL A 306 42.18 -3.33 -19.72
C VAL A 306 42.37 -2.98 -21.19
N LYS A 307 41.55 -2.06 -21.71
CA LYS A 307 41.69 -1.65 -23.11
C LYS A 307 43.00 -0.92 -23.35
N GLY A 308 43.49 -0.18 -22.36
CA GLY A 308 44.76 0.50 -22.51
C GLY A 308 45.96 -0.40 -22.60
N GLY A 309 45.77 -1.71 -22.46
CA GLY A 309 46.86 -2.66 -22.52
C GLY A 309 47.57 -2.86 -21.20
N LEU A 310 47.25 -2.08 -20.18
CA LEU A 310 47.96 -2.19 -18.91
C LEU A 310 47.76 -3.56 -18.27
N CYS A 311 46.54 -4.09 -18.31
CA CYS A 311 46.26 -5.38 -17.72
CA CYS A 311 46.21 -5.36 -17.68
C CYS A 311 45.24 -6.12 -18.58
N ARG A 312 45.19 -7.44 -18.38
CA ARG A 312 44.22 -8.27 -19.06
C ARG A 312 42.98 -8.52 -18.23
N ARG A 313 43.04 -8.25 -16.94
CA ARG A 313 41.95 -8.56 -16.01
C ARG A 313 42.18 -7.75 -14.74
N VAL A 314 41.28 -6.82 -14.44
CA VAL A 314 41.53 -5.85 -13.37
C VAL A 314 40.30 -5.63 -12.53
N LEU A 315 40.53 -5.36 -11.24
CA LEU A 315 39.48 -5.02 -10.28
C LEU A 315 39.88 -3.74 -9.55
N VAL A 316 38.91 -2.85 -9.36
CA VAL A 316 39.13 -1.57 -8.72
C VAL A 316 38.09 -1.40 -7.61
N GLN A 317 38.50 -0.83 -6.49
CA GLN A 317 37.59 -0.51 -5.40
C GLN A 317 37.75 0.95 -5.03
N VAL A 318 36.62 1.62 -4.80
CA VAL A 318 36.62 2.97 -4.27
C VAL A 318 35.69 2.99 -3.07
N SER A 319 35.95 3.91 -2.14
CA SER A 319 35.08 4.05 -0.98
C SER A 319 34.84 5.52 -0.70
N TYR A 320 33.60 5.84 -0.32
CA TYR A 320 33.20 7.21 -0.05
C TYR A 320 32.57 7.32 1.33
N ALA A 321 32.56 8.55 1.85
CA ALA A 321 31.87 8.89 3.09
C ALA A 321 30.91 10.04 2.81
N ILE A 322 29.72 9.97 3.41
CA ILE A 322 28.70 10.96 3.09
C ILE A 322 29.18 12.36 3.45
N GLY A 323 29.10 13.27 2.49
CA GLY A 323 29.52 14.64 2.68
C GLY A 323 30.97 14.90 2.35
N VAL A 324 31.76 13.87 2.09
CA VAL A 324 33.17 14.01 1.73
C VAL A 324 33.29 13.72 0.23
N SER A 325 33.72 14.72 -0.53
CA SER A 325 33.68 14.62 -1.99
C SER A 325 34.67 13.59 -2.49
N HIS A 326 35.91 13.64 -2.02
CA HIS A 326 36.93 12.75 -2.55
C HIS A 326 36.71 11.32 -2.05
N PRO A 327 37.22 10.33 -2.79
CA PRO A 327 37.16 8.95 -2.28
C PRO A 327 37.96 8.81 -1.00
N LEU A 328 37.44 7.99 -0.08
CA LEU A 328 38.19 7.71 1.14
C LEU A 328 39.35 6.78 0.88
N SER A 329 39.17 5.81 -0.03
CA SER A 329 40.22 4.89 -0.36
C SER A 329 40.01 4.39 -1.78
N ILE A 330 41.11 4.11 -2.46
CA ILE A 330 41.11 3.49 -3.78
C ILE A 330 42.09 2.33 -3.75
N SER A 331 41.69 1.21 -4.35
CA SER A 331 42.55 0.03 -4.41
C SER A 331 42.41 -0.62 -5.78
N ILE A 332 43.46 -1.31 -6.21
CA ILE A 332 43.46 -2.02 -7.48
C ILE A 332 44.03 -3.41 -7.26
N PHE A 333 43.59 -4.34 -8.11
CA PHE A 333 44.09 -5.71 -8.09
C PHE A 333 44.03 -6.20 -9.53
N HIS A 334 45.19 -6.32 -10.17
CA HIS A 334 45.25 -6.73 -11.58
C HIS A 334 45.37 -8.24 -11.73
N TYR A 335 45.28 -8.99 -10.64
CA TYR A 335 45.30 -10.45 -10.67
C TYR A 335 46.63 -11.00 -11.20
N GLY A 336 47.70 -10.22 -11.11
CA GLY A 336 48.97 -10.65 -11.62
C GLY A 336 49.07 -10.66 -13.13
N THR A 337 48.24 -9.89 -13.82
CA THR A 337 48.21 -9.84 -15.27
C THR A 337 48.81 -8.56 -15.83
N SER A 338 49.76 -7.96 -15.13
CA SER A 338 50.37 -6.71 -15.58
C SER A 338 51.84 -6.66 -15.18
N GLN A 339 52.60 -5.88 -15.93
CA GLN A 339 53.98 -5.58 -15.55
C GLN A 339 54.07 -4.50 -14.50
N LYS A 340 52.95 -3.89 -14.13
CA LYS A 340 52.93 -2.75 -13.23
C LYS A 340 52.30 -3.14 -11.90
N SER A 341 53.06 -2.99 -10.82
CA SER A 341 52.53 -3.28 -9.50
C SER A 341 51.38 -2.33 -9.18
N GLU A 342 50.52 -2.77 -8.27
CA GLU A 342 49.28 -2.03 -8.01
C GLU A 342 49.56 -0.61 -7.58
N ARG A 343 50.76 -0.33 -7.07
CA ARG A 343 51.09 1.03 -6.64
C ARG A 343 51.09 2.00 -7.82
N GLU A 344 51.83 1.66 -8.88
CA GLU A 344 51.88 2.56 -10.02
C GLU A 344 50.62 2.51 -10.88
N LEU A 345 49.88 1.41 -10.83
CA LEU A 345 48.54 1.41 -11.42
C LEU A 345 47.63 2.38 -10.68
N LEU A 346 47.73 2.42 -9.35
CA LEU A 346 46.98 3.41 -8.59
C LEU A 346 47.40 4.82 -8.98
N GLU A 347 48.70 5.04 -9.15
CA GLU A 347 49.15 6.37 -9.58
C GLU A 347 48.58 6.73 -10.94
N ILE A 348 48.55 5.78 -11.88
CA ILE A 348 47.96 6.04 -13.19
C ILE A 348 46.49 6.41 -13.03
N VAL A 349 45.76 5.67 -12.20
CA VAL A 349 44.34 5.93 -12.01
C VAL A 349 44.14 7.33 -11.44
N LYS A 350 44.96 7.70 -10.44
CA LYS A 350 44.80 9.03 -9.84
C LYS A 350 45.11 10.12 -10.85
N LYS A 351 46.18 9.96 -11.64
CA LYS A 351 46.53 10.99 -12.62
C LYS A 351 45.46 11.13 -13.69
N ASN A 352 44.90 10.01 -14.16
CA ASN A 352 43.99 10.05 -15.29
C ASN A 352 42.54 10.27 -14.89
N PHE A 353 42.12 9.78 -13.72
CA PHE A 353 40.71 9.74 -13.35
C PHE A 353 40.49 10.58 -12.10
N ASP A 354 39.52 11.49 -12.17
CA ASP A 354 39.05 12.26 -11.02
C ASP A 354 37.72 11.64 -10.63
N LEU A 355 37.68 11.02 -9.45
CA LEU A 355 36.57 10.16 -9.07
C LEU A 355 35.58 10.83 -8.14
N ARG A 356 35.60 12.15 -8.03
CA ARG A 356 34.58 12.83 -7.25
C ARG A 356 33.24 12.71 -7.98
N PRO A 357 32.12 12.61 -7.25
CA PRO A 357 30.82 12.54 -7.95
C PRO A 357 30.53 13.75 -8.81
N GLY A 358 30.98 14.94 -8.38
CA GLY A 358 30.70 16.16 -9.12
C GLY A 358 31.43 16.25 -10.44
N VAL A 359 32.52 15.50 -10.62
CA VAL A 359 33.26 15.48 -11.87
C VAL A 359 32.87 14.24 -12.66
N ILE A 360 32.50 13.17 -11.94
CA ILE A 360 31.98 12.00 -12.61
C ILE A 360 30.71 12.34 -13.38
N VAL A 361 29.85 13.18 -12.80
CA VAL A 361 28.61 13.54 -13.49
C VAL A 361 28.92 14.23 -14.80
N ARG A 362 29.96 15.07 -14.83
CA ARG A 362 30.32 15.75 -16.08
C ARG A 362 30.95 14.79 -17.06
N ASP A 363 31.81 13.89 -16.57
CA ASP A 363 32.58 13.03 -17.47
C ASP A 363 31.72 11.94 -18.09
N LEU A 364 30.75 11.43 -17.36
CA LEU A 364 29.91 10.34 -17.84
C LEU A 364 28.51 10.80 -18.24
N ASP A 365 28.23 12.10 -18.19
CA ASP A 365 26.92 12.64 -18.57
C ASP A 365 25.79 11.90 -17.87
N LEU A 366 25.95 11.75 -16.57
CA LEU A 366 25.00 10.99 -15.76
C LEU A 366 23.69 11.72 -15.54
N LYS A 367 23.48 12.87 -16.16
CA LYS A 367 22.23 13.62 -16.05
C LYS A 367 21.28 13.35 -17.21
N LYS A 368 21.64 12.46 -18.13
CA LYS A 368 20.76 12.18 -19.25
C LYS A 368 19.80 11.05 -18.91
N PRO A 369 18.58 11.07 -19.45
CA PRO A 369 17.64 9.97 -19.18
C PRO A 369 17.97 8.73 -20.01
N ILE A 370 19.10 8.11 -19.68
CA ILE A 370 19.58 6.93 -20.40
C ILE A 370 19.69 5.76 -19.43
N TYR A 371 18.83 5.73 -18.42
CA TYR A 371 18.98 4.79 -17.32
C TYR A 371 18.09 3.57 -17.41
N GLN A 372 16.92 3.67 -18.05
CA GLN A 372 16.08 2.49 -18.18
C GLN A 372 16.72 1.46 -19.10
N ARG A 373 17.48 1.91 -20.10
CA ARG A 373 18.17 0.97 -20.98
C ARG A 373 19.11 0.07 -20.19
N THR A 374 19.61 0.55 -19.06
CA THR A 374 20.51 -0.23 -18.24
C THR A 374 19.78 -1.19 -17.30
N ALA A 375 18.46 -1.04 -17.14
CA ALA A 375 17.76 -1.82 -16.12
C ALA A 375 17.72 -3.30 -16.44
N ALA A 376 17.75 -3.69 -17.71
CA ALA A 376 17.60 -5.07 -18.11
C ALA A 376 18.80 -5.52 -18.93
N TYR A 377 19.25 -6.74 -18.67
CA TYR A 377 20.37 -7.36 -19.40
C TYR A 377 21.71 -6.72 -19.02
N GLY A 378 21.86 -6.33 -17.76
CA GLY A 378 23.15 -5.88 -17.26
C GLY A 378 23.44 -4.43 -17.51
N HIS A 379 24.09 -3.77 -16.56
CA HIS A 379 24.49 -2.38 -16.72
C HIS A 379 25.75 -2.20 -17.54
N PHE A 380 26.49 -3.27 -17.78
CA PHE A 380 27.81 -3.19 -18.41
C PHE A 380 27.84 -4.08 -19.64
N GLY A 381 28.91 -3.96 -20.41
CA GLY A 381 29.09 -4.77 -21.59
C GLY A 381 28.32 -4.33 -22.81
N ARG A 382 27.64 -3.19 -22.75
CA ARG A 382 26.87 -2.67 -23.87
C ARG A 382 27.45 -1.33 -24.27
N ASP A 383 27.63 -1.13 -25.58
CA ASP A 383 28.51 -0.07 -26.06
C ASP A 383 27.90 1.33 -25.91
N SER A 384 26.58 1.44 -25.82
CA SER A 384 25.93 2.74 -25.95
C SER A 384 26.05 3.61 -24.69
N PHE A 385 26.90 3.24 -23.72
CA PHE A 385 26.90 3.96 -22.45
C PHE A 385 28.21 4.70 -22.25
N PRO A 386 28.17 5.92 -21.68
CA PRO A 386 29.41 6.70 -21.56
C PRO A 386 30.49 6.02 -20.74
N TRP A 387 30.14 5.13 -19.84
CA TRP A 387 31.15 4.44 -19.04
C TRP A 387 31.73 3.23 -19.73
N GLU A 388 31.25 2.90 -20.93
CA GLU A 388 31.75 1.77 -21.70
C GLU A 388 32.66 2.20 -22.84
N VAL A 389 33.03 3.48 -22.90
CA VAL A 389 34.00 3.98 -23.87
C VAL A 389 35.30 4.24 -23.12
N PRO A 390 36.37 3.50 -23.38
CA PRO A 390 37.59 3.66 -22.60
C PRO A 390 38.18 5.05 -22.75
N LYS A 391 38.87 5.49 -21.70
CA LYS A 391 39.56 6.78 -21.69
C LYS A 391 40.98 6.60 -22.20
N LYS A 392 41.47 7.60 -22.91
CA LYS A 392 42.85 7.59 -23.38
C LYS A 392 43.78 7.83 -22.20
N LEU A 393 44.42 6.76 -21.72
CA LEU A 393 45.29 6.85 -20.57
C LEU A 393 46.61 7.53 -20.93
N LYS A 394 47.02 8.49 -20.10
CA LYS A 394 48.28 9.20 -20.27
C LYS A 394 49.15 8.94 -19.05
N TYR A 395 50.10 8.02 -19.19
CA TYR A 395 51.06 7.74 -18.12
C TYR A 395 52.47 7.87 -18.66
N ALA B 11 59.82 2.59 -1.79
CA ALA B 11 58.39 2.37 -1.62
C ALA B 11 58.11 0.96 -1.10
N PHE B 12 58.97 0.51 -0.18
CA PHE B 12 58.78 -0.82 0.40
C PHE B 12 57.45 -0.91 1.14
N ILE B 13 57.00 0.21 1.71
CA ILE B 13 55.74 0.20 2.47
C ILE B 13 54.58 -0.13 1.54
N GLU B 14 54.49 0.57 0.41
CA GLU B 14 53.29 0.51 -0.42
C GLU B 14 53.37 -0.56 -1.51
N GLU B 15 54.48 -1.28 -1.63
CA GLU B 15 54.59 -2.30 -2.66
C GLU B 15 54.00 -3.64 -2.21
N GLY B 16 53.71 -3.80 -0.92
CA GLY B 16 53.05 -4.99 -0.44
C GLY B 16 51.95 -4.65 0.53
N THR B 17 51.36 -3.47 0.36
CA THR B 17 50.35 -2.95 1.25
C THR B 17 49.17 -2.46 0.43
N PHE B 18 47.97 -2.57 0.98
CA PHE B 18 46.78 -2.06 0.31
C PHE B 18 45.77 -1.61 1.36
N LEU B 19 44.71 -0.97 0.89
CA LEU B 19 43.61 -0.56 1.73
C LEU B 19 42.36 -1.31 1.31
N PHE B 20 41.55 -1.75 2.27
CA PHE B 20 40.27 -2.33 1.97
C PHE B 20 39.22 -1.79 2.92
N THR B 21 38.08 -1.38 2.37
CA THR B 21 36.98 -0.81 3.12
C THR B 21 35.91 -1.86 3.33
N SER B 22 35.17 -1.72 4.43
CA SER B 22 33.97 -2.51 4.64
C SER B 22 33.04 -1.75 5.56
N GLU B 23 31.74 -1.89 5.32
CA GLU B 23 30.75 -1.15 6.07
C GLU B 23 29.78 -2.10 6.75
N SER B 24 29.04 -1.53 7.71
CA SER B 24 27.99 -2.25 8.40
C SER B 24 26.95 -1.23 8.84
N VAL B 25 25.79 -1.73 9.23
CA VAL B 25 24.66 -0.88 9.58
C VAL B 25 23.97 -1.45 10.82
N GLY B 26 23.54 -0.55 11.70
CA GLY B 26 22.98 -0.97 12.97
C GLY B 26 21.55 -1.47 12.84
N GLU B 27 21.04 -1.97 13.97
CA GLU B 27 19.71 -2.56 13.98
C GLU B 27 18.64 -1.56 13.54
N GLY B 28 18.89 -0.27 13.65
CA GLY B 28 17.91 0.72 13.25
C GLY B 28 17.89 1.04 11.78
N HIS B 29 18.91 0.64 11.04
CA HIS B 29 18.96 0.93 9.62
C HIS B 29 17.73 0.33 8.95
N PRO B 30 16.98 1.09 8.15
CA PRO B 30 15.71 0.57 7.62
C PRO B 30 15.85 -0.76 6.89
N ASP B 31 16.94 -0.94 6.14
CA ASP B 31 17.17 -2.23 5.52
C ASP B 31 17.29 -3.33 6.56
N LYS B 32 17.97 -3.04 7.67
CA LYS B 32 18.08 -4.04 8.73
C LYS B 32 16.78 -4.19 9.50
N ILE B 33 15.98 -3.13 9.60
CA ILE B 33 14.64 -3.30 10.16
C ILE B 33 13.88 -4.32 9.34
N CYS B 34 13.91 -4.19 8.01
CA CYS B 34 13.20 -5.12 7.14
C CYS B 34 13.75 -6.53 7.27
N ASP B 35 15.08 -6.67 7.26
CA ASP B 35 15.67 -8.00 7.39
C ASP B 35 15.27 -8.66 8.71
N GLN B 36 15.34 -7.90 9.80
CA GLN B 36 15.02 -8.44 11.11
C GLN B 36 13.54 -8.80 11.22
N ILE B 37 12.66 -8.01 10.61
CA ILE B 37 11.23 -8.34 10.66
C ILE B 37 10.95 -9.58 9.82
N SER B 38 11.62 -9.72 8.67
CA SER B 38 11.43 -10.92 7.87
C SER B 38 11.87 -12.15 8.64
N ASP B 39 13.03 -12.08 9.31
CA ASP B 39 13.49 -13.21 10.10
C ASP B 39 12.58 -13.45 11.30
N ALA B 40 11.98 -12.40 11.86
CA ALA B 40 11.03 -12.58 12.95
C ALA B 40 9.82 -13.36 12.48
N VAL B 41 9.30 -13.04 11.30
CA VAL B 41 8.17 -13.78 10.76
C VAL B 41 8.57 -15.24 10.50
N LEU B 42 9.76 -15.44 9.94
CA LEU B 42 10.22 -16.80 9.69
C LEU B 42 10.31 -17.60 10.99
N ASP B 43 10.85 -16.98 12.05
CA ASP B 43 10.93 -17.65 13.34
C ASP B 43 9.54 -17.95 13.90
N ALA B 44 8.62 -16.99 13.79
CA ALA B 44 7.28 -17.20 14.31
C ALA B 44 6.62 -18.39 13.63
N HIS B 45 6.88 -18.56 12.33
CA HIS B 45 6.31 -19.71 11.63
C HIS B 45 7.04 -21.00 12.00
N LEU B 46 8.37 -20.97 12.06
CA LEU B 46 9.13 -22.17 12.36
C LEU B 46 8.88 -22.69 13.76
N GLN B 47 8.47 -21.83 14.69
CA GLN B 47 8.21 -22.29 16.04
C GLN B 47 7.08 -23.29 16.08
N GLN B 48 6.04 -23.07 15.28
CA GLN B 48 4.86 -23.93 15.25
C GLN B 48 4.92 -25.01 14.18
N ASP B 49 5.47 -24.70 13.01
CA ASP B 49 5.51 -25.62 11.88
C ASP B 49 6.94 -25.68 11.36
N PRO B 50 7.76 -26.58 11.89
CA PRO B 50 9.16 -26.66 11.42
C PRO B 50 9.31 -26.93 9.94
N ASP B 51 8.24 -27.35 9.26
CA ASP B 51 8.28 -27.59 7.81
C ASP B 51 7.75 -26.41 7.02
N ALA B 52 7.51 -25.27 7.67
CA ALA B 52 6.95 -24.13 6.97
C ALA B 52 7.83 -23.71 5.80
N LYS B 53 7.20 -23.40 4.67
CA LYS B 53 7.90 -22.89 3.50
C LYS B 53 7.64 -21.39 3.42
N VAL B 54 8.65 -20.60 3.76
CA VAL B 54 8.51 -19.16 3.95
C VAL B 54 9.45 -18.43 3.01
N ALA B 55 8.91 -17.46 2.27
CA ALA B 55 9.68 -16.50 1.49
C ALA B 55 8.99 -15.16 1.71
N CYS B 56 9.53 -14.37 2.64
CA CYS B 56 8.93 -13.12 3.07
C CYS B 56 9.83 -11.96 2.68
N GLU B 57 9.22 -10.84 2.30
CA GLU B 57 9.92 -9.64 1.90
C GLU B 57 9.29 -8.48 2.65
N THR B 58 10.11 -7.65 3.28
CA THR B 58 9.62 -6.56 4.10
C THR B 58 10.06 -5.24 3.50
N VAL B 59 9.15 -4.27 3.52
CA VAL B 59 9.41 -2.92 3.03
C VAL B 59 9.08 -1.95 4.16
N ALA B 60 10.04 -1.12 4.54
CA ALA B 60 9.86 -0.17 5.63
C ALA B 60 9.95 1.24 5.05
N LYS B 61 8.89 2.02 5.26
CA LYS B 61 8.83 3.40 4.83
C LYS B 61 8.27 4.22 5.99
N THR B 62 8.13 5.53 5.79
CA THR B 62 7.68 6.39 6.88
C THR B 62 6.40 5.84 7.48
N GLY B 63 6.48 5.35 8.70
CA GLY B 63 5.30 4.83 9.37
C GLY B 63 4.60 3.72 8.63
N MET B 64 5.36 2.83 7.99
CA MET B 64 4.76 1.72 7.25
C MET B 64 5.69 0.53 7.23
N ILE B 65 5.16 -0.63 7.57
CA ILE B 65 5.81 -1.92 7.37
C ILE B 65 4.91 -2.75 6.48
N LEU B 66 5.47 -3.26 5.38
CA LEU B 66 4.72 -4.04 4.41
C LEU B 66 5.37 -5.42 4.28
N LEU B 67 4.60 -6.46 4.54
CA LEU B 67 5.05 -7.84 4.39
C LEU B 67 4.43 -8.42 3.12
N ALA B 68 5.26 -9.03 2.27
CA ALA B 68 4.79 -9.55 1.00
C ALA B 68 5.61 -10.78 0.64
N GLY B 69 4.94 -11.84 0.25
CA GLY B 69 5.63 -13.05 -0.13
C GLY B 69 4.71 -14.24 -0.02
N GLU B 70 5.34 -15.42 -0.03
CA GLU B 70 4.60 -16.68 0.00
C GLU B 70 5.00 -17.48 1.23
N ILE B 71 4.03 -17.79 2.07
CA ILE B 71 4.26 -18.52 3.30
C ILE B 71 3.24 -19.64 3.37
N THR B 72 3.65 -20.84 2.98
CA THR B 72 2.80 -22.03 3.07
C THR B 72 3.20 -22.78 4.33
N SER B 73 2.32 -22.79 5.32
CA SER B 73 2.62 -23.45 6.58
C SER B 73 1.32 -23.74 7.31
N ARG B 74 1.39 -24.66 8.27
CA ARG B 74 0.25 -25.02 9.10
C ARG B 74 0.08 -24.07 10.27
N ALA B 75 1.00 -23.13 10.48
CA ALA B 75 1.00 -22.29 11.66
C ALA B 75 0.00 -21.16 11.52
N ALA B 76 -0.41 -20.62 12.66
CA ALA B 76 -1.24 -19.43 12.75
C ALA B 76 -0.42 -18.35 13.46
N VAL B 77 -0.06 -17.30 12.74
CA VAL B 77 0.88 -16.30 13.22
C VAL B 77 0.16 -14.96 13.27
N ASP B 78 0.45 -14.18 14.32
CA ASP B 78 -0.09 -12.83 14.47
C ASP B 78 0.95 -11.86 13.94
N TYR B 79 0.78 -11.45 12.69
CA TYR B 79 1.80 -10.64 12.04
C TYR B 79 1.93 -9.27 12.69
N GLN B 80 0.81 -8.68 13.11
CA GLN B 80 0.88 -7.39 13.80
C GLN B 80 1.77 -7.50 15.02
N LYS B 81 1.52 -8.50 15.86
CA LYS B 81 2.31 -8.65 17.08
C LYS B 81 3.77 -8.92 16.77
N VAL B 82 4.06 -9.79 15.81
CA VAL B 82 5.44 -10.13 15.50
C VAL B 82 6.19 -8.88 15.04
N VAL B 83 5.61 -8.15 14.08
CA VAL B 83 6.27 -6.98 13.54
C VAL B 83 6.49 -5.93 14.61
N ARG B 84 5.46 -5.67 15.42
CA ARG B 84 5.56 -4.61 16.42
C ARG B 84 6.55 -4.99 17.51
N GLU B 85 6.60 -6.26 17.91
CA GLU B 85 7.60 -6.67 18.90
C GLU B 85 9.01 -6.56 18.35
N ALA B 86 9.20 -6.93 17.08
CA ALA B 86 10.52 -6.77 16.48
C ALA B 86 10.94 -5.31 16.44
N VAL B 87 10.02 -4.43 16.04
CA VAL B 87 10.35 -3.00 15.98
C VAL B 87 10.63 -2.46 17.37
N LYS B 88 9.85 -2.88 18.36
CA LYS B 88 10.10 -2.44 19.73
C LYS B 88 11.47 -2.88 20.20
N HIS B 89 11.84 -4.13 19.93
CA HIS B 89 13.16 -4.59 20.32
C HIS B 89 14.26 -3.81 19.60
N ILE B 90 13.99 -3.37 18.37
CA ILE B 90 14.97 -2.54 17.67
C ILE B 90 15.21 -1.24 18.43
N GLY B 91 14.13 -0.59 18.89
CA GLY B 91 14.26 0.57 19.75
C GLY B 91 13.41 1.76 19.36
N TYR B 92 12.63 1.65 18.29
CA TYR B 92 11.79 2.75 17.82
C TYR B 92 10.47 2.72 18.58
N ASP B 93 10.31 3.65 19.53
CA ASP B 93 9.10 3.66 20.35
C ASP B 93 8.59 5.07 20.60
N ASP B 94 8.77 5.98 19.65
CA ASP B 94 8.27 7.35 19.83
C ASP B 94 8.36 8.08 18.51
N SER B 95 7.40 8.98 18.27
CA SER B 95 7.43 9.78 17.06
C SER B 95 8.65 10.69 17.01
N SER B 96 9.16 11.09 18.18
CA SER B 96 10.35 11.94 18.21
C SER B 96 11.55 11.26 17.57
N LYS B 97 11.56 9.93 17.52
CA LYS B 97 12.63 9.19 16.89
C LYS B 97 12.36 8.87 15.42
N GLY B 98 11.18 9.24 14.90
CA GLY B 98 10.85 8.99 13.52
C GLY B 98 10.11 7.70 13.26
N PHE B 99 9.71 6.98 14.30
CA PHE B 99 9.01 5.72 14.14
C PHE B 99 8.53 5.26 15.51
N ASP B 100 7.42 4.54 15.53
CA ASP B 100 6.80 4.09 16.77
C ASP B 100 6.08 2.78 16.53
N TYR B 101 6.52 1.72 17.20
CA TYR B 101 5.90 0.42 17.01
C TYR B 101 4.42 0.45 17.35
N LYS B 102 4.03 1.28 18.30
CA LYS B 102 2.62 1.32 18.71
C LYS B 102 1.72 1.77 17.57
N THR B 103 2.15 2.78 16.82
CA THR B 103 1.30 3.44 15.83
C THR B 103 1.80 3.27 14.41
N CYS B 104 2.81 2.44 14.18
CA CYS B 104 3.24 2.15 12.82
C CYS B 104 2.19 1.29 12.13
N ASN B 105 2.18 1.36 10.80
CA ASN B 105 1.20 0.65 9.99
C ASN B 105 1.83 -0.62 9.44
N VAL B 106 1.19 -1.76 9.70
CA VAL B 106 1.64 -3.05 9.20
C VAL B 106 0.62 -3.53 8.17
N LEU B 107 1.06 -3.68 6.93
CA LEU B 107 0.22 -4.15 5.84
C LEU B 107 0.70 -5.54 5.44
N VAL B 108 -0.20 -6.51 5.45
CA VAL B 108 0.15 -7.90 5.17
C VAL B 108 -0.39 -8.27 3.80
N ALA B 109 0.50 -8.64 2.89
CA ALA B 109 0.14 -9.08 1.55
C ALA B 109 0.60 -10.49 1.26
N LEU B 110 0.64 -11.34 2.29
CA LEU B 110 1.20 -12.68 2.13
C LEU B 110 0.19 -13.60 1.46
N GLU B 111 0.70 -14.46 0.58
CA GLU B 111 -0.13 -15.46 -0.09
C GLU B 111 0.00 -16.81 0.62
N GLN B 112 -0.49 -16.83 1.86
CA GLN B 112 -0.51 -18.06 2.63
C GLN B 112 -1.55 -19.01 2.06
N GLN B 113 -1.15 -20.26 1.85
CA GLN B 113 -2.00 -21.28 1.26
C GLN B 113 -1.74 -22.61 1.93
N SER B 114 -2.81 -23.34 2.22
CA SER B 114 -2.67 -24.63 2.87
C SER B 114 -1.83 -25.57 2.00
N PRO B 115 -0.82 -26.24 2.58
CA PRO B 115 0.06 -27.10 1.76
C PRO B 115 -0.68 -28.28 1.16
N GLU B 128 17.33 -37.15 2.51
CA GLU B 128 16.23 -36.66 1.69
C GLU B 128 16.76 -36.14 0.36
N ASP B 129 15.88 -36.07 -0.64
CA ASP B 129 16.24 -35.60 -1.96
C ASP B 129 15.35 -34.44 -2.42
N ILE B 130 14.97 -33.56 -1.51
CA ILE B 130 14.23 -32.36 -1.91
C ILE B 130 15.08 -31.56 -2.87
N GLY B 131 14.43 -30.90 -3.82
CA GLY B 131 15.12 -30.05 -4.77
C GLY B 131 15.40 -28.68 -4.19
N ALA B 132 16.09 -27.87 -4.98
CA ALA B 132 16.45 -26.51 -4.58
C ALA B 132 15.24 -25.59 -4.79
N GLY B 133 15.19 -24.52 -4.01
CA GLY B 133 14.13 -23.55 -4.18
C GLY B 133 14.18 -22.81 -5.50
N ASP B 134 15.37 -22.37 -5.91
CA ASP B 134 15.61 -21.76 -7.20
C ASP B 134 17.09 -21.95 -7.50
N GLN B 135 17.47 -21.79 -8.76
CA GLN B 135 18.88 -21.86 -9.08
C GLN B 135 19.59 -20.61 -8.58
N GLY B 136 20.82 -20.79 -8.15
CA GLY B 136 21.58 -19.71 -7.55
C GLY B 136 23.04 -20.05 -7.42
N LEU B 137 23.86 -19.02 -7.61
CA LEU B 137 25.23 -18.96 -7.14
C LEU B 137 25.21 -18.74 -5.64
N MET B 138 26.11 -19.40 -4.91
CA MET B 138 26.26 -19.20 -3.49
C MET B 138 27.72 -19.33 -3.14
N PHE B 139 28.28 -18.31 -2.49
CA PHE B 139 29.68 -18.27 -2.13
C PHE B 139 29.85 -18.39 -0.62
N GLY B 140 30.88 -19.12 -0.21
CA GLY B 140 31.34 -19.15 1.16
C GLY B 140 32.80 -18.73 1.17
N TYR B 141 33.25 -18.18 2.30
CA TYR B 141 34.59 -17.64 2.37
C TYR B 141 35.05 -17.65 3.81
N ALA B 142 36.34 -17.95 4.00
CA ALA B 142 36.91 -17.98 5.34
C ALA B 142 38.35 -17.50 5.27
N THR B 143 38.67 -16.49 6.07
CA THR B 143 40.02 -15.96 6.19
C THR B 143 40.41 -15.98 7.65
N ASP B 144 41.55 -16.59 7.96
CA ASP B 144 41.95 -16.80 9.34
C ASP B 144 42.64 -15.60 9.97
N GLU B 145 42.49 -14.41 9.38
CA GLU B 145 43.11 -13.23 9.96
C GLU B 145 42.47 -12.85 11.29
N THR B 146 41.33 -13.44 11.63
CA THR B 146 40.68 -13.23 12.92
C THR B 146 40.28 -14.58 13.50
N GLU B 147 40.15 -14.63 14.83
CA GLU B 147 39.79 -15.89 15.48
C GLU B 147 38.45 -16.41 14.98
N GLU B 148 37.58 -15.52 14.49
CA GLU B 148 36.29 -15.90 13.94
C GLU B 148 36.39 -16.33 12.48
N CYS B 149 37.60 -16.36 11.92
CA CYS B 149 37.81 -16.73 10.52
C CYS B 149 37.00 -15.82 9.61
N MET B 150 37.13 -14.52 9.81
CA MET B 150 36.43 -13.51 9.03
C MET B 150 37.36 -12.33 8.82
N PRO B 151 37.10 -11.51 7.79
CA PRO B 151 37.93 -10.33 7.57
C PRO B 151 37.83 -9.36 8.74
N LEU B 152 38.93 -8.63 8.98
CA LEU B 152 38.96 -7.71 10.10
C LEU B 152 38.07 -6.50 9.89
N THR B 153 37.92 -6.04 8.64
CA THR B 153 37.16 -4.82 8.39
C THR B 153 35.70 -4.99 8.77
N ILE B 154 35.06 -6.06 8.28
CA ILE B 154 33.66 -6.28 8.60
C ILE B 154 33.49 -6.58 10.08
N VAL B 155 34.46 -7.30 10.67
CA VAL B 155 34.38 -7.59 12.10
C VAL B 155 34.37 -6.30 12.91
N LEU B 156 35.27 -5.38 12.57
CA LEU B 156 35.32 -4.11 13.29
C LEU B 156 34.08 -3.29 13.06
N ALA B 157 33.57 -3.27 11.83
CA ALA B 157 32.35 -2.51 11.56
C ALA B 157 31.17 -3.04 12.37
N HIS B 158 31.01 -4.37 12.38
CA HIS B 158 29.94 -4.97 13.15
C HIS B 158 30.11 -4.71 14.64
N LYS B 159 31.35 -4.77 15.14
CA LYS B 159 31.58 -4.52 16.56
C LYS B 159 31.30 -3.07 16.91
N LEU B 160 31.61 -2.14 16.01
CA LEU B 160 31.31 -0.73 16.27
C LEU B 160 29.80 -0.51 16.34
N ASN B 161 29.05 -1.12 15.43
CA ASN B 161 27.60 -0.99 15.48
C ASN B 161 27.05 -1.62 16.76
N ALA B 162 27.59 -2.78 17.15
CA ALA B 162 27.13 -3.43 18.38
C ALA B 162 27.42 -2.57 19.59
N LYS B 163 28.60 -1.93 19.63
CA LYS B 163 28.94 -1.05 20.74
C LYS B 163 28.01 0.16 20.78
N LEU B 164 27.69 0.73 19.62
CA LEU B 164 26.75 1.84 19.60
C LEU B 164 25.39 1.41 20.15
N ALA B 165 24.91 0.24 19.74
CA ALA B 165 23.64 -0.25 20.25
C ALA B 165 23.69 -0.49 21.75
N GLU B 166 24.80 -1.07 22.23
CA GLU B 166 24.94 -1.34 23.65
C GLU B 166 24.95 -0.06 24.46
N LEU B 167 25.69 0.95 24.00
CA LEU B 167 25.72 2.22 24.71
C LEU B 167 24.37 2.90 24.69
N ARG B 168 23.65 2.82 23.57
CA ARG B 168 22.32 3.43 23.50
C ARG B 168 21.34 2.74 24.44
N ARG B 169 21.39 1.41 24.52
CA ARG B 169 20.38 0.65 25.23
C ARG B 169 20.56 0.68 26.75
N ASN B 170 21.79 0.82 27.25
CA ASN B 170 22.03 0.85 28.68
C ASN B 170 22.02 2.25 29.25
N GLY B 171 21.74 3.26 28.42
CA GLY B 171 21.60 4.62 28.92
C GLY B 171 22.90 5.37 29.10
N THR B 172 24.03 4.83 28.66
CA THR B 172 25.30 5.54 28.81
C THR B 172 25.31 6.83 28.00
N LEU B 173 24.81 6.78 26.78
CA LEU B 173 24.72 7.94 25.89
C LEU B 173 23.28 8.09 25.46
N PRO B 174 22.45 8.79 26.24
CA PRO B 174 21.02 8.85 25.93
C PRO B 174 20.68 9.54 24.63
N TRP B 175 21.61 10.28 24.02
CA TRP B 175 21.31 11.00 22.79
C TRP B 175 21.44 10.12 21.56
N LEU B 176 21.82 8.86 21.71
CA LEU B 176 21.89 7.95 20.58
C LEU B 176 20.50 7.55 20.14
N ARG B 177 20.38 7.17 18.87
CA ARG B 177 19.15 6.71 18.26
C ARG B 177 19.43 5.43 17.49
N PRO B 178 18.39 4.64 17.19
CA PRO B 178 18.64 3.28 16.69
C PRO B 178 19.43 3.22 15.40
N ASP B 179 19.24 4.16 14.48
CA ASP B 179 19.89 4.08 13.17
C ASP B 179 21.36 4.43 13.28
N SER B 180 22.19 3.76 12.48
CA SER B 180 23.62 4.04 12.47
C SER B 180 24.25 3.30 11.31
N LYS B 181 25.30 3.90 10.74
CA LYS B 181 26.08 3.29 9.69
C LYS B 181 27.56 3.49 9.99
N THR B 182 28.34 2.44 9.85
CA THR B 182 29.76 2.48 10.16
C THR B 182 30.55 1.95 8.98
N GLN B 183 31.76 2.47 8.80
CA GLN B 183 32.62 2.07 7.69
C GLN B 183 34.06 2.12 8.16
N VAL B 184 34.78 1.02 8.02
CA VAL B 184 36.16 0.90 8.46
C VAL B 184 37.02 0.60 7.24
N THR B 185 38.05 1.42 7.03
CA THR B 185 39.07 1.17 6.03
C THR B 185 40.31 0.67 6.73
N VAL B 186 40.80 -0.50 6.34
CA VAL B 186 41.90 -1.15 7.03
C VAL B 186 43.07 -1.27 6.07
N GLN B 187 44.27 -0.96 6.58
CA GLN B 187 45.51 -1.11 5.85
C GLN B 187 46.08 -2.49 6.11
N TYR B 188 46.23 -3.26 5.04
CA TYR B 188 46.60 -4.66 5.03
C TYR B 188 47.95 -4.84 4.35
N MET B 189 48.61 -5.96 4.66
CA MET B 189 49.81 -6.38 3.95
C MET B 189 49.68 -7.83 3.53
N GLN B 190 50.16 -8.14 2.34
CA GLN B 190 50.09 -9.49 1.82
C GLN B 190 51.14 -10.37 2.48
N ASP B 191 50.82 -11.66 2.61
CA ASP B 191 51.71 -12.63 3.23
C ASP B 191 51.49 -13.97 2.54
N ARG B 192 52.26 -14.22 1.50
CA ARG B 192 52.22 -15.48 0.76
C ARG B 192 50.78 -15.98 0.60
N GLY B 193 49.95 -15.16 -0.02
CA GLY B 193 48.60 -15.54 -0.35
C GLY B 193 47.55 -15.16 0.67
N ALA B 194 47.94 -14.87 1.91
CA ALA B 194 47.03 -14.43 2.94
C ALA B 194 47.17 -12.93 3.14
N VAL B 195 46.34 -12.37 4.03
CA VAL B 195 46.38 -10.95 4.34
C VAL B 195 46.51 -10.77 5.85
N LEU B 196 47.37 -9.84 6.26
CA LEU B 196 47.55 -9.48 7.64
C LEU B 196 47.19 -8.02 7.84
N PRO B 197 46.28 -7.68 8.76
CA PRO B 197 45.89 -6.27 8.92
C PRO B 197 46.98 -5.50 9.65
N ILE B 198 47.51 -4.46 9.00
CA ILE B 198 48.50 -3.62 9.65
C ILE B 198 47.84 -2.65 10.61
N ARG B 199 46.88 -1.86 10.12
CA ARG B 199 46.28 -0.83 10.96
C ARG B 199 44.92 -0.44 10.41
N VAL B 200 44.32 0.57 11.03
CA VAL B 200 43.03 1.10 10.61
C VAL B 200 43.30 2.48 10.02
N HIS B 201 43.21 2.58 8.69
CA HIS B 201 43.52 3.84 8.02
C HIS B 201 42.42 4.88 8.25
N THR B 202 41.15 4.48 8.12
CA THR B 202 40.03 5.39 8.27
C THR B 202 38.92 4.70 9.05
N ILE B 203 38.09 5.51 9.69
CA ILE B 203 36.87 5.02 10.34
C ILE B 203 35.79 6.09 10.18
N VAL B 204 34.63 5.68 9.70
CA VAL B 204 33.49 6.57 9.51
C VAL B 204 32.35 6.08 10.38
N ILE B 205 31.74 6.99 11.14
CA ILE B 205 30.59 6.69 11.97
C ILE B 205 29.52 7.74 11.71
N SER B 206 28.29 7.30 11.49
CA SER B 206 27.15 8.19 11.28
C SER B 206 25.97 7.60 12.01
N VAL B 207 25.68 8.09 13.20
CA VAL B 207 24.65 7.55 14.05
C VAL B 207 23.59 8.60 14.29
N GLN B 208 22.32 8.23 14.15
CA GLN B 208 21.24 9.15 14.40
C GLN B 208 21.26 9.59 15.86
N HIS B 209 20.92 10.85 16.10
CA HIS B 209 20.95 11.42 17.44
C HIS B 209 19.72 12.30 17.62
N ASP B 210 19.69 13.06 18.72
CA ASP B 210 18.58 13.94 19.02
C ASP B 210 18.98 15.39 18.76
N GLU B 211 18.01 16.29 18.91
CA GLU B 211 18.19 17.69 18.56
C GLU B 211 18.94 18.47 19.64
N GLU B 212 19.21 17.87 20.79
CA GLU B 212 19.77 18.59 21.93
C GLU B 212 21.30 18.60 21.94
N VAL B 213 21.93 17.48 21.64
CA VAL B 213 23.38 17.36 21.77
C VAL B 213 24.06 18.09 20.61
N CYS B 214 25.22 18.67 20.90
CA CYS B 214 25.99 19.41 19.92
C CYS B 214 27.06 18.52 19.29
N LEU B 215 27.58 18.97 18.15
CA LEU B 215 28.51 18.15 17.38
C LEU B 215 29.75 17.79 18.17
N ASP B 216 30.31 18.76 18.92
CA ASP B 216 31.56 18.51 19.61
C ASP B 216 31.43 17.34 20.59
N GLU B 217 30.36 17.34 21.39
CA GLU B 217 30.15 16.26 22.35
C GLU B 217 29.98 14.93 21.64
N MET B 218 29.19 14.92 20.56
CA MET B 218 28.94 13.67 19.85
C MET B 218 30.23 13.09 19.30
N ARG B 219 31.04 13.93 18.66
CA ARG B 219 32.27 13.43 18.05
C ARG B 219 33.26 13.00 19.12
N ASP B 220 33.37 13.75 20.23
CA ASP B 220 34.26 13.33 21.30
C ASP B 220 33.83 12.00 21.88
N ALA B 221 32.54 11.82 22.14
CA ALA B 221 32.04 10.57 22.70
C ALA B 221 32.28 9.41 21.73
N LEU B 222 32.02 9.61 20.44
CA LEU B 222 32.24 8.54 19.48
C LEU B 222 33.72 8.18 19.39
N LYS B 223 34.59 9.18 19.39
CA LYS B 223 36.03 8.89 19.32
C LYS B 223 36.51 8.15 20.55
N GLU B 224 36.04 8.55 21.73
CA GLU B 224 36.59 8.02 22.98
C GLU B 224 35.80 6.83 23.49
N LYS B 225 34.50 6.99 23.67
CA LYS B 225 33.70 5.97 24.34
C LYS B 225 33.40 4.77 23.45
N VAL B 226 33.31 4.98 22.13
CA VAL B 226 32.92 3.92 21.21
C VAL B 226 34.13 3.34 20.51
N ILE B 227 34.83 4.17 19.73
CA ILE B 227 35.90 3.66 18.87
C ILE B 227 37.02 3.08 19.71
N LYS B 228 37.45 3.78 20.75
CA LYS B 228 38.59 3.31 21.53
C LYS B 228 38.24 2.14 22.43
N ALA B 229 36.96 1.83 22.60
CA ALA B 229 36.54 0.66 23.37
C ALA B 229 36.31 -0.57 22.51
N VAL B 230 36.52 -0.48 21.20
CA VAL B 230 36.24 -1.57 20.28
C VAL B 230 37.50 -1.96 19.54
N VAL B 231 38.14 -1.00 18.89
CA VAL B 231 39.33 -1.26 18.09
C VAL B 231 40.53 -1.37 19.03
N PRO B 232 41.28 -2.47 19.00
CA PRO B 232 42.48 -2.54 19.83
C PRO B 232 43.45 -1.41 19.51
N ALA B 233 44.10 -0.89 20.55
CA ALA B 233 44.98 0.26 20.36
C ALA B 233 46.14 -0.04 19.43
N LYS B 234 46.48 -1.31 19.21
CA LYS B 234 47.56 -1.64 18.29
C LYS B 234 47.19 -1.32 16.84
N TYR B 235 45.91 -1.11 16.57
CA TYR B 235 45.46 -0.73 15.23
C TYR B 235 45.28 0.76 15.05
N LEU B 236 44.96 1.50 16.11
CA LEU B 236 44.78 2.93 16.03
C LEU B 236 46.09 3.65 16.35
N ASP B 237 46.48 4.58 15.50
CA ASP B 237 47.62 5.44 15.77
C ASP B 237 47.25 6.89 15.47
N GLU B 238 48.20 7.80 15.61
CA GLU B 238 47.91 9.22 15.47
C GLU B 238 47.61 9.64 14.04
N ASP B 239 47.86 8.78 13.06
CA ASP B 239 47.56 9.09 11.66
C ASP B 239 46.18 8.63 11.23
N THR B 240 45.46 7.89 12.08
CA THR B 240 44.15 7.38 11.71
C THR B 240 43.22 8.53 11.37
N ILE B 241 42.41 8.35 10.34
CA ILE B 241 41.45 9.36 9.90
C ILE B 241 40.08 9.01 10.47
N TYR B 242 39.42 10.02 11.04
CA TYR B 242 38.15 9.84 11.72
C TYR B 242 37.12 10.74 11.06
N HIS B 243 36.10 10.14 10.44
CA HIS B 243 34.94 10.85 9.94
C HIS B 243 33.77 10.48 10.83
N LEU B 244 33.65 11.19 11.95
CA LEU B 244 32.59 10.93 12.92
C LEU B 244 31.47 11.92 12.67
N GLN B 245 30.31 11.42 12.27
CA GLN B 245 29.21 12.28 11.89
C GLN B 245 29.66 13.21 10.78
N PRO B 246 30.12 12.69 9.65
CA PRO B 246 30.65 13.56 8.59
C PRO B 246 29.63 14.53 8.04
N SER B 247 28.35 14.15 7.98
CA SER B 247 27.36 15.06 7.41
C SER B 247 27.16 16.29 8.28
N GLY B 248 27.16 16.12 9.60
CA GLY B 248 27.03 17.23 10.52
C GLY B 248 25.68 17.35 11.18
N ARG B 249 24.66 16.66 10.66
CA ARG B 249 23.35 16.64 11.30
C ARG B 249 22.62 15.40 10.80
N PHE B 250 22.40 14.44 11.70
CA PHE B 250 21.70 13.20 11.37
C PHE B 250 20.62 13.04 12.45
N VAL B 251 19.47 13.67 12.22
CA VAL B 251 18.35 13.62 13.16
C VAL B 251 17.15 12.90 12.54
N ILE B 252 16.83 13.21 11.28
CA ILE B 252 15.80 12.49 10.56
C ILE B 252 16.41 11.19 10.05
N GLY B 253 16.06 10.08 10.69
CA GLY B 253 16.63 8.79 10.33
C GLY B 253 15.63 7.68 10.50
N GLY B 254 16.09 6.44 10.40
CA GLY B 254 15.19 5.30 10.42
C GLY B 254 14.39 5.24 9.14
N PRO B 255 13.25 4.57 9.16
CA PRO B 255 12.43 4.50 7.95
C PRO B 255 12.01 5.86 7.45
N GLN B 256 11.90 6.86 8.32
CA GLN B 256 11.50 8.19 7.86
C GLN B 256 12.53 8.78 6.92
N GLY B 257 13.81 8.61 7.22
CA GLY B 257 14.87 9.20 6.42
C GLY B 257 15.28 8.40 5.21
N ASP B 258 14.77 7.19 5.05
CA ASP B 258 15.11 6.35 3.91
C ASP B 258 14.21 5.13 3.91
N ALA B 259 13.82 4.68 2.71
CA ALA B 259 13.07 3.45 2.59
C ALA B 259 14.00 2.26 2.76
N GLY B 260 13.42 1.13 3.14
CA GLY B 260 14.19 -0.09 3.34
C GLY B 260 13.47 -1.28 2.75
N LEU B 261 14.26 -2.29 2.36
CA LEU B 261 13.73 -3.51 1.79
C LEU B 261 14.54 -4.70 2.30
N THR B 262 13.92 -5.87 2.28
CA THR B 262 14.62 -7.08 2.68
C THR B 262 15.71 -7.41 1.67
N GLY B 263 16.88 -7.81 2.19
CA GLY B 263 17.94 -8.27 1.32
C GLY B 263 18.62 -7.20 0.51
N ARG B 264 18.57 -5.95 0.95
CA ARG B 264 19.28 -4.87 0.28
C ARG B 264 20.64 -4.60 0.88
N LYS B 265 21.04 -5.35 1.91
CA LYS B 265 22.33 -5.23 2.57
C LYS B 265 23.03 -6.58 2.60
N ILE B 266 23.08 -7.25 1.45
CA ILE B 266 23.58 -8.61 1.41
C ILE B 266 25.08 -8.66 1.68
N ILE B 267 25.83 -7.68 1.18
CA ILE B 267 27.27 -7.68 1.40
C ILE B 267 27.59 -7.39 2.85
N VAL B 268 26.83 -6.49 3.49
CA VAL B 268 27.01 -6.25 4.91
C VAL B 268 26.80 -7.53 5.70
N ASP B 269 25.97 -8.44 5.19
CA ASP B 269 25.61 -9.63 5.93
C ASP B 269 26.73 -10.66 5.95
N THR B 270 27.55 -10.76 4.91
CA THR B 270 28.42 -11.91 4.73
C THR B 270 29.89 -11.59 4.97
N TYR B 271 30.50 -10.73 4.15
CA TYR B 271 31.93 -10.49 4.27
C TYR B 271 32.33 -9.04 4.00
N GLY B 272 31.39 -8.14 3.75
CA GLY B 272 31.72 -6.76 3.53
C GLY B 272 32.69 -6.57 2.39
N GLY B 273 32.44 -7.23 1.26
CA GLY B 273 33.24 -7.08 0.06
C GLY B 273 34.16 -8.24 -0.22
N TRP B 274 34.72 -8.85 0.83
CA TRP B 274 35.67 -9.94 0.66
C TRP B 274 34.97 -11.16 0.06
N GLY B 275 35.76 -11.99 -0.62
CA GLY B 275 35.21 -13.18 -1.22
C GLY B 275 34.36 -12.82 -2.42
N ALA B 276 33.08 -13.18 -2.35
CA ALA B 276 32.13 -12.82 -3.39
C ALA B 276 30.73 -13.15 -2.90
N HIS B 277 29.74 -12.75 -3.68
CA HIS B 277 28.35 -12.97 -3.34
C HIS B 277 27.61 -13.50 -4.55
N GLY B 278 26.81 -14.55 -4.35
CA GLY B 278 25.98 -15.05 -5.43
C GLY B 278 24.91 -14.07 -5.84
N GLY B 279 24.39 -13.31 -4.88
CA GLY B 279 23.43 -12.26 -5.17
C GLY B 279 22.12 -12.46 -4.44
N GLY B 280 21.94 -13.65 -3.86
CA GLY B 280 20.68 -13.96 -3.21
C GLY B 280 20.60 -13.39 -1.80
N ALA B 281 19.44 -12.83 -1.47
CA ALA B 281 19.21 -12.35 -0.12
C ALA B 281 19.06 -13.52 0.84
N PHE B 282 19.32 -13.25 2.12
CA PHE B 282 19.22 -14.27 3.16
C PHE B 282 17.88 -14.18 3.90
N SER B 283 17.58 -13.02 4.48
CA SER B 283 16.51 -12.94 5.45
C SER B 283 15.16 -13.29 4.82
N GLY B 284 14.32 -13.95 5.60
CA GLY B 284 12.97 -14.28 5.19
C GLY B 284 12.82 -15.62 4.52
N LYS B 285 13.90 -16.37 4.34
CA LYS B 285 13.88 -17.62 3.59
C LYS B 285 14.17 -18.79 4.51
N ASP B 286 13.48 -19.90 4.27
CA ASP B 286 13.66 -21.11 5.06
C ASP B 286 14.68 -22.03 4.39
N TYR B 287 14.82 -23.25 4.89
CA TYR B 287 15.93 -24.11 4.46
C TYR B 287 15.83 -24.43 2.98
N THR B 288 14.63 -24.67 2.46
CA THR B 288 14.48 -25.11 1.09
C THR B 288 14.90 -24.05 0.08
N LYS B 289 14.88 -22.78 0.46
CA LYS B 289 15.35 -21.70 -0.40
C LYS B 289 16.87 -21.76 -0.40
N VAL B 290 17.43 -22.32 -1.46
CA VAL B 290 18.81 -22.78 -1.42
C VAL B 290 19.79 -21.63 -1.26
N ASP B 291 19.39 -20.40 -1.61
CA ASP B 291 20.33 -19.28 -1.52
C ASP B 291 20.67 -18.90 -0.10
N ARG B 292 19.98 -19.44 0.90
CA ARG B 292 20.32 -19.27 2.32
C ARG B 292 21.00 -20.50 2.89
N SER B 293 20.36 -21.66 2.77
CA SER B 293 20.93 -22.88 3.32
C SER B 293 22.25 -23.24 2.65
N ALA B 294 22.35 -23.05 1.33
CA ALA B 294 23.59 -23.37 0.63
C ALA B 294 24.67 -22.33 0.91
N ALA B 295 24.29 -21.08 1.12
CA ALA B 295 25.28 -20.09 1.56
C ALA B 295 25.85 -20.48 2.91
N TYR B 296 24.98 -20.91 3.83
CA TYR B 296 25.45 -21.40 5.12
C TYR B 296 26.35 -22.63 4.95
N ALA B 297 25.98 -23.54 4.06
CA ALA B 297 26.78 -24.73 3.84
C ALA B 297 28.15 -24.38 3.25
N ALA B 298 28.20 -23.42 2.33
CA ALA B 298 29.48 -23.02 1.76
C ALA B 298 30.35 -22.32 2.79
N ARG B 299 29.74 -21.51 3.65
CA ARG B 299 30.50 -20.94 4.76
C ARG B 299 31.03 -22.04 5.67
N TRP B 300 30.22 -23.06 5.93
CA TRP B 300 30.66 -24.19 6.74
C TRP B 300 31.85 -24.89 6.09
N VAL B 301 31.78 -25.11 4.78
CA VAL B 301 32.88 -25.79 4.09
C VAL B 301 34.15 -24.95 4.17
N ALA B 302 34.03 -23.64 3.94
CA ALA B 302 35.21 -22.77 3.95
C ALA B 302 35.82 -22.71 5.34
N LYS B 303 34.98 -22.56 6.37
CA LYS B 303 35.48 -22.53 7.73
C LYS B 303 36.09 -23.86 8.14
N SER B 304 35.56 -24.97 7.64
CA SER B 304 36.15 -26.27 7.94
C SER B 304 37.52 -26.40 7.30
N LEU B 305 37.65 -25.95 6.05
CA LEU B 305 38.94 -26.04 5.39
C LEU B 305 39.97 -25.14 6.07
N VAL B 306 39.58 -23.93 6.46
CA VAL B 306 40.51 -23.01 7.10
C VAL B 306 40.89 -23.52 8.48
N LYS B 307 39.91 -23.91 9.28
CA LYS B 307 40.17 -24.39 10.63
C LYS B 307 40.73 -25.81 10.65
N GLY B 308 40.54 -26.56 9.57
CA GLY B 308 41.14 -27.88 9.46
C GLY B 308 42.61 -27.86 9.13
N GLY B 309 43.17 -26.67 8.92
CA GLY B 309 44.58 -26.52 8.60
C GLY B 309 44.90 -26.58 7.12
N LEU B 310 43.94 -26.98 6.28
CA LEU B 310 44.24 -27.15 4.87
C LEU B 310 44.63 -25.83 4.21
N CYS B 311 43.93 -24.75 4.55
CA CYS B 311 44.14 -23.45 3.92
C CYS B 311 44.36 -22.39 4.98
N ARG B 312 44.63 -21.17 4.52
CA ARG B 312 44.58 -19.99 5.37
C ARG B 312 43.54 -18.98 4.89
N ARG B 313 43.06 -19.11 3.66
CA ARG B 313 42.04 -18.24 3.11
C ARG B 313 41.41 -18.97 1.94
N VAL B 314 40.12 -19.29 2.05
CA VAL B 314 39.46 -20.16 1.08
C VAL B 314 38.13 -19.56 0.66
N LEU B 315 37.77 -19.80 -0.61
CA LEU B 315 36.50 -19.40 -1.19
C LEU B 315 35.90 -20.60 -1.89
N VAL B 316 34.61 -20.82 -1.67
CA VAL B 316 33.89 -21.97 -2.23
C VAL B 316 32.66 -21.44 -2.96
N GLN B 317 32.54 -21.79 -4.23
CA GLN B 317 31.40 -21.41 -5.04
C GLN B 317 30.56 -22.66 -5.33
N VAL B 318 29.26 -22.57 -5.04
CA VAL B 318 28.34 -23.69 -5.21
C VAL B 318 27.13 -23.16 -5.96
N SER B 319 26.78 -23.81 -7.07
CA SER B 319 25.63 -23.43 -7.87
C SER B 319 24.63 -24.55 -7.87
N TYR B 320 23.39 -24.24 -7.45
CA TYR B 320 22.30 -25.21 -7.40
C TYR B 320 21.27 -24.82 -8.43
N ALA B 321 20.57 -25.81 -8.98
CA ALA B 321 19.49 -25.57 -9.93
C ALA B 321 18.16 -25.96 -9.33
N ILE B 322 17.08 -25.33 -9.81
CA ILE B 322 15.76 -25.60 -9.26
C ILE B 322 15.33 -27.01 -9.61
N GLY B 323 14.73 -27.70 -8.64
CA GLY B 323 14.30 -29.06 -8.85
C GLY B 323 15.43 -30.05 -8.65
N VAL B 324 16.54 -29.84 -9.34
CA VAL B 324 17.69 -30.72 -9.23
C VAL B 324 18.26 -30.62 -7.82
N SER B 325 18.43 -31.76 -7.16
CA SER B 325 18.84 -31.77 -5.77
C SER B 325 20.34 -31.55 -5.62
N HIS B 326 21.15 -32.36 -6.29
CA HIS B 326 22.59 -32.29 -6.10
C HIS B 326 23.13 -30.94 -6.57
N PRO B 327 24.23 -30.46 -5.99
CA PRO B 327 24.83 -29.23 -6.49
C PRO B 327 25.10 -29.32 -7.98
N LEU B 328 24.79 -28.24 -8.69
CA LEU B 328 24.99 -28.22 -10.13
C LEU B 328 26.42 -27.87 -10.49
N SER B 329 27.14 -27.19 -9.59
CA SER B 329 28.54 -26.88 -9.81
C SER B 329 29.21 -26.59 -8.47
N ILE B 330 30.49 -26.94 -8.35
CA ILE B 330 31.28 -26.63 -7.17
C ILE B 330 32.67 -26.21 -7.63
N SER B 331 33.22 -25.18 -6.98
CA SER B 331 34.56 -24.71 -7.26
C SER B 331 35.19 -24.19 -5.98
N ILE B 332 36.52 -24.22 -5.92
CA ILE B 332 37.28 -23.77 -4.76
C ILE B 332 38.44 -22.92 -5.22
N PHE B 333 38.75 -21.88 -4.45
CA PHE B 333 39.91 -21.01 -4.69
C PHE B 333 40.54 -20.75 -3.33
N HIS B 334 41.73 -21.31 -3.10
CA HIS B 334 42.41 -21.14 -1.83
C HIS B 334 43.41 -19.98 -1.84
N TYR B 335 43.46 -19.19 -2.92
CA TYR B 335 44.34 -18.03 -3.00
C TYR B 335 45.79 -18.44 -2.86
N GLY B 336 46.12 -19.64 -3.30
CA GLY B 336 47.50 -20.11 -3.21
C GLY B 336 48.03 -20.19 -1.80
N THR B 337 47.17 -20.51 -0.83
CA THR B 337 47.57 -20.64 0.57
C THR B 337 47.53 -22.07 1.05
N SER B 338 47.60 -23.05 0.15
CA SER B 338 47.52 -24.45 0.53
C SER B 338 48.54 -25.27 -0.25
N GLN B 339 48.92 -26.40 0.31
CA GLN B 339 49.74 -27.38 -0.38
C GLN B 339 48.93 -28.24 -1.34
N LYS B 340 47.62 -28.11 -1.32
CA LYS B 340 46.74 -28.94 -2.13
C LYS B 340 46.10 -28.12 -3.24
N SER B 341 46.35 -28.51 -4.47
CA SER B 341 45.67 -27.88 -5.59
C SER B 341 44.17 -28.04 -5.43
N GLU B 342 43.44 -26.95 -5.72
CA GLU B 342 42.01 -26.93 -5.40
C GLU B 342 41.24 -28.09 -6.02
N ARG B 343 41.86 -28.87 -6.90
CA ARG B 343 41.29 -30.17 -7.26
C ARG B 343 41.24 -31.09 -6.06
N GLU B 344 42.36 -31.20 -5.33
CA GLU B 344 42.38 -32.05 -4.14
C GLU B 344 41.42 -31.51 -3.08
N LEU B 345 41.39 -30.19 -2.89
CA LEU B 345 40.46 -29.61 -1.92
C LEU B 345 39.02 -29.88 -2.33
N LEU B 346 38.73 -29.82 -3.63
CA LEU B 346 37.36 -30.09 -4.08
C LEU B 346 37.00 -31.56 -3.86
N GLU B 347 37.95 -32.47 -4.07
CA GLU B 347 37.71 -33.87 -3.75
C GLU B 347 37.44 -34.05 -2.26
N ILE B 348 38.19 -33.34 -1.41
CA ILE B 348 37.96 -33.42 0.03
C ILE B 348 36.55 -32.93 0.36
N VAL B 349 36.14 -31.83 -0.27
CA VAL B 349 34.80 -31.29 -0.01
C VAL B 349 33.74 -32.30 -0.41
N LYS B 350 33.93 -32.97 -1.54
CA LYS B 350 32.99 -34.01 -1.92
C LYS B 350 32.98 -35.17 -0.91
N LYS B 351 34.16 -35.59 -0.45
CA LYS B 351 34.21 -36.70 0.49
C LYS B 351 33.50 -36.37 1.80
N ASN B 352 33.73 -35.18 2.34
CA ASN B 352 33.25 -34.85 3.68
C ASN B 352 31.89 -34.19 3.71
N PHE B 353 31.52 -33.41 2.69
CA PHE B 353 30.34 -32.57 2.73
C PHE B 353 29.34 -33.05 1.70
N ASP B 354 28.13 -33.37 2.17
CA ASP B 354 26.99 -33.64 1.30
C ASP B 354 26.15 -32.38 1.29
N LEU B 355 26.08 -31.72 0.14
CA LEU B 355 25.56 -30.37 0.05
C LEU B 355 24.12 -30.31 -0.47
N ARG B 356 23.44 -31.43 -0.57
CA ARG B 356 22.03 -31.39 -0.95
C ARG B 356 21.23 -30.67 0.14
N PRO B 357 20.20 -29.90 -0.23
CA PRO B 357 19.43 -29.20 0.82
C PRO B 357 18.83 -30.14 1.84
N GLY B 358 18.36 -31.31 1.41
CA GLY B 358 17.72 -32.24 2.33
C GLY B 358 18.65 -32.69 3.43
N VAL B 359 19.94 -32.87 3.11
CA VAL B 359 20.91 -33.27 4.11
C VAL B 359 21.57 -32.07 4.80
N ILE B 360 21.61 -30.92 4.11
CA ILE B 360 22.06 -29.70 4.77
C ILE B 360 21.15 -29.38 5.95
N VAL B 361 19.85 -29.63 5.79
CA VAL B 361 18.92 -29.37 6.88
C VAL B 361 19.31 -30.17 8.12
N ARG B 362 19.54 -31.47 7.96
CA ARG B 362 19.89 -32.29 9.10
C ARG B 362 21.25 -31.92 9.66
N ASP B 363 22.20 -31.56 8.80
CA ASP B 363 23.55 -31.27 9.26
C ASP B 363 23.64 -29.94 10.00
N LEU B 364 22.82 -28.97 9.62
CA LEU B 364 22.88 -27.63 10.20
C LEU B 364 21.65 -27.27 11.01
N ASP B 365 20.70 -28.18 11.17
CA ASP B 365 19.50 -27.94 11.98
C ASP B 365 18.82 -26.64 11.56
N LEU B 366 18.63 -26.48 10.25
CA LEU B 366 18.08 -25.25 9.71
C LEU B 366 16.57 -25.12 9.93
N LYS B 367 15.95 -26.03 10.70
CA LYS B 367 14.54 -25.94 11.00
C LYS B 367 14.27 -25.30 12.36
N LYS B 368 15.30 -24.86 13.07
CA LYS B 368 15.11 -24.25 14.36
C LYS B 368 14.86 -22.75 14.22
N PRO B 369 14.05 -22.15 15.10
CA PRO B 369 13.82 -20.71 15.02
C PRO B 369 14.99 -19.91 15.60
N ILE B 370 16.12 -19.96 14.90
CA ILE B 370 17.35 -19.32 15.33
C ILE B 370 17.79 -18.31 14.28
N TYR B 371 16.85 -17.71 13.57
CA TYR B 371 17.18 -16.91 12.40
C TYR B 371 17.17 -15.42 12.64
N GLN B 372 16.38 -14.92 13.61
CA GLN B 372 16.42 -13.50 13.90
C GLN B 372 17.78 -13.09 14.48
N ARG B 373 18.40 -13.99 15.23
CA ARG B 373 19.73 -13.71 15.77
C ARG B 373 20.72 -13.39 14.67
N THR B 374 20.50 -13.93 13.46
CA THR B 374 21.38 -13.69 12.34
C THR B 374 21.06 -12.40 11.59
N ALA B 375 19.93 -11.75 11.88
CA ALA B 375 19.48 -10.64 11.06
C ALA B 375 20.30 -9.37 11.24
N ALA B 376 21.03 -9.24 12.34
CA ALA B 376 21.77 -8.02 12.63
C ALA B 376 23.18 -8.37 13.06
N TYR B 377 24.14 -7.57 12.57
CA TYR B 377 25.56 -7.75 12.90
C TYR B 377 26.15 -8.98 12.22
N GLY B 378 25.70 -9.27 11.00
CA GLY B 378 26.32 -10.30 10.19
C GLY B 378 25.81 -11.70 10.46
N HIS B 379 25.71 -12.51 9.41
CA HIS B 379 25.27 -13.89 9.56
C HIS B 379 26.39 -14.82 9.99
N PHE B 380 27.65 -14.38 9.88
CA PHE B 380 28.80 -15.22 10.12
C PHE B 380 29.68 -14.60 11.19
N GLY B 381 30.65 -15.38 11.66
CA GLY B 381 31.59 -14.91 12.65
C GLY B 381 31.09 -14.93 14.08
N ARG B 382 29.89 -15.43 14.33
CA ARG B 382 29.31 -15.50 15.66
C ARG B 382 29.17 -16.96 16.07
N ASP B 383 29.52 -17.26 17.32
CA ASP B 383 29.79 -18.64 17.72
C ASP B 383 28.56 -19.52 17.73
N SER B 384 27.40 -18.98 18.06
CA SER B 384 26.23 -19.79 18.43
C SER B 384 25.53 -20.43 17.25
N PHE B 385 26.13 -20.47 16.07
CA PHE B 385 25.42 -20.96 14.89
C PHE B 385 26.06 -22.25 14.38
N PRO B 386 25.26 -23.27 14.05
CA PRO B 386 25.84 -24.56 13.67
C PRO B 386 26.77 -24.50 12.47
N TRP B 387 26.54 -23.59 11.53
CA TRP B 387 27.45 -23.46 10.40
C TRP B 387 28.77 -22.79 10.79
N GLU B 388 28.87 -22.30 12.02
CA GLU B 388 30.10 -21.71 12.51
C GLU B 388 30.93 -22.69 13.33
N VAL B 389 30.56 -23.97 13.31
CA VAL B 389 31.31 -25.03 13.99
C VAL B 389 32.00 -25.89 12.94
N PRO B 390 33.31 -25.75 12.73
CA PRO B 390 33.96 -26.50 11.66
C PRO B 390 33.82 -28.01 11.86
N LYS B 391 33.65 -28.73 10.75
CA LYS B 391 33.55 -30.18 10.78
C LYS B 391 34.94 -30.79 10.78
N LYS B 392 35.05 -31.96 11.42
CA LYS B 392 36.29 -32.71 11.40
C LYS B 392 36.46 -33.38 10.04
N LEU B 393 37.44 -32.92 9.27
CA LEU B 393 37.67 -33.41 7.91
C LEU B 393 38.50 -34.68 7.95
N LYS B 394 38.08 -35.69 7.20
CA LYS B 394 38.85 -36.91 7.02
C LYS B 394 39.36 -36.94 5.58
N TYR B 395 40.67 -36.80 5.41
CA TYR B 395 41.27 -36.85 4.08
C TYR B 395 42.56 -37.66 4.12
N ILE C 13 -46.64 16.85 28.57
CA ILE C 13 -47.39 15.62 28.33
C ILE C 13 -46.58 14.65 27.50
N GLU C 14 -46.40 13.43 28.03
CA GLU C 14 -45.68 12.39 27.30
C GLU C 14 -46.48 11.87 26.11
N GLU C 15 -47.75 12.23 25.99
CA GLU C 15 -48.59 11.76 24.89
C GLU C 15 -48.55 12.67 23.67
N GLY C 16 -48.31 13.96 23.85
CA GLY C 16 -48.22 14.91 22.76
C GLY C 16 -46.81 15.34 22.41
N THR C 17 -45.80 14.78 23.05
CA THR C 17 -44.41 15.14 22.80
C THR C 17 -43.64 13.88 22.41
N PHE C 18 -42.45 14.09 21.83
CA PHE C 18 -41.61 12.98 21.42
C PHE C 18 -40.16 13.32 21.71
N LEU C 19 -39.30 12.32 21.58
CA LEU C 19 -37.85 12.49 21.69
C LEU C 19 -37.22 12.24 20.34
N PHE C 20 -36.22 13.05 20.01
CA PHE C 20 -35.42 12.80 18.82
C PHE C 20 -33.95 13.00 19.15
N THR C 21 -33.13 12.05 18.70
CA THR C 21 -31.71 12.06 18.96
C THR C 21 -30.94 12.43 17.70
N SER C 22 -29.78 13.05 17.88
CA SER C 22 -28.87 13.30 16.78
C SER C 22 -27.46 13.33 17.33
N GLU C 23 -26.52 12.81 16.56
CA GLU C 23 -25.13 12.74 16.97
C GLU C 23 -24.24 13.59 16.06
N SER C 24 -23.03 13.83 16.55
CA SER C 24 -22.01 14.52 15.78
C SER C 24 -20.65 14.07 16.28
N VAL C 25 -19.64 14.32 15.46
CA VAL C 25 -18.29 13.82 15.71
C VAL C 25 -17.29 14.94 15.46
N GLY C 26 -16.25 15.00 16.29
CA GLY C 26 -15.29 16.08 16.20
C GLY C 26 -14.28 15.87 15.10
N GLU C 27 -13.43 16.89 14.91
CA GLU C 27 -12.46 16.88 13.83
C GLU C 27 -11.50 15.69 13.94
N GLY C 28 -11.32 15.14 15.13
CA GLY C 28 -10.42 14.02 15.29
C GLY C 28 -10.99 12.67 14.94
N HIS C 29 -12.32 12.58 14.82
CA HIS C 29 -12.94 11.30 14.50
C HIS C 29 -12.39 10.80 13.17
N PRO C 30 -11.99 9.53 13.06
CA PRO C 30 -11.33 9.08 11.83
C PRO C 30 -12.13 9.34 10.57
N ASP C 31 -13.45 9.17 10.63
CA ASP C 31 -14.27 9.48 9.46
C ASP C 31 -14.16 10.95 9.10
N LYS C 32 -14.15 11.83 10.11
CA LYS C 32 -13.99 13.25 9.81
C LYS C 32 -12.57 13.57 9.38
N ILE C 33 -11.57 12.84 9.87
CA ILE C 33 -10.22 13.00 9.35
C ILE C 33 -10.22 12.74 7.85
N CYS C 34 -10.84 11.64 7.43
CA CYS C 34 -10.87 11.31 6.02
C CYS C 34 -11.65 12.34 5.21
N ASP C 35 -12.80 12.78 5.73
CA ASP C 35 -13.58 13.78 5.02
C ASP C 35 -12.80 15.08 4.85
N GLN C 36 -12.13 15.52 5.92
CA GLN C 36 -11.37 16.77 5.85
C GLN C 36 -10.19 16.64 4.91
N ILE C 37 -9.53 15.49 4.89
CA ILE C 37 -8.40 15.31 3.98
C ILE C 37 -8.88 15.28 2.53
N SER C 38 -10.02 14.64 2.27
CA SER C 38 -10.57 14.63 0.92
C SER C 38 -10.90 16.05 0.46
N ASP C 39 -11.53 16.83 1.33
CA ASP C 39 -11.85 18.21 0.97
C ASP C 39 -10.58 19.04 0.84
N ALA C 40 -9.54 18.73 1.60
CA ALA C 40 -8.28 19.45 1.45
C ALA C 40 -7.67 19.18 0.08
N VAL C 41 -7.70 17.93 -0.38
CA VAL C 41 -7.21 17.63 -1.72
C VAL C 41 -8.05 18.35 -2.76
N LEU C 42 -9.37 18.34 -2.59
CA LEU C 42 -10.23 19.04 -3.54
C LEU C 42 -9.90 20.53 -3.59
N ASP C 43 -9.69 21.15 -2.44
CA ASP C 43 -9.33 22.56 -2.40
C ASP C 43 -7.98 22.81 -3.06
N ALA C 44 -7.01 21.94 -2.79
CA ALA C 44 -5.69 22.11 -3.38
C ALA C 44 -5.78 22.07 -4.89
N HIS C 45 -6.65 21.22 -5.43
CA HIS C 45 -6.81 21.16 -6.88
C HIS C 45 -7.58 22.38 -7.40
N LEU C 46 -8.67 22.76 -6.72
CA LEU C 46 -9.48 23.88 -7.19
C LEU C 46 -8.73 25.21 -7.12
N GLN C 47 -7.72 25.31 -6.28
CA GLN C 47 -6.96 26.56 -6.20
C GLN C 47 -6.23 26.85 -7.50
N GLN C 48 -5.81 25.80 -8.22
CA GLN C 48 -5.04 25.95 -9.44
C GLN C 48 -5.88 25.73 -10.70
N ASP C 49 -6.81 24.78 -10.66
CA ASP C 49 -7.63 24.43 -11.81
C ASP C 49 -9.10 24.47 -11.39
N PRO C 50 -9.78 25.59 -11.58
CA PRO C 50 -11.20 25.66 -11.19
C PRO C 50 -12.07 24.60 -11.86
N ASP C 51 -11.62 24.02 -12.97
CA ASP C 51 -12.39 23.00 -13.68
C ASP C 51 -11.97 21.59 -13.32
N ALA C 52 -11.14 21.42 -12.29
CA ALA C 52 -10.66 20.10 -11.93
C ALA C 52 -11.82 19.16 -11.64
N LYS C 53 -11.75 17.94 -12.18
CA LYS C 53 -12.73 16.90 -11.92
C LYS C 53 -12.14 15.98 -10.86
N VAL C 54 -12.69 16.03 -9.65
CA VAL C 54 -12.10 15.37 -8.48
C VAL C 54 -13.13 14.42 -7.89
N ALA C 55 -12.71 13.20 -7.60
CA ALA C 55 -13.51 12.25 -6.83
C ALA C 55 -12.52 11.45 -5.99
N CYS C 56 -12.35 11.86 -4.73
CA CYS C 56 -11.33 11.31 -3.86
C CYS C 56 -11.97 10.70 -2.62
N GLU C 57 -11.63 9.45 -2.33
CA GLU C 57 -11.96 8.80 -1.09
C GLU C 57 -10.69 8.61 -0.27
N THR C 58 -10.80 8.80 1.04
CA THR C 58 -9.67 8.68 1.94
C THR C 58 -9.97 7.60 2.97
N VAL C 59 -8.98 6.77 3.25
CA VAL C 59 -9.06 5.73 4.26
C VAL C 59 -7.95 5.97 5.27
N ALA C 60 -8.33 6.21 6.52
CA ALA C 60 -7.37 6.52 7.58
C ALA C 60 -7.43 5.42 8.62
N LYS C 61 -6.28 4.87 8.96
CA LYS C 61 -6.16 3.94 10.07
C LYS C 61 -4.79 4.17 10.70
N THR C 62 -4.50 3.44 11.79
CA THR C 62 -3.26 3.67 12.53
C THR C 62 -2.07 3.82 11.61
N GLY C 63 -1.47 5.01 11.59
CA GLY C 63 -0.27 5.24 10.82
C GLY C 63 -0.42 5.09 9.33
N MET C 64 -1.60 5.39 8.78
CA MET C 64 -1.81 5.25 7.35
C MET C 64 -2.96 6.14 6.91
N ILE C 65 -2.69 6.96 5.89
CA ILE C 65 -3.70 7.68 5.13
C ILE C 65 -3.58 7.23 3.69
N LEU C 66 -4.68 6.78 3.10
CA LEU C 66 -4.68 6.28 1.73
C LEU C 66 -5.69 7.08 0.92
N LEU C 67 -5.22 7.71 -0.15
CA LEU C 67 -6.07 8.46 -1.07
C LEU C 67 -6.30 7.61 -2.31
N ALA C 68 -7.56 7.31 -2.61
CA ALA C 68 -7.90 6.53 -3.79
C ALA C 68 -9.05 7.22 -4.51
N GLY C 69 -8.95 7.32 -5.83
CA GLY C 69 -10.00 7.95 -6.58
C GLY C 69 -9.48 8.43 -7.92
N GLU C 70 -10.29 9.27 -8.56
CA GLU C 70 -9.99 9.78 -9.90
C GLU C 70 -9.94 11.29 -9.86
N ILE C 71 -8.81 11.85 -10.27
CA ILE C 71 -8.61 13.30 -10.31
C ILE C 71 -8.04 13.64 -11.68
N THR C 72 -8.85 14.24 -12.53
CA THR C 72 -8.42 14.76 -13.83
C THR C 72 -8.33 16.28 -13.70
N SER C 73 -7.11 16.81 -13.76
CA SER C 73 -6.91 18.23 -13.57
C SER C 73 -5.56 18.62 -14.15
N ARG C 74 -5.41 19.91 -14.43
CA ARG C 74 -4.15 20.47 -14.89
C ARG C 74 -3.24 20.86 -13.75
N ALA C 75 -3.70 20.74 -12.50
CA ALA C 75 -2.94 21.19 -11.36
C ALA C 75 -1.85 20.20 -10.99
N ALA C 76 -0.83 20.70 -10.30
CA ALA C 76 0.22 19.88 -9.71
C ALA C 76 0.14 20.06 -8.20
N VAL C 77 -0.20 18.98 -7.49
CA VAL C 77 -0.50 19.03 -6.07
C VAL C 77 0.46 18.11 -5.34
N ASP C 78 0.94 18.57 -4.18
CA ASP C 78 1.80 17.77 -3.31
C ASP C 78 0.90 17.10 -2.28
N TYR C 79 0.53 15.85 -2.54
CA TYR C 79 -0.43 15.17 -1.69
C TYR C 79 0.12 14.97 -0.29
N GLN C 80 1.42 14.65 -0.18
CA GLN C 80 2.02 14.49 1.14
C GLN C 80 1.83 15.75 1.97
N LYS C 81 2.19 16.90 1.41
CA LYS C 81 2.06 18.16 2.15
C LYS C 81 0.61 18.45 2.49
N VAL C 82 -0.31 18.27 1.55
CA VAL C 82 -1.71 18.60 1.83
C VAL C 82 -2.24 17.73 2.96
N VAL C 83 -2.00 16.42 2.88
CA VAL C 83 -2.51 15.51 3.90
C VAL C 83 -1.91 15.83 5.25
N ARG C 84 -0.59 16.05 5.29
CA ARG C 84 0.06 16.28 6.58
C ARG C 84 -0.35 17.61 7.19
N GLU C 85 -0.54 18.64 6.38
CA GLU C 85 -1.03 19.91 6.92
C GLU C 85 -2.45 19.78 7.44
N ALA C 86 -3.30 19.04 6.74
CA ALA C 86 -4.65 18.83 7.22
C ALA C 86 -4.64 18.09 8.55
N VAL C 87 -3.83 17.04 8.65
CA VAL C 87 -3.76 16.27 9.90
C VAL C 87 -3.21 17.13 11.03
N LYS C 88 -2.20 17.95 10.73
CA LYS C 88 -1.65 18.84 11.75
C LYS C 88 -2.71 19.82 12.24
N HIS C 89 -3.48 20.41 11.32
CA HIS C 89 -4.56 21.30 11.73
C HIS C 89 -5.59 20.57 12.58
N ILE C 90 -5.82 19.29 12.30
CA ILE C 90 -6.75 18.52 13.13
C ILE C 90 -6.24 18.45 14.57
N GLY C 91 -4.94 18.20 14.74
CA GLY C 91 -4.33 18.27 16.06
C GLY C 91 -3.54 17.05 16.47
N TYR C 92 -3.32 16.11 15.54
CA TYR C 92 -2.58 14.89 15.84
C TYR C 92 -1.12 15.13 15.54
N ASP C 93 -0.31 15.36 16.57
CA ASP C 93 1.10 15.68 16.37
C ASP C 93 1.99 14.97 17.36
N ASP C 94 1.67 13.74 17.74
CA ASP C 94 2.54 12.98 18.62
C ASP C 94 2.03 11.55 18.71
N SER C 95 2.95 10.62 18.96
CA SER C 95 2.56 9.22 19.11
C SER C 95 1.71 9.01 20.35
N SER C 96 1.92 9.79 21.40
CA SER C 96 1.14 9.63 22.62
C SER C 96 -0.35 9.83 22.34
N LYS C 97 -0.69 10.56 21.29
CA LYS C 97 -2.08 10.77 20.91
C LYS C 97 -2.60 9.72 19.95
N GLY C 98 -1.75 8.81 19.48
CA GLY C 98 -2.17 7.77 18.57
C GLY C 98 -2.00 8.09 17.10
N PHE C 99 -1.39 9.23 16.77
CA PHE C 99 -1.21 9.62 15.38
C PHE C 99 -0.26 10.82 15.35
N ASP C 100 0.51 10.92 14.28
CA ASP C 100 1.52 11.97 14.14
C ASP C 100 1.65 12.32 12.67
N TYR C 101 1.31 13.57 12.33
CA TYR C 101 1.38 13.98 10.93
C TYR C 101 2.79 13.83 10.37
N LYS C 102 3.81 14.03 11.19
CA LYS C 102 5.18 13.95 10.71
C LYS C 102 5.51 12.55 10.22
N THR C 103 5.08 11.53 10.95
CA THR C 103 5.50 10.15 10.69
C THR C 103 4.36 9.26 10.22
N CYS C 104 3.20 9.82 9.90
CA CYS C 104 2.13 9.01 9.34
C CYS C 104 2.44 8.66 7.89
N ASN C 105 1.84 7.55 7.43
CA ASN C 105 2.06 7.07 6.08
C ASN C 105 0.95 7.58 5.17
N VAL C 106 1.35 8.18 4.05
CA VAL C 106 0.40 8.66 3.04
C VAL C 106 0.66 7.88 1.77
N LEU C 107 -0.32 7.09 1.34
CA LEU C 107 -0.25 6.32 0.10
C LEU C 107 -1.24 6.91 -0.88
N VAL C 108 -0.76 7.21 -2.08
CA VAL C 108 -1.57 7.84 -3.12
C VAL C 108 -1.83 6.80 -4.21
N ALA C 109 -3.11 6.53 -4.45
CA ALA C 109 -3.55 5.58 -5.48
C ALA C 109 -4.47 6.29 -6.46
N LEU C 110 -4.21 7.57 -6.71
CA LEU C 110 -5.09 8.36 -7.55
C LEU C 110 -4.85 8.06 -9.02
N GLU C 111 -5.91 8.13 -9.81
CA GLU C 111 -5.86 7.87 -11.24
C GLU C 111 -6.62 8.96 -11.97
N GLN C 112 -6.69 8.83 -13.29
CA GLN C 112 -7.43 9.77 -14.11
C GLN C 112 -8.89 9.36 -14.20
N GLN C 113 -9.76 10.36 -14.35
CA GLN C 113 -11.18 10.09 -14.51
C GLN C 113 -11.41 9.20 -15.73
N SER C 114 -12.27 8.20 -15.56
CA SER C 114 -12.48 7.22 -16.61
C SER C 114 -12.98 7.90 -17.88
N PRO C 115 -12.40 7.60 -19.05
CA PRO C 115 -12.82 8.31 -20.26
C PRO C 115 -14.29 8.12 -20.60
N ASP C 116 -14.91 7.03 -20.18
CA ASP C 116 -16.32 6.80 -20.48
C ASP C 116 -17.18 7.90 -19.86
N ILE C 117 -16.97 8.18 -18.57
CA ILE C 117 -17.72 9.24 -17.91
C ILE C 117 -17.37 10.58 -18.52
N ALA C 118 -16.10 10.77 -18.87
CA ALA C 118 -15.68 12.05 -19.45
C ALA C 118 -16.42 12.33 -20.75
N GLN C 119 -16.55 11.34 -21.62
CA GLN C 119 -17.28 11.54 -22.86
C GLN C 119 -18.79 11.62 -22.62
N GLY C 120 -19.30 10.90 -21.61
CA GLY C 120 -20.72 10.90 -21.37
C GLY C 120 -21.24 12.04 -20.52
N VAL C 121 -20.37 12.90 -19.98
CA VAL C 121 -20.80 13.92 -19.05
C VAL C 121 -20.51 15.33 -19.56
N HIS C 122 -19.23 15.65 -19.77
CA HIS C 122 -18.83 17.04 -19.95
C HIS C 122 -18.00 17.32 -21.20
N LEU C 123 -17.32 16.35 -21.78
CA LEU C 123 -16.50 16.65 -22.95
C LEU C 123 -17.35 17.19 -24.09
N ASP C 124 -16.88 18.27 -24.71
CA ASP C 124 -17.56 18.90 -25.84
C ASP C 124 -18.99 19.28 -25.48
N ARG C 125 -19.14 19.87 -24.29
CA ARG C 125 -20.44 20.33 -23.81
C ARG C 125 -20.32 21.75 -23.30
N ASN C 126 -21.30 22.59 -23.64
CA ASN C 126 -21.36 23.93 -23.09
C ASN C 126 -21.61 23.87 -21.59
N GLU C 127 -21.15 24.89 -20.87
CA GLU C 127 -21.21 24.86 -19.43
C GLU C 127 -22.64 24.69 -18.94
N GLU C 128 -23.58 25.43 -19.51
CA GLU C 128 -24.94 25.42 -18.99
C GLU C 128 -25.63 24.07 -19.14
N ASP C 129 -25.16 23.20 -20.01
CA ASP C 129 -25.85 21.96 -20.34
C ASP C 129 -24.92 20.76 -20.23
N ILE C 130 -24.19 20.65 -19.14
CA ILE C 130 -23.38 19.46 -18.87
C ILE C 130 -24.22 18.50 -18.04
N GLY C 131 -24.25 17.24 -18.45
CA GLY C 131 -25.08 16.27 -17.78
C GLY C 131 -24.63 16.01 -16.36
N ALA C 132 -25.53 15.39 -15.60
CA ALA C 132 -25.22 15.06 -14.22
C ALA C 132 -23.98 14.21 -14.13
N GLY C 133 -23.12 14.51 -13.17
CA GLY C 133 -21.91 13.72 -12.98
C GLY C 133 -22.19 12.28 -12.62
N ASP C 134 -23.39 11.99 -12.12
CA ASP C 134 -23.78 10.63 -11.78
C ASP C 134 -25.25 10.66 -11.38
N GLN C 135 -25.90 9.51 -11.52
CA GLN C 135 -27.31 9.42 -11.18
C GLN C 135 -27.47 9.36 -9.67
N GLY C 136 -28.71 9.56 -9.22
CA GLY C 136 -29.01 9.44 -7.81
C GLY C 136 -30.03 10.43 -7.33
N LEU C 137 -30.52 10.22 -6.11
CA LEU C 137 -31.49 11.10 -5.48
C LEU C 137 -30.81 11.87 -4.36
N MET C 138 -31.21 13.13 -4.20
CA MET C 138 -30.60 14.03 -3.23
C MET C 138 -31.70 14.82 -2.54
N PHE C 139 -31.52 15.06 -1.25
CA PHE C 139 -32.53 15.70 -0.41
C PHE C 139 -32.00 17.00 0.16
N GLY C 140 -32.94 17.94 0.36
CA GLY C 140 -32.68 19.12 1.14
C GLY C 140 -33.79 19.31 2.15
N TYR C 141 -33.48 20.05 3.20
CA TYR C 141 -34.43 20.15 4.31
C TYR C 141 -34.15 21.43 5.08
N ALA C 142 -35.21 22.07 5.56
CA ALA C 142 -35.07 23.28 6.36
C ALA C 142 -36.17 23.31 7.40
N THR C 143 -35.78 23.58 8.65
CA THR C 143 -36.73 23.69 9.74
C THR C 143 -36.43 24.97 10.50
N ASP C 144 -37.45 25.80 10.71
CA ASP C 144 -37.25 27.12 11.28
C ASP C 144 -37.15 27.11 12.80
N GLU C 145 -36.99 25.95 13.42
CA GLU C 145 -36.89 25.91 14.88
C GLU C 145 -35.62 26.56 15.39
N THR C 146 -34.66 26.87 14.52
CA THR C 146 -33.46 27.60 14.89
C THR C 146 -33.20 28.68 13.85
N GLU C 147 -32.50 29.74 14.27
CA GLU C 147 -32.20 30.83 13.36
C GLU C 147 -31.40 30.36 12.15
N GLU C 148 -30.63 29.28 12.30
CA GLU C 148 -29.89 28.69 11.18
C GLU C 148 -30.77 27.82 10.30
N CYS C 149 -32.06 27.71 10.60
CA CYS C 149 -32.98 26.86 9.85
C CYS C 149 -32.50 25.41 9.83
N MET C 150 -32.16 24.90 11.01
CA MET C 150 -31.71 23.54 11.17
C MET C 150 -32.31 22.95 12.44
N PRO C 151 -32.38 21.62 12.54
CA PRO C 151 -32.87 21.01 13.77
C PRO C 151 -32.00 21.36 14.97
N LEU C 152 -32.62 21.43 16.14
CA LEU C 152 -31.88 21.79 17.34
C LEU C 152 -30.90 20.71 17.75
N THR C 153 -31.22 19.44 17.53
CA THR C 153 -30.37 18.37 18.02
C THR C 153 -29.02 18.38 17.34
N ILE C 154 -29.00 18.45 16.01
CA ILE C 154 -27.74 18.45 15.29
C ILE C 154 -26.97 19.73 15.56
N VAL C 155 -27.68 20.85 15.66
CA VAL C 155 -27.02 22.12 15.97
C VAL C 155 -26.30 22.02 17.32
N LEU C 156 -26.99 21.49 18.33
CA LEU C 156 -26.39 21.35 19.64
C LEU C 156 -25.21 20.39 19.64
N ALA C 157 -25.34 19.27 18.92
CA ALA C 157 -24.24 18.32 18.87
C ALA C 157 -23.01 18.94 18.22
N HIS C 158 -23.21 19.63 17.10
CA HIS C 158 -22.10 20.29 16.42
C HIS C 158 -21.48 21.36 17.30
N LYS C 159 -22.30 22.12 18.03
CA LYS C 159 -21.75 23.14 18.90
C LYS C 159 -20.99 22.54 20.07
N LEU C 160 -21.44 21.40 20.60
CA LEU C 160 -20.69 20.74 21.66
C LEU C 160 -19.33 20.28 21.16
N ASN C 161 -19.29 19.70 19.96
CA ASN C 161 -18.00 19.29 19.41
C ASN C 161 -17.10 20.49 19.17
N ALA C 162 -17.68 21.59 18.66
CA ALA C 162 -16.88 22.79 18.43
C ALA C 162 -16.33 23.34 19.74
N LYS C 163 -17.14 23.33 20.80
CA LYS C 163 -16.64 23.80 22.09
C LYS C 163 -15.53 22.91 22.62
N LEU C 164 -15.66 21.60 22.46
CA LEU C 164 -14.57 20.72 22.88
C LEU C 164 -13.30 21.03 22.12
N ALA C 165 -13.40 21.22 20.80
CA ALA C 165 -12.22 21.55 20.02
C ALA C 165 -11.63 22.89 20.46
N GLU C 166 -12.48 23.89 20.71
CA GLU C 166 -11.99 25.19 21.11
C GLU C 166 -11.28 25.12 22.45
N LEU C 167 -11.86 24.41 23.42
CA LEU C 167 -11.21 24.28 24.72
C LEU C 167 -9.89 23.53 24.60
N ARG C 168 -9.85 22.49 23.77
CA ARG C 168 -8.60 21.75 23.59
C ARG C 168 -7.52 22.63 22.96
N ARG C 169 -7.89 23.45 21.97
CA ARG C 169 -6.89 24.16 21.18
C ARG C 169 -6.30 25.35 21.93
N ASN C 170 -7.08 26.01 22.78
CA ASN C 170 -6.58 27.17 23.51
C ASN C 170 -5.94 26.82 24.84
N GLY C 171 -5.86 25.53 25.19
CA GLY C 171 -5.17 25.11 26.38
C GLY C 171 -5.96 25.19 27.67
N THR C 172 -7.25 25.50 27.59
CA THR C 172 -8.05 25.59 28.82
C THR C 172 -8.12 24.23 29.52
N LEU C 173 -8.31 23.16 28.76
CA LEU C 173 -8.38 21.80 29.28
C LEU C 173 -7.33 20.98 28.53
N PRO C 174 -6.08 20.96 29.00
CA PRO C 174 -5.00 20.34 28.21
C PRO C 174 -5.11 18.83 28.10
N TRP C 175 -6.05 18.19 28.79
CA TRP C 175 -6.17 16.74 28.75
C TRP C 175 -7.11 16.25 27.67
N LEU C 176 -7.70 17.14 26.87
CA LEU C 176 -8.52 16.71 25.75
C LEU C 176 -7.64 16.31 24.58
N ARG C 177 -8.22 15.53 23.69
CA ARG C 177 -7.53 15.06 22.49
C ARG C 177 -8.51 15.05 21.33
N PRO C 178 -8.02 15.03 20.10
CA PRO C 178 -8.86 15.45 18.97
C PRO C 178 -10.16 14.66 18.81
N ASP C 179 -10.16 13.36 19.10
CA ASP C 179 -11.34 12.55 18.84
C ASP C 179 -12.44 12.84 19.85
N SER C 180 -13.68 12.84 19.37
CA SER C 180 -14.82 13.07 20.24
C SER C 180 -16.08 12.58 19.54
N LYS C 181 -17.15 12.42 20.32
CA LYS C 181 -18.43 11.97 19.79
C LYS C 181 -19.52 12.40 20.75
N THR C 182 -20.42 13.26 20.30
CA THR C 182 -21.53 13.73 21.12
C THR C 182 -22.84 13.28 20.50
N GLN C 183 -23.88 13.21 21.34
CA GLN C 183 -25.19 12.74 20.90
C GLN C 183 -26.22 13.36 21.83
N VAL C 184 -27.07 14.22 21.28
CA VAL C 184 -28.05 14.97 22.05
C VAL C 184 -29.43 14.42 21.73
N THR C 185 -30.17 14.05 22.77
CA THR C 185 -31.57 13.66 22.67
C THR C 185 -32.41 14.83 23.17
N VAL C 186 -33.29 15.33 22.33
CA VAL C 186 -34.07 16.52 22.64
C VAL C 186 -35.54 16.16 22.64
N GLN C 187 -36.28 16.73 23.59
CA GLN C 187 -37.71 16.52 23.71
C GLN C 187 -38.43 17.63 22.95
N TYR C 188 -39.18 17.24 21.92
CA TYR C 188 -39.92 18.17 21.08
C TYR C 188 -41.40 18.02 21.34
N MET C 189 -42.14 19.10 21.05
CA MET C 189 -43.59 19.08 21.02
C MET C 189 -44.04 19.47 19.62
N GLN C 190 -44.98 18.70 19.08
CA GLN C 190 -45.52 19.00 17.76
C GLN C 190 -46.39 20.25 17.81
N ASP C 191 -46.35 21.04 16.75
CA ASP C 191 -47.08 22.31 16.70
C ASP C 191 -47.51 22.55 15.26
N ARG C 192 -48.72 22.10 14.94
CA ARG C 192 -49.32 22.29 13.62
C ARG C 192 -48.29 22.08 12.50
N GLY C 193 -47.77 20.85 12.46
CA GLY C 193 -46.83 20.44 11.43
C GLY C 193 -45.38 20.74 11.73
N ALA C 194 -45.12 21.81 12.48
CA ALA C 194 -43.76 22.14 12.88
C ALA C 194 -43.42 21.45 14.19
N VAL C 195 -42.19 21.63 14.66
CA VAL C 195 -41.73 21.06 15.91
C VAL C 195 -41.08 22.15 16.75
N LEU C 196 -41.40 22.17 18.04
CA LEU C 196 -40.82 23.14 18.97
C LEU C 196 -40.02 22.38 20.02
N PRO C 197 -38.72 22.64 20.17
CA PRO C 197 -37.94 21.91 21.18
C PRO C 197 -38.22 22.43 22.58
N ILE C 198 -38.48 21.53 23.51
CA ILE C 198 -38.81 21.91 24.88
C ILE C 198 -37.55 21.90 25.73
N ARG C 199 -36.89 20.75 25.83
CA ARG C 199 -35.71 20.63 26.68
C ARG C 199 -34.80 19.55 26.10
N VAL C 200 -33.67 19.35 26.77
CA VAL C 200 -32.69 18.36 26.36
C VAL C 200 -32.81 17.17 27.31
N HIS C 201 -33.40 16.09 26.82
CA HIS C 201 -33.64 14.93 27.66
C HIS C 201 -32.34 14.24 28.05
N THR C 202 -31.44 14.03 27.09
CA THR C 202 -30.19 13.35 27.34
C THR C 202 -29.06 14.04 26.59
N ILE C 203 -27.85 13.93 27.15
CA ILE C 203 -26.63 14.34 26.47
C ILE C 203 -25.54 13.35 26.83
N VAL C 204 -24.89 12.78 25.82
CA VAL C 204 -23.78 11.85 26.03
C VAL C 204 -22.56 12.40 25.31
N ILE C 205 -21.46 12.51 26.04
CA ILE C 205 -20.19 13.02 25.51
C ILE C 205 -19.12 11.98 25.80
N SER C 206 -18.25 11.74 24.83
CA SER C 206 -17.15 10.78 24.98
C SER C 206 -15.99 11.31 24.15
N VAL C 207 -15.03 11.95 24.82
CA VAL C 207 -13.92 12.63 24.16
C VAL C 207 -12.62 11.96 24.59
N GLN C 208 -11.73 11.77 23.64
CA GLN C 208 -10.44 11.15 23.93
C GLN C 208 -9.65 12.04 24.89
N HIS C 209 -8.91 11.39 25.78
CA HIS C 209 -8.14 12.10 26.80
C HIS C 209 -6.82 11.37 27.00
N ASP C 210 -6.09 11.76 28.03
CA ASP C 210 -4.80 11.15 28.35
C ASP C 210 -4.93 10.28 29.60
N GLU C 211 -3.83 9.59 29.95
CA GLU C 211 -3.84 8.64 31.05
C GLU C 211 -3.80 9.29 32.43
N GLU C 212 -3.26 10.49 32.54
CA GLU C 212 -2.94 11.07 33.83
C GLU C 212 -4.07 11.87 34.45
N VAL C 213 -5.24 11.91 33.83
CA VAL C 213 -6.38 12.65 34.36
C VAL C 213 -7.43 11.66 34.86
N CYS C 214 -8.05 12.00 36.00
CA CYS C 214 -9.00 11.13 36.67
C CYS C 214 -10.39 11.31 36.08
N LEU C 215 -11.20 10.25 36.18
CA LEU C 215 -12.50 10.25 35.53
C LEU C 215 -13.41 11.34 36.10
N ASP C 216 -13.39 11.53 37.42
CA ASP C 216 -14.27 12.52 38.03
C ASP C 216 -13.96 13.91 37.50
N GLU C 217 -12.68 14.23 37.34
CA GLU C 217 -12.31 15.54 36.81
C GLU C 217 -12.88 15.76 35.41
N MET C 218 -12.74 14.76 34.54
CA MET C 218 -13.25 14.93 33.19
C MET C 218 -14.77 15.06 33.18
N ARG C 219 -15.46 14.25 33.98
CA ARG C 219 -16.91 14.35 34.02
C ARG C 219 -17.36 15.72 34.51
N ASP C 220 -16.73 16.22 35.59
CA ASP C 220 -17.10 17.54 36.09
C ASP C 220 -16.80 18.63 35.08
N ALA C 221 -15.64 18.57 34.44
CA ALA C 221 -15.28 19.60 33.47
C ALA C 221 -16.23 19.60 32.29
N LEU C 222 -16.59 18.42 31.79
CA LEU C 222 -17.55 18.35 30.68
C LEU C 222 -18.91 18.85 31.11
N LYS C 223 -19.33 18.53 32.33
CA LYS C 223 -20.62 19.00 32.82
C LYS C 223 -20.64 20.53 32.91
N GLU C 224 -19.56 21.12 33.39
CA GLU C 224 -19.57 22.55 33.71
C GLU C 224 -18.99 23.40 32.59
N LYS C 225 -17.78 23.09 32.14
CA LYS C 225 -17.10 23.96 31.19
C LYS C 225 -17.61 23.84 29.76
N VAL C 226 -18.12 22.67 29.37
CA VAL C 226 -18.54 22.45 27.99
C VAL C 226 -20.04 22.59 27.85
N ILE C 227 -20.80 21.73 28.55
CA ILE C 227 -22.23 21.68 28.34
C ILE C 227 -22.89 22.99 28.76
N LYS C 228 -22.52 23.52 29.93
CA LYS C 228 -23.16 24.73 30.42
C LYS C 228 -22.85 25.93 29.54
N ALA C 229 -21.77 25.90 28.78
CA ALA C 229 -21.37 27.02 27.94
C ALA C 229 -21.92 26.91 26.52
N VAL C 230 -22.68 25.86 26.21
CA VAL C 230 -23.22 25.64 24.88
C VAL C 230 -24.75 25.61 24.88
N VAL C 231 -25.33 24.73 25.71
CA VAL C 231 -26.77 24.55 25.76
C VAL C 231 -27.36 25.66 26.62
N PRO C 232 -28.28 26.47 26.11
CA PRO C 232 -28.90 27.49 26.95
C PRO C 232 -29.63 26.86 28.13
N ALA C 233 -29.68 27.60 29.24
CA ALA C 233 -30.33 27.08 30.44
C ALA C 233 -31.80 26.79 30.21
N LYS C 234 -32.41 27.36 29.17
CA LYS C 234 -33.81 27.05 28.90
C LYS C 234 -34.03 25.57 28.71
N TYR C 235 -33.05 24.86 28.16
CA TYR C 235 -33.20 23.46 27.82
C TYR C 235 -32.67 22.51 28.89
N LEU C 236 -31.72 22.94 29.70
CA LEU C 236 -31.17 22.08 30.75
C LEU C 236 -32.02 22.20 32.01
N ASP C 237 -32.43 21.05 32.54
CA ASP C 237 -33.17 20.99 33.80
C ASP C 237 -32.37 20.13 34.77
N GLU C 238 -32.96 19.86 35.93
CA GLU C 238 -32.36 18.96 36.89
C GLU C 238 -32.68 17.49 36.60
N ASP C 239 -33.62 17.22 35.69
CA ASP C 239 -33.94 15.87 35.29
C ASP C 239 -33.17 15.41 34.06
N THR C 240 -32.42 16.30 33.43
CA THR C 240 -31.68 15.94 32.22
C THR C 240 -30.65 14.87 32.55
N ILE C 241 -30.46 13.94 31.61
CA ILE C 241 -29.57 12.81 31.81
C ILE C 241 -28.23 13.11 31.15
N TYR C 242 -27.14 12.81 31.85
CA TYR C 242 -25.79 13.12 31.40
C TYR C 242 -24.97 11.85 31.39
N HIS C 243 -24.65 11.36 30.19
CA HIS C 243 -23.70 10.27 30.02
C HIS C 243 -22.38 10.88 29.57
N LEU C 244 -21.63 11.41 30.52
CA LEU C 244 -20.36 12.05 30.22
C LEU C 244 -19.24 11.01 30.38
N GLN C 245 -18.61 10.66 29.26
CA GLN C 245 -17.60 9.62 29.26
C GLN C 245 -18.22 8.33 29.80
N PRO C 246 -19.16 7.73 29.08
CA PRO C 246 -19.86 6.55 29.62
C PRO C 246 -19.09 5.26 29.52
N SER C 247 -17.92 5.24 28.89
CA SER C 247 -17.14 4.02 28.70
C SER C 247 -15.84 4.04 29.49
N GLY C 248 -15.81 4.72 30.63
CA GLY C 248 -14.58 4.73 31.42
C GLY C 248 -13.45 5.35 30.65
N ARG C 249 -12.48 4.52 30.25
CA ARG C 249 -11.33 4.99 29.49
C ARG C 249 -11.69 5.18 28.03
N PHE C 250 -11.32 6.35 27.49
CA PHE C 250 -11.24 6.56 26.04
C PHE C 250 -9.87 7.20 25.82
N VAL C 251 -8.85 6.35 25.73
CA VAL C 251 -7.48 6.82 25.56
C VAL C 251 -6.87 6.33 24.25
N ILE C 252 -7.28 5.18 23.75
CA ILE C 252 -6.86 4.69 22.44
C ILE C 252 -7.95 5.12 21.46
N GLY C 253 -7.72 6.25 20.80
CA GLY C 253 -8.69 6.79 19.88
C GLY C 253 -8.03 7.34 18.62
N GLY C 254 -8.80 8.03 17.79
CA GLY C 254 -8.30 8.49 16.53
C GLY C 254 -8.21 7.35 15.55
N PRO C 255 -7.42 7.52 14.47
CA PRO C 255 -7.28 6.42 13.51
C PRO C 255 -6.84 5.13 14.17
N GLN C 256 -5.95 5.21 15.17
CA GLN C 256 -5.67 4.05 16.00
C GLN C 256 -6.91 3.71 16.82
N GLY C 257 -7.26 2.43 16.87
CA GLY C 257 -8.43 2.03 17.61
C GLY C 257 -9.73 2.17 16.85
N ASP C 258 -9.70 2.70 15.63
CA ASP C 258 -10.90 2.75 14.79
C ASP C 258 -10.52 3.18 13.38
N ALA C 259 -10.95 2.44 12.36
CA ALA C 259 -10.69 2.83 10.99
C ALA C 259 -11.68 3.89 10.55
N GLY C 260 -11.35 4.57 9.46
CA GLY C 260 -12.19 5.63 8.94
C GLY C 260 -12.21 5.61 7.43
N LEU C 261 -13.27 6.19 6.86
CA LEU C 261 -13.42 6.28 5.41
C LEU C 261 -14.13 7.58 5.08
N THR C 262 -13.92 8.05 3.85
CA THR C 262 -14.61 9.24 3.38
C THR C 262 -16.11 8.95 3.26
N GLY C 263 -16.92 9.93 3.64
CA GLY C 263 -18.36 9.82 3.42
C GLY C 263 -19.03 8.72 4.20
N ARG C 264 -18.49 8.36 5.36
CA ARG C 264 -19.12 7.38 6.23
C ARG C 264 -19.89 8.02 7.37
N LYS C 265 -19.97 9.35 7.40
CA LYS C 265 -20.72 10.11 8.39
C LYS C 265 -21.67 11.08 7.69
N ILE C 266 -22.42 10.56 6.72
CA ILE C 266 -23.21 11.43 5.86
C ILE C 266 -24.36 12.07 6.64
N ILE C 267 -24.98 11.32 7.55
CA ILE C 267 -26.10 11.87 8.31
C ILE C 267 -25.62 12.94 9.28
N VAL C 268 -24.45 12.73 9.89
CA VAL C 268 -23.87 13.75 10.75
C VAL C 268 -23.65 15.03 9.96
N ASP C 269 -23.43 14.92 8.65
CA ASP C 269 -23.08 16.08 7.84
C ASP C 269 -24.28 16.97 7.55
N THR C 270 -25.48 16.41 7.44
CA THR C 270 -26.59 17.16 6.87
C THR C 270 -27.65 17.54 7.90
N TYR C 271 -28.32 16.58 8.53
CA TYR C 271 -29.40 16.92 9.44
C TYR C 271 -29.48 16.01 10.66
N GLY C 272 -28.57 15.06 10.83
CA GLY C 272 -28.63 14.21 12.00
C GLY C 272 -29.94 13.45 12.11
N GLY C 273 -30.41 12.88 11.01
CA GLY C 273 -31.58 12.05 11.00
C GLY C 273 -32.83 12.73 10.50
N TRP C 274 -32.91 14.06 10.62
CA TRP C 274 -34.09 14.77 10.16
C TRP C 274 -34.14 14.80 8.64
N GLY C 275 -35.36 14.93 8.11
CA GLY C 275 -35.53 14.95 6.68
C GLY C 275 -35.26 13.60 6.06
N ALA C 276 -34.24 13.51 5.24
CA ALA C 276 -33.82 12.24 4.67
C ALA C 276 -32.50 12.45 3.95
N HIS C 277 -31.90 11.35 3.51
CA HIS C 277 -30.63 11.39 2.81
C HIS C 277 -30.69 10.51 1.57
N GLY C 278 -30.01 10.96 0.53
CA GLY C 278 -29.93 10.20 -0.71
C GLY C 278 -28.82 9.16 -0.75
N GLY C 279 -28.02 9.06 0.31
CA GLY C 279 -26.95 8.10 0.39
C GLY C 279 -25.63 8.58 -0.18
N GLY C 280 -25.60 9.74 -0.81
CA GLY C 280 -24.40 10.20 -1.46
C GLY C 280 -23.51 10.99 -0.52
N ALA C 281 -22.23 10.65 -0.51
CA ALA C 281 -21.26 11.39 0.27
C ALA C 281 -20.98 12.74 -0.38
N PHE C 282 -20.54 13.68 0.45
CA PHE C 282 -20.22 15.03 -0.01
C PHE C 282 -18.72 15.24 -0.23
N SER C 283 -17.90 14.83 0.73
CA SER C 283 -16.48 15.20 0.70
C SER C 283 -15.76 14.57 -0.49
N GLY C 284 -14.86 15.34 -1.08
CA GLY C 284 -14.02 14.86 -2.15
C GLY C 284 -14.58 15.01 -3.54
N LYS C 285 -15.77 15.58 -3.69
CA LYS C 285 -16.45 15.68 -4.97
C LYS C 285 -16.54 17.12 -5.41
N ASP C 286 -16.38 17.36 -6.71
CA ASP C 286 -16.45 18.70 -7.26
C ASP C 286 -17.88 18.98 -7.71
N TYR C 287 -18.07 20.07 -8.46
CA TYR C 287 -19.42 20.54 -8.77
C TYR C 287 -20.14 19.60 -9.73
N THR C 288 -19.41 18.86 -10.57
CA THR C 288 -20.07 17.98 -11.52
C THR C 288 -20.80 16.83 -10.84
N LYS C 289 -20.40 16.45 -9.64
CA LYS C 289 -21.03 15.35 -8.93
C LYS C 289 -22.30 15.87 -8.26
N VAL C 290 -23.45 15.42 -8.74
CA VAL C 290 -24.71 15.90 -8.18
C VAL C 290 -24.85 15.50 -6.72
N ASP C 291 -24.11 14.48 -6.26
CA ASP C 291 -24.18 14.10 -4.86
C ASP C 291 -23.93 15.28 -3.95
N ARG C 292 -23.07 16.21 -4.37
CA ARG C 292 -22.75 17.41 -3.61
C ARG C 292 -23.48 18.64 -4.12
N SER C 293 -23.38 18.91 -5.42
CA SER C 293 -24.00 20.10 -5.98
C SER C 293 -25.52 20.07 -5.80
N ALA C 294 -26.14 18.95 -6.10
CA ALA C 294 -27.60 18.87 -5.99
C ALA C 294 -28.05 18.89 -4.53
N ALA C 295 -27.28 18.30 -3.62
CA ALA C 295 -27.61 18.41 -2.20
C ALA C 295 -27.56 19.86 -1.75
N TYR C 296 -26.53 20.58 -2.17
CA TYR C 296 -26.43 22.00 -1.83
C TYR C 296 -27.58 22.79 -2.43
N ALA C 297 -27.95 22.49 -3.68
CA ALA C 297 -29.04 23.20 -4.33
C ALA C 297 -30.37 22.91 -3.64
N ALA C 298 -30.59 21.66 -3.23
CA ALA C 298 -31.83 21.32 -2.54
C ALA C 298 -31.89 21.98 -1.17
N ARG C 299 -30.76 22.06 -0.47
CA ARG C 299 -30.72 22.81 0.77
C ARG C 299 -31.03 24.28 0.52
N TRP C 300 -30.49 24.83 -0.56
CA TRP C 300 -30.77 26.22 -0.91
C TRP C 300 -32.26 26.42 -1.17
N VAL C 301 -32.88 25.49 -1.90
CA VAL C 301 -34.31 25.61 -2.19
C VAL C 301 -35.13 25.54 -0.90
N ALA C 302 -34.79 24.60 -0.03
CA ALA C 302 -35.55 24.43 1.22
C ALA C 302 -35.40 25.64 2.12
N LYS C 303 -34.17 26.15 2.27
CA LYS C 303 -33.97 27.34 3.09
C LYS C 303 -34.63 28.56 2.48
N SER C 304 -34.69 28.65 1.15
CA SER C 304 -35.38 29.76 0.52
C SER C 304 -36.88 29.69 0.78
N LEU C 305 -37.46 28.49 0.70
CA LEU C 305 -38.88 28.35 0.97
C LEU C 305 -39.20 28.67 2.43
N VAL C 306 -38.36 28.20 3.35
CA VAL C 306 -38.62 28.47 4.77
C VAL C 306 -38.41 29.93 5.10
N LYS C 307 -37.31 30.52 4.63
CA LYS C 307 -37.00 31.90 4.93
C LYS C 307 -37.90 32.85 4.15
N GLY C 308 -38.37 32.43 2.98
CA GLY C 308 -39.29 33.24 2.22
C GLY C 308 -40.69 33.31 2.79
N GLY C 309 -40.94 32.61 3.90
CA GLY C 309 -42.22 32.62 4.56
C GLY C 309 -43.22 31.61 4.04
N LEU C 310 -42.90 30.92 2.94
CA LEU C 310 -43.87 30.00 2.36
C LEU C 310 -44.19 28.86 3.33
N CYS C 311 -43.18 28.31 3.99
CA CYS C 311 -43.35 27.20 4.91
C CYS C 311 -42.67 27.54 6.23
N ARG C 312 -42.80 26.61 7.19
CA ARG C 312 -42.00 26.63 8.40
C ARG C 312 -41.06 25.43 8.50
N ARG C 313 -41.28 24.42 7.67
CA ARG C 313 -40.52 23.18 7.72
C ARG C 313 -40.74 22.46 6.40
N VAL C 314 -39.69 22.30 5.60
CA VAL C 314 -39.83 21.84 4.22
C VAL C 314 -38.75 20.82 3.88
N LEU C 315 -39.12 19.87 3.02
CA LEU C 315 -38.21 18.86 2.48
C LEU C 315 -38.35 18.84 0.96
N VAL C 316 -37.22 18.76 0.28
CA VAL C 316 -37.17 18.76 -1.18
C VAL C 316 -36.35 17.57 -1.62
N GLN C 317 -36.78 16.92 -2.70
CA GLN C 317 -36.03 15.83 -3.30
C GLN C 317 -35.83 16.09 -4.78
N VAL C 318 -34.63 15.83 -5.26
CA VAL C 318 -34.32 15.90 -6.69
C VAL C 318 -33.65 14.60 -7.08
N SER C 319 -33.79 14.23 -8.35
CA SER C 319 -33.15 13.03 -8.84
C SER C 319 -32.53 13.29 -10.21
N TYR C 320 -31.36 12.71 -10.45
CA TYR C 320 -30.63 12.88 -11.69
C TYR C 320 -30.25 11.53 -12.27
N ALA C 321 -29.99 11.53 -13.58
CA ALA C 321 -29.45 10.38 -14.30
C ALA C 321 -28.19 10.81 -15.03
N ILE C 322 -27.18 9.95 -15.06
CA ILE C 322 -25.88 10.36 -15.60
C ILE C 322 -26.03 10.74 -17.05
N GLY C 323 -25.52 11.92 -17.41
CA GLY C 323 -25.58 12.42 -18.76
C GLY C 323 -26.79 13.26 -19.08
N VAL C 324 -27.77 13.32 -18.19
CA VAL C 324 -28.98 14.10 -18.40
C VAL C 324 -28.92 15.29 -17.44
N SER C 325 -28.78 16.49 -17.99
CA SER C 325 -28.55 17.67 -17.15
C SER C 325 -29.76 17.96 -16.28
N HIS C 326 -30.96 17.91 -16.85
CA HIS C 326 -32.15 18.28 -16.09
C HIS C 326 -32.44 17.24 -15.02
N PRO C 327 -33.08 17.64 -13.92
CA PRO C 327 -33.51 16.64 -12.93
C PRO C 327 -34.55 15.70 -13.51
N LEU C 328 -34.47 14.43 -13.13
CA LEU C 328 -35.49 13.47 -13.55
C LEU C 328 -36.78 13.67 -12.79
N SER C 329 -36.69 14.02 -11.51
CA SER C 329 -37.86 14.21 -10.68
C SER C 329 -37.54 15.24 -9.61
N ILE C 330 -38.56 16.01 -9.24
CA ILE C 330 -38.50 16.94 -8.12
C ILE C 330 -39.76 16.76 -7.29
N SER C 331 -39.60 16.79 -5.97
CA SER C 331 -40.74 16.62 -5.07
C SER C 331 -40.57 17.52 -3.86
N ILE C 332 -41.69 17.96 -3.31
CA ILE C 332 -41.73 18.82 -2.13
C ILE C 332 -42.62 18.16 -1.08
N PHE C 333 -42.30 18.41 0.19
CA PHE C 333 -43.13 18.00 1.32
C PHE C 333 -42.97 19.07 2.38
N HIS C 334 -43.99 19.89 2.55
CA HIS C 334 -43.94 20.99 3.52
C HIS C 334 -44.47 20.57 4.89
N TYR C 335 -44.76 19.29 5.09
CA TYR C 335 -45.19 18.76 6.38
C TYR C 335 -46.49 19.39 6.86
N GLY C 336 -47.33 19.85 5.94
CA GLY C 336 -48.57 20.50 6.32
C GLY C 336 -48.36 21.80 7.06
N THR C 337 -47.33 22.55 6.71
CA THR C 337 -47.02 23.83 7.32
C THR C 337 -47.03 24.96 6.28
N SER C 338 -47.96 24.91 5.34
CA SER C 338 -48.03 25.95 4.32
C SER C 338 -49.46 26.06 3.82
N GLN C 339 -49.78 27.23 3.26
CA GLN C 339 -51.05 27.44 2.60
C GLN C 339 -51.06 26.94 1.16
N LYS C 340 -49.91 26.51 0.65
CA LYS C 340 -49.75 26.15 -0.75
C LYS C 340 -49.57 24.64 -0.86
N SER C 341 -50.46 23.99 -1.61
CA SER C 341 -50.32 22.56 -1.84
C SER C 341 -49.02 22.28 -2.58
N GLU C 342 -48.43 21.12 -2.29
CA GLU C 342 -47.10 20.82 -2.82
C GLU C 342 -46.99 21.08 -4.31
N ARG C 343 -48.11 21.05 -5.05
CA ARG C 343 -48.05 21.45 -6.46
C ARG C 343 -47.63 22.91 -6.60
N GLU C 344 -48.22 23.79 -5.79
CA GLU C 344 -47.88 25.20 -5.88
C GLU C 344 -46.42 25.44 -5.54
N LEU C 345 -45.95 24.82 -4.45
CA LEU C 345 -44.54 24.98 -4.07
C LEU C 345 -43.62 24.42 -5.14
N LEU C 346 -43.99 23.29 -5.74
CA LEU C 346 -43.14 22.71 -6.77
C LEU C 346 -43.10 23.60 -8.01
N GLU C 347 -44.23 24.22 -8.36
CA GLU C 347 -44.22 25.18 -9.46
C GLU C 347 -43.36 26.39 -9.12
N ILE C 348 -43.39 26.86 -7.88
CA ILE C 348 -42.53 27.96 -7.49
C ILE C 348 -41.06 27.57 -7.65
N VAL C 349 -40.71 26.36 -7.20
CA VAL C 349 -39.32 25.91 -7.30
C VAL C 349 -38.91 25.83 -8.77
N LYS C 350 -39.77 25.26 -9.62
CA LYS C 350 -39.45 25.17 -11.04
C LYS C 350 -39.28 26.55 -11.65
N LYS C 351 -40.19 27.47 -11.35
CA LYS C 351 -40.14 28.80 -11.96
C LYS C 351 -38.89 29.54 -11.53
N ASN C 352 -38.51 29.44 -10.26
CA ASN C 352 -37.48 30.30 -9.69
C ASN C 352 -36.11 29.65 -9.62
N PHE C 353 -36.05 28.33 -9.47
CA PHE C 353 -34.78 27.63 -9.29
C PHE C 353 -34.48 26.78 -10.52
N ASP C 354 -33.26 26.92 -11.04
CA ASP C 354 -32.75 26.09 -12.13
C ASP C 354 -31.74 25.14 -11.52
N LEU C 355 -32.03 23.84 -11.58
CA LEU C 355 -31.30 22.86 -10.82
C LEU C 355 -30.35 22.01 -11.68
N ARG C 356 -29.99 22.50 -12.86
CA ARG C 356 -28.97 21.82 -13.63
C ARG C 356 -27.61 22.01 -12.96
N PRO C 357 -26.71 21.03 -13.06
CA PRO C 357 -25.37 21.23 -12.47
C PRO C 357 -24.64 22.42 -13.05
N GLY C 358 -24.81 22.68 -14.36
CA GLY C 358 -24.08 23.74 -15.01
C GLY C 358 -24.52 25.13 -14.62
N VAL C 359 -25.75 25.27 -14.11
CA VAL C 359 -26.23 26.57 -13.66
C VAL C 359 -26.10 26.64 -12.15
N ILE C 360 -26.15 25.49 -11.48
CA ILE C 360 -25.87 25.45 -10.05
C ILE C 360 -24.44 25.92 -9.79
N VAL C 361 -23.49 25.49 -10.62
CA VAL C 361 -22.10 25.87 -10.38
C VAL C 361 -21.94 27.38 -10.39
N ARG C 362 -22.66 28.06 -11.29
CA ARG C 362 -22.61 29.52 -11.34
C ARG C 362 -23.41 30.18 -10.23
N ASP C 363 -24.54 29.59 -9.82
CA ASP C 363 -25.39 30.23 -8.83
C ASP C 363 -24.87 30.04 -7.40
N LEU C 364 -23.95 29.10 -7.19
CA LEU C 364 -23.40 28.85 -5.86
C LEU C 364 -21.88 28.97 -5.82
N ASP C 365 -21.24 29.35 -6.91
CA ASP C 365 -19.78 29.51 -6.95
C ASP C 365 -19.09 28.25 -6.42
N LEU C 366 -19.56 27.09 -6.89
CA LEU C 366 -19.02 25.82 -6.43
C LEU C 366 -17.62 25.54 -6.95
N LYS C 367 -17.00 26.48 -7.66
CA LYS C 367 -15.64 26.30 -8.16
C LYS C 367 -14.59 26.93 -7.25
N LYS C 368 -14.99 27.52 -6.13
CA LYS C 368 -14.03 28.13 -5.23
C LYS C 368 -13.52 27.11 -4.21
N PRO C 369 -12.28 27.25 -3.76
CA PRO C 369 -11.75 26.32 -2.74
C PRO C 369 -12.25 26.65 -1.34
N ILE C 370 -13.54 26.40 -1.11
CA ILE C 370 -14.19 26.71 0.16
C ILE C 370 -14.81 25.45 0.73
N TYR C 371 -14.20 24.30 0.46
CA TYR C 371 -14.84 23.03 0.78
C TYR C 371 -14.32 22.39 2.05
N GLN C 372 -13.08 22.65 2.46
CA GLN C 372 -12.60 22.11 3.73
C GLN C 372 -13.36 22.70 4.90
N ARG C 373 -13.78 23.96 4.79
CA ARG C 373 -14.57 24.58 5.84
C ARG C 373 -15.84 23.80 6.12
N THR C 374 -16.35 23.09 5.12
CA THR C 374 -17.57 22.30 5.27
C THR C 374 -17.31 20.89 5.78
N ALA C 375 -16.05 20.48 5.90
CA ALA C 375 -15.76 19.07 6.21
C ALA C 375 -16.13 18.70 7.64
N ALA C 376 -16.03 19.63 8.59
CA ALA C 376 -16.26 19.34 9.99
C ALA C 376 -17.34 20.27 10.53
N TYR C 377 -18.17 19.73 11.43
CA TYR C 377 -19.26 20.47 12.06
C TYR C 377 -20.40 20.77 11.09
N GLY C 378 -20.64 19.87 10.14
CA GLY C 378 -21.81 19.96 9.30
C GLY C 378 -21.64 20.83 8.08
N HIS C 379 -22.25 20.43 6.97
CA HIS C 379 -22.17 21.22 5.75
C HIS C 379 -23.15 22.37 5.72
N PHE C 380 -24.14 22.37 6.61
CA PHE C 380 -25.21 23.36 6.60
C PHE C 380 -25.25 24.07 7.95
N GLY C 381 -26.10 25.10 8.02
CA GLY C 381 -26.30 25.85 9.24
C GLY C 381 -25.30 26.94 9.50
N ARG C 382 -24.32 27.13 8.61
CA ARG C 382 -23.30 28.15 8.77
C ARG C 382 -23.44 29.16 7.64
N ASP C 383 -23.54 30.45 8.01
CA ASP C 383 -23.94 31.47 7.05
C ASP C 383 -22.87 31.78 6.01
N SER C 384 -21.64 31.31 6.19
CA SER C 384 -20.56 31.72 5.30
C SER C 384 -20.68 31.13 3.90
N PHE C 385 -21.60 30.18 3.68
CA PHE C 385 -21.63 29.45 2.42
C PHE C 385 -22.76 29.92 1.53
N PRO C 386 -22.56 29.94 0.20
CA PRO C 386 -23.60 30.49 -0.68
C PRO C 386 -24.95 29.80 -0.55
N TRP C 387 -24.97 28.47 -0.38
CA TRP C 387 -26.24 27.77 -0.29
C TRP C 387 -26.98 28.08 1.01
N GLU C 388 -26.34 28.74 1.96
CA GLU C 388 -27.00 29.18 3.18
C GLU C 388 -27.46 30.62 3.09
N VAL C 389 -27.52 31.17 1.88
CA VAL C 389 -28.02 32.52 1.65
C VAL C 389 -29.38 32.39 0.96
N PRO C 390 -30.50 32.64 1.64
CA PRO C 390 -31.80 32.47 0.98
C PRO C 390 -31.93 33.36 -0.24
N LYS C 391 -32.62 32.84 -1.25
CA LYS C 391 -32.88 33.57 -2.48
C LYS C 391 -34.24 34.24 -2.39
N LYS C 392 -34.33 35.47 -2.90
CA LYS C 392 -35.59 36.20 -2.91
C LYS C 392 -36.56 35.52 -3.87
N LEU C 393 -37.63 34.95 -3.33
CA LEU C 393 -38.57 34.21 -4.13
C LEU C 393 -39.54 35.15 -4.84
N LYS C 394 -39.77 34.89 -6.12
CA LYS C 394 -40.71 35.67 -6.93
C LYS C 394 -41.78 34.74 -7.47
N TYR C 395 -43.00 34.92 -6.99
CA TYR C 395 -44.14 34.16 -7.48
C TYR C 395 -45.33 35.09 -7.65
N GLY D 16 -52.77 15.61 -6.13
CA GLY D 16 -52.67 14.76 -4.96
C GLY D 16 -51.56 13.74 -5.06
N THR D 17 -51.01 13.57 -6.26
CA THR D 17 -49.95 12.61 -6.49
C THR D 17 -48.58 13.25 -6.26
N PHE D 18 -47.55 12.41 -6.28
CA PHE D 18 -46.17 12.88 -6.18
C PHE D 18 -45.27 11.85 -6.82
N LEU D 19 -44.00 12.21 -6.96
CA LEU D 19 -42.98 11.32 -7.50
C LEU D 19 -41.95 11.02 -6.42
N PHE D 20 -41.48 9.79 -6.39
CA PHE D 20 -40.38 9.43 -5.51
C PHE D 20 -39.42 8.51 -6.23
N THR D 21 -38.13 8.80 -6.11
CA THR D 21 -37.07 8.04 -6.76
C THR D 21 -36.38 7.15 -5.74
N SER D 22 -35.85 6.03 -6.22
CA SER D 22 -34.98 5.20 -5.41
C SER D 22 -34.02 4.46 -6.33
N GLU D 23 -32.78 4.30 -5.88
CA GLU D 23 -31.76 3.66 -6.69
C GLU D 23 -31.25 2.41 -6.00
N SER D 24 -30.58 1.57 -6.79
CA SER D 24 -29.94 0.37 -6.30
C SER D 24 -28.73 0.09 -7.20
N VAL D 25 -27.86 -0.80 -6.73
CA VAL D 25 -26.62 -1.10 -7.41
C VAL D 25 -26.37 -2.61 -7.36
N GLY D 26 -25.85 -3.14 -8.46
CA GLY D 26 -25.69 -4.58 -8.58
C GLY D 26 -24.49 -5.10 -7.82
N GLU D 27 -24.36 -6.43 -7.84
CA GLU D 27 -23.29 -7.08 -7.10
C GLU D 27 -21.92 -6.57 -7.54
N GLY D 28 -21.80 -6.08 -8.76
CA GLY D 28 -20.52 -5.63 -9.26
C GLY D 28 -20.13 -4.23 -8.87
N HIS D 29 -21.07 -3.44 -8.36
CA HIS D 29 -20.75 -2.08 -7.98
C HIS D 29 -19.63 -2.08 -6.95
N PRO D 30 -18.58 -1.28 -7.13
CA PRO D 30 -17.43 -1.39 -6.22
C PRO D 30 -17.80 -1.24 -4.75
N ASP D 31 -18.75 -0.36 -4.43
CA ASP D 31 -19.21 -0.25 -3.04
C ASP D 31 -19.79 -1.58 -2.58
N LYS D 32 -20.54 -2.25 -3.45
CA LYS D 32 -21.11 -3.53 -3.06
C LYS D 32 -20.07 -4.64 -3.10
N ILE D 33 -19.03 -4.53 -3.93
CA ILE D 33 -17.91 -5.46 -3.81
C ILE D 33 -17.34 -5.37 -2.42
N CYS D 34 -17.10 -4.15 -1.94
CA CYS D 34 -16.55 -3.96 -0.60
C CYS D 34 -17.50 -4.48 0.47
N ASP D 35 -18.80 -4.20 0.33
CA ASP D 35 -19.76 -4.66 1.33
C ASP D 35 -19.80 -6.18 1.39
N GLN D 36 -19.84 -6.84 0.24
CA GLN D 36 -19.88 -8.29 0.22
C GLN D 36 -18.60 -8.88 0.78
N ILE D 37 -17.46 -8.27 0.50
CA ILE D 37 -16.20 -8.79 1.05
C ILE D 37 -16.16 -8.63 2.56
N SER D 38 -16.65 -7.49 3.07
CA SER D 38 -16.69 -7.29 4.51
C SER D 38 -17.58 -8.34 5.17
N ASP D 39 -18.76 -8.57 4.60
CA ASP D 39 -19.65 -9.57 5.17
C ASP D 39 -19.09 -10.97 5.01
N ALA D 40 -18.31 -11.22 3.96
CA ALA D 40 -17.68 -12.52 3.79
C ALA D 40 -16.64 -12.76 4.89
N VAL D 41 -15.86 -11.73 5.22
CA VAL D 41 -14.91 -11.87 6.32
C VAL D 41 -15.65 -12.10 7.63
N LEU D 42 -16.74 -11.36 7.85
CA LEU D 42 -17.53 -11.55 9.07
C LEU D 42 -18.06 -12.97 9.15
N ASP D 43 -18.57 -13.50 8.05
CA ASP D 43 -19.07 -14.87 8.03
C ASP D 43 -17.94 -15.86 8.29
N ALA D 44 -16.79 -15.67 7.65
CA ALA D 44 -15.67 -16.58 7.85
C ALA D 44 -15.28 -16.63 9.32
N HIS D 45 -15.37 -15.50 10.02
CA HIS D 45 -15.06 -15.51 11.44
C HIS D 45 -16.19 -16.17 12.24
N LEU D 46 -17.44 -15.86 11.91
CA LEU D 46 -18.57 -16.35 12.70
C LEU D 46 -18.75 -17.86 12.60
N GLN D 47 -18.15 -18.50 11.59
CA GLN D 47 -18.29 -19.95 11.47
C GLN D 47 -17.44 -20.68 12.49
N GLN D 48 -16.33 -20.09 12.92
CA GLN D 48 -15.43 -20.71 13.88
C GLN D 48 -15.53 -20.12 15.28
N ASP D 49 -16.01 -18.90 15.42
CA ASP D 49 -16.10 -18.22 16.71
C ASP D 49 -17.38 -17.39 16.74
N PRO D 50 -18.47 -17.95 17.23
CA PRO D 50 -19.73 -17.18 17.27
C PRO D 50 -19.62 -15.88 18.04
N ASP D 51 -18.66 -15.76 18.95
CA ASP D 51 -18.48 -14.55 19.75
C ASP D 51 -17.47 -13.59 19.13
N ALA D 52 -17.06 -13.81 17.89
CA ALA D 52 -16.08 -12.94 17.26
C ALA D 52 -16.57 -11.50 17.23
N LYS D 53 -15.67 -10.58 17.57
CA LYS D 53 -15.97 -9.15 17.54
C LYS D 53 -15.30 -8.56 16.32
N VAL D 54 -16.09 -8.26 15.29
CA VAL D 54 -15.57 -7.89 13.98
C VAL D 54 -16.05 -6.49 13.63
N ALA D 55 -15.13 -5.66 13.16
CA ALA D 55 -15.44 -4.36 12.54
C ALA D 55 -14.48 -4.22 11.38
N CYS D 56 -14.94 -4.60 10.19
CA CYS D 56 -14.09 -4.70 9.01
C CYS D 56 -14.55 -3.67 7.98
N GLU D 57 -13.62 -2.84 7.53
CA GLU D 57 -13.83 -1.89 6.45
C GLU D 57 -13.08 -2.39 5.23
N THR D 58 -13.67 -2.22 4.05
CA THR D 58 -13.06 -2.70 2.81
C THR D 58 -12.99 -1.57 1.81
N VAL D 59 -11.91 -1.54 1.05
CA VAL D 59 -11.68 -0.54 0.02
C VAL D 59 -11.31 -1.25 -1.27
N ALA D 60 -12.03 -0.96 -2.34
CA ALA D 60 -11.78 -1.58 -3.64
C ALA D 60 -11.37 -0.49 -4.62
N LYS D 61 -10.19 -0.65 -5.21
CA LYS D 61 -9.70 0.26 -6.24
C LYS D 61 -9.12 -0.60 -7.36
N THR D 62 -8.58 0.04 -8.39
CA THR D 62 -8.10 -0.71 -9.55
C THR D 62 -7.14 -1.80 -9.10
N GLY D 63 -7.55 -3.06 -9.24
CA GLY D 63 -6.69 -4.17 -8.89
C GLY D 63 -6.23 -4.20 -7.46
N MET D 64 -7.00 -3.65 -6.52
CA MET D 64 -6.63 -3.66 -5.12
C MET D 64 -7.85 -3.83 -4.25
N ILE D 65 -7.76 -4.76 -3.30
CA ILE D 65 -8.71 -4.90 -2.21
C ILE D 65 -7.95 -4.71 -0.92
N LEU D 66 -8.42 -3.81 -0.07
CA LEU D 66 -7.78 -3.48 1.19
C LEU D 66 -8.75 -3.75 2.32
N LEU D 67 -8.34 -4.55 3.29
CA LEU D 67 -9.12 -4.83 4.49
C LEU D 67 -8.49 -4.10 5.67
N ALA D 68 -9.28 -3.25 6.32
CA ALA D 68 -8.85 -2.52 7.50
C ALA D 68 -9.86 -2.77 8.61
N GLY D 69 -9.55 -2.31 9.80
CA GLY D 69 -10.44 -2.46 10.93
C GLY D 69 -9.87 -3.42 11.95
N GLU D 70 -10.73 -3.81 12.90
CA GLU D 70 -10.32 -4.57 14.06
C GLU D 70 -11.17 -5.82 14.21
N ILE D 71 -10.51 -6.96 14.37
CA ILE D 71 -11.19 -8.24 14.58
C ILE D 71 -10.56 -8.94 15.77
N THR D 72 -11.36 -9.18 16.80
CA THR D 72 -10.95 -9.94 17.98
C THR D 72 -11.70 -11.27 17.95
N SER D 73 -10.99 -12.35 17.69
CA SER D 73 -11.65 -13.65 17.62
C SER D 73 -10.60 -14.74 17.75
N ARG D 74 -11.07 -15.94 18.10
CA ARG D 74 -10.23 -17.12 18.19
C ARG D 74 -10.07 -17.83 16.85
N ALA D 75 -10.76 -17.37 15.81
CA ALA D 75 -10.75 -18.05 14.53
C ALA D 75 -9.46 -17.80 13.78
N ALA D 76 -9.14 -18.72 12.87
CA ALA D 76 -8.03 -18.58 11.93
C ALA D 76 -8.64 -18.52 10.54
N VAL D 77 -8.53 -17.36 9.89
CA VAL D 77 -9.20 -17.11 8.62
C VAL D 77 -8.15 -16.80 7.56
N ASP D 78 -8.38 -17.33 6.36
CA ASP D 78 -7.52 -17.07 5.21
C ASP D 78 -8.14 -15.92 4.43
N TYR D 79 -7.66 -14.70 4.69
CA TYR D 79 -8.29 -13.53 4.09
C TYR D 79 -8.13 -13.53 2.57
N GLN D 80 -6.98 -13.96 2.08
CA GLN D 80 -6.80 -14.05 0.64
C GLN D 80 -7.87 -14.91 0.01
N LYS D 81 -8.07 -16.12 0.56
CA LYS D 81 -9.05 -17.03 0.00
C LYS D 81 -10.46 -16.46 0.10
N VAL D 82 -10.82 -15.89 1.25
CA VAL D 82 -12.17 -15.37 1.42
C VAL D 82 -12.45 -14.26 0.41
N VAL D 83 -11.52 -13.30 0.31
CA VAL D 83 -11.73 -12.17 -0.59
C VAL D 83 -11.81 -12.65 -2.03
N ARG D 84 -10.90 -13.55 -2.42
CA ARG D 84 -10.88 -13.98 -3.82
C ARG D 84 -12.12 -14.80 -4.17
N GLU D 85 -12.59 -15.65 -3.25
CA GLU D 85 -13.82 -16.39 -3.51
C GLU D 85 -15.03 -15.46 -3.61
N ALA D 86 -15.09 -14.44 -2.75
CA ALA D 86 -16.19 -13.48 -2.84
C ALA D 86 -16.16 -12.76 -4.18
N VAL D 87 -14.98 -12.30 -4.60
CA VAL D 87 -14.87 -11.59 -5.87
C VAL D 87 -15.23 -12.52 -7.02
N LYS D 88 -14.81 -13.77 -6.98
CA LYS D 88 -15.16 -14.72 -8.02
C LYS D 88 -16.66 -14.92 -8.09
N HIS D 89 -17.31 -15.07 -6.93
CA HIS D 89 -18.77 -15.19 -6.93
C HIS D 89 -19.43 -13.95 -7.51
N ILE D 90 -18.84 -12.77 -7.31
CA ILE D 90 -19.39 -11.56 -7.91
C ILE D 90 -19.37 -11.67 -9.42
N GLY D 91 -18.26 -12.15 -9.99
CA GLY D 91 -18.20 -12.42 -11.41
C GLY D 91 -17.01 -11.80 -12.13
N TYR D 92 -16.05 -11.26 -11.39
CA TYR D 92 -14.88 -10.61 -11.98
C TYR D 92 -13.77 -11.64 -12.10
N ASP D 93 -13.56 -12.18 -13.30
CA ASP D 93 -12.57 -13.21 -13.50
C ASP D 93 -11.76 -13.00 -14.77
N ASP D 94 -11.49 -11.76 -15.15
CA ASP D 94 -10.67 -11.50 -16.32
C ASP D 94 -10.33 -10.02 -16.38
N SER D 95 -9.15 -9.72 -16.90
CA SER D 95 -8.73 -8.33 -17.03
C SER D 95 -9.62 -7.57 -18.02
N SER D 96 -10.17 -8.27 -19.00
CA SER D 96 -11.06 -7.61 -19.96
C SER D 96 -12.27 -6.98 -19.28
N LYS D 97 -12.63 -7.46 -18.10
CA LYS D 97 -13.74 -6.91 -17.33
C LYS D 97 -13.29 -5.84 -16.33
N GLY D 98 -11.99 -5.57 -16.24
CA GLY D 98 -11.48 -4.58 -15.33
C GLY D 98 -11.11 -5.09 -13.96
N PHE D 99 -11.15 -6.39 -13.74
CA PHE D 99 -10.82 -6.96 -12.44
C PHE D 99 -10.73 -8.47 -12.59
N ASP D 100 -9.88 -9.08 -11.77
CA ASP D 100 -9.65 -10.52 -11.84
C ASP D 100 -9.31 -11.02 -10.44
N TYR D 101 -10.16 -11.89 -9.90
CA TYR D 101 -9.91 -12.40 -8.55
C TYR D 101 -8.57 -13.12 -8.45
N LYS D 102 -8.12 -13.75 -9.54
CA LYS D 102 -6.86 -14.48 -9.51
C LYS D 102 -5.69 -13.55 -9.24
N THR D 103 -5.66 -12.39 -9.89
CA THR D 103 -4.50 -11.50 -9.86
C THR D 103 -4.78 -10.19 -9.14
N CYS D 104 -5.94 -10.04 -8.51
CA CYS D 104 -6.18 -8.85 -7.70
C CYS D 104 -5.30 -8.87 -6.47
N ASN D 105 -5.02 -7.68 -5.94
CA ASN D 105 -4.15 -7.53 -4.79
C ASN D 105 -4.99 -7.36 -3.54
N VAL D 106 -4.77 -8.23 -2.56
CA VAL D 106 -5.48 -8.17 -1.29
C VAL D 106 -4.45 -7.76 -0.23
N LEU D 107 -4.65 -6.59 0.36
CA LEU D 107 -3.80 -6.08 1.43
C LEU D 107 -4.59 -6.14 2.73
N VAL D 108 -4.07 -6.85 3.71
CA VAL D 108 -4.74 -7.04 4.99
C VAL D 108 -4.09 -6.11 5.99
N ALA D 109 -4.81 -5.06 6.40
CA ALA D 109 -4.37 -4.15 7.43
C ALA D 109 -5.11 -4.38 8.75
N LEU D 110 -5.78 -5.52 8.88
CA LEU D 110 -6.57 -5.80 10.06
C LEU D 110 -5.69 -5.81 11.30
N GLU D 111 -6.21 -5.24 12.38
CA GLU D 111 -5.55 -5.26 13.68
C GLU D 111 -6.02 -6.50 14.41
N GLN D 112 -5.29 -7.60 14.24
CA GLN D 112 -5.54 -8.82 14.97
C GLN D 112 -5.30 -8.53 16.45
N GLN D 113 -6.27 -8.86 17.28
CA GLN D 113 -6.35 -8.36 18.63
C GLN D 113 -6.33 -9.53 19.62
N SER D 114 -6.42 -9.20 20.92
CA SER D 114 -6.42 -10.19 21.99
C SER D 114 -7.81 -10.30 22.61
N PRO D 115 -8.46 -11.48 22.54
CA PRO D 115 -9.77 -11.61 23.19
C PRO D 115 -9.65 -11.74 24.71
N GLN D 135 -21.84 3.99 19.86
CA GLN D 135 -23.14 4.60 20.09
C GLN D 135 -23.77 5.04 18.78
N GLY D 136 -24.95 5.63 18.87
CA GLY D 136 -25.59 6.20 17.70
C GLY D 136 -27.08 6.01 17.68
N LEU D 137 -27.73 6.55 16.66
CA LEU D 137 -29.16 6.43 16.44
C LEU D 137 -29.41 5.55 15.23
N MET D 138 -30.49 4.77 15.29
CA MET D 138 -30.84 3.82 14.25
C MET D 138 -32.33 3.92 13.98
N PHE D 139 -32.72 3.57 12.75
CA PHE D 139 -34.10 3.70 12.30
C PHE D 139 -34.60 2.38 11.75
N GLY D 140 -35.89 2.17 11.88
CA GLY D 140 -36.57 1.09 11.21
C GLY D 140 -37.83 1.62 10.58
N TYR D 141 -38.31 0.93 9.55
CA TYR D 141 -39.42 1.46 8.78
C TYR D 141 -40.11 0.31 8.05
N ALA D 142 -41.42 0.40 7.94
CA ALA D 142 -42.17 -0.63 7.24
C ALA D 142 -43.42 -0.01 6.62
N THR D 143 -43.62 -0.28 5.34
CA THR D 143 -44.77 0.24 4.60
C THR D 143 -45.43 -0.93 3.89
N ASP D 144 -46.74 -1.09 4.08
CA ASP D 144 -47.45 -2.25 3.57
C ASP D 144 -47.83 -2.13 2.10
N GLU D 145 -47.25 -1.18 1.36
CA GLU D 145 -47.59 -1.05 -0.05
C GLU D 145 -47.10 -2.23 -0.88
N THR D 146 -46.27 -3.09 -0.30
CA THR D 146 -45.84 -4.32 -0.97
C THR D 146 -45.92 -5.47 0.04
N GLU D 147 -46.09 -6.68 -0.49
CA GLU D 147 -46.20 -7.85 0.38
C GLU D 147 -44.97 -8.00 1.27
N GLU D 148 -43.83 -7.48 0.83
CA GLU D 148 -42.61 -7.51 1.61
C GLU D 148 -42.56 -6.40 2.65
N CYS D 149 -43.61 -5.58 2.74
CA CYS D 149 -43.64 -4.45 3.66
C CYS D 149 -42.46 -3.50 3.41
N MET D 150 -42.28 -3.14 2.14
CA MET D 150 -41.20 -2.27 1.72
C MET D 150 -41.70 -1.34 0.63
N PRO D 151 -41.05 -0.20 0.44
CA PRO D 151 -41.44 0.71 -0.64
C PRO D 151 -41.30 0.03 -2.00
N LEU D 152 -42.15 0.44 -2.94
CA LEU D 152 -42.14 -0.18 -4.26
C LEU D 152 -40.90 0.21 -5.05
N THR D 153 -40.39 1.43 -4.85
CA THR D 153 -39.30 1.92 -5.68
C THR D 153 -38.02 1.11 -5.45
N ILE D 154 -37.64 0.95 -4.18
CA ILE D 154 -36.44 0.18 -3.88
C ILE D 154 -36.63 -1.28 -4.23
N VAL D 155 -37.85 -1.80 -4.05
CA VAL D 155 -38.13 -3.19 -4.41
C VAL D 155 -37.90 -3.39 -5.90
N LEU D 156 -38.43 -2.48 -6.72
CA LEU D 156 -38.25 -2.61 -8.17
C LEU D 156 -36.79 -2.45 -8.56
N ALA D 157 -36.07 -1.51 -7.94
CA ALA D 157 -34.66 -1.33 -8.26
C ALA D 157 -33.86 -2.58 -7.96
N HIS D 158 -34.09 -3.17 -6.77
CA HIS D 158 -33.40 -4.40 -6.41
C HIS D 158 -33.78 -5.54 -7.35
N LYS D 159 -35.07 -5.63 -7.72
CA LYS D 159 -35.47 -6.67 -8.66
C LYS D 159 -34.81 -6.51 -10.01
N LEU D 160 -34.66 -5.26 -10.48
CA LEU D 160 -34.01 -5.04 -11.76
C LEU D 160 -32.55 -5.45 -11.71
N ASN D 161 -31.85 -5.11 -10.62
CA ASN D 161 -30.46 -5.53 -10.51
C ASN D 161 -30.34 -7.05 -10.43
N ALA D 162 -31.24 -7.69 -9.69
CA ALA D 162 -31.21 -9.15 -9.61
C ALA D 162 -31.48 -9.77 -10.98
N LYS D 163 -32.42 -9.22 -11.73
CA LYS D 163 -32.70 -9.75 -13.06
C LYS D 163 -31.50 -9.60 -13.98
N LEU D 164 -30.81 -8.45 -13.91
CA LEU D 164 -29.60 -8.30 -14.70
C LEU D 164 -28.56 -9.33 -14.30
N ALA D 165 -28.41 -9.59 -13.00
CA ALA D 165 -27.45 -10.61 -12.56
C ALA D 165 -27.82 -11.98 -13.11
N GLU D 166 -29.12 -12.33 -13.04
CA GLU D 166 -29.55 -13.64 -13.54
C GLU D 166 -29.29 -13.77 -15.03
N LEU D 167 -29.62 -12.74 -15.81
CA LEU D 167 -29.37 -12.80 -17.25
C LEU D 167 -27.88 -12.82 -17.56
N ARG D 168 -27.05 -12.24 -16.70
CA ARG D 168 -25.61 -12.29 -16.95
C ARG D 168 -25.03 -13.65 -16.62
N ARG D 169 -25.56 -14.33 -15.60
CA ARG D 169 -24.96 -15.56 -15.10
C ARG D 169 -25.43 -16.81 -15.83
N ASN D 170 -26.57 -16.77 -16.52
CA ASN D 170 -27.05 -17.92 -17.27
C ASN D 170 -26.78 -17.80 -18.76
N GLY D 171 -26.00 -16.81 -19.18
CA GLY D 171 -25.61 -16.70 -20.57
C GLY D 171 -26.68 -16.18 -21.51
N THR D 172 -27.80 -15.70 -20.98
CA THR D 172 -28.85 -15.17 -21.86
C THR D 172 -28.37 -13.96 -22.63
N LEU D 173 -27.66 -13.04 -21.96
CA LEU D 173 -27.07 -11.86 -22.57
C LEU D 173 -25.59 -11.84 -22.21
N PRO D 174 -24.75 -12.48 -23.01
CA PRO D 174 -23.33 -12.61 -22.63
C PRO D 174 -22.58 -11.29 -22.59
N TRP D 175 -23.14 -10.20 -23.10
CA TRP D 175 -22.43 -8.93 -23.15
C TRP D 175 -22.55 -8.14 -21.85
N LEU D 176 -23.23 -8.68 -20.85
CA LEU D 176 -23.35 -8.00 -19.57
C LEU D 176 -22.10 -8.21 -18.73
N ARG D 177 -21.80 -7.22 -17.89
CA ARG D 177 -20.72 -7.27 -16.94
C ARG D 177 -21.26 -7.06 -15.53
N PRO D 178 -20.49 -7.42 -14.50
CA PRO D 178 -21.06 -7.42 -13.14
C PRO D 178 -21.59 -6.08 -12.67
N ASP D 179 -20.97 -4.98 -13.08
CA ASP D 179 -21.35 -3.67 -12.55
C ASP D 179 -22.68 -3.21 -13.15
N SER D 180 -23.47 -2.51 -12.34
CA SER D 180 -24.74 -1.98 -12.82
C SER D 180 -25.34 -1.06 -11.77
N LYS D 181 -26.06 -0.05 -12.24
CA LYS D 181 -26.79 0.88 -11.39
C LYS D 181 -28.19 1.07 -11.96
N THR D 182 -29.20 1.05 -11.10
CA THR D 182 -30.59 1.16 -11.51
C THR D 182 -31.28 2.22 -10.67
N GLN D 183 -32.27 2.86 -11.27
CA GLN D 183 -33.02 3.92 -10.59
C GLN D 183 -34.46 3.87 -11.08
N VAL D 184 -35.40 3.91 -10.14
CA VAL D 184 -36.82 3.86 -10.47
C VAL D 184 -37.49 5.06 -9.82
N THR D 185 -38.16 5.88 -10.63
CA THR D 185 -38.95 7.01 -10.18
C THR D 185 -40.42 6.63 -10.35
N VAL D 186 -41.10 6.40 -9.23
CA VAL D 186 -42.46 5.90 -9.22
C VAL D 186 -43.40 7.03 -8.83
N GLN D 187 -44.61 6.98 -9.39
CA GLN D 187 -45.65 7.95 -9.11
C GLN D 187 -46.61 7.38 -8.08
N TYR D 188 -46.82 8.14 -7.01
CA TYR D 188 -47.53 7.70 -5.82
C TYR D 188 -48.73 8.60 -5.57
N MET D 189 -49.73 8.05 -4.88
CA MET D 189 -50.87 8.83 -4.42
C MET D 189 -51.17 8.44 -2.97
N GLN D 190 -51.68 9.41 -2.21
CA GLN D 190 -51.82 9.25 -0.77
C GLN D 190 -53.18 8.66 -0.41
N ASP D 191 -53.21 7.82 0.62
CA ASP D 191 -54.44 7.22 1.14
C ASP D 191 -54.42 7.30 2.66
N ARG D 192 -54.89 8.40 3.22
CA ARG D 192 -55.01 8.56 4.66
C ARG D 192 -53.69 8.21 5.34
N GLY D 193 -52.64 8.94 4.98
CA GLY D 193 -51.33 8.75 5.55
C GLY D 193 -50.55 7.59 5.00
N ALA D 194 -51.11 6.84 4.06
CA ALA D 194 -50.44 5.73 3.40
C ALA D 194 -50.29 6.04 1.92
N VAL D 195 -49.26 5.46 1.31
CA VAL D 195 -48.94 5.70 -0.09
C VAL D 195 -49.32 4.48 -0.92
N LEU D 196 -49.91 4.71 -2.08
CA LEU D 196 -50.26 3.65 -3.02
C LEU D 196 -49.61 3.97 -4.36
N PRO D 197 -48.74 3.11 -4.88
CA PRO D 197 -48.09 3.43 -6.16
C PRO D 197 -49.04 3.27 -7.33
N ILE D 198 -48.94 4.20 -8.28
CA ILE D 198 -49.80 4.19 -9.47
C ILE D 198 -49.05 3.56 -10.63
N ARG D 199 -47.92 4.15 -11.01
CA ARG D 199 -47.18 3.71 -12.18
C ARG D 199 -45.72 4.13 -12.03
N VAL D 200 -44.87 3.51 -12.84
CA VAL D 200 -43.44 3.82 -12.85
C VAL D 200 -43.25 5.00 -13.80
N HIS D 201 -42.89 6.15 -13.25
CA HIS D 201 -42.74 7.35 -14.06
C HIS D 201 -41.46 7.30 -14.90
N THR D 202 -40.36 6.82 -14.32
CA THR D 202 -39.09 6.78 -15.01
C THR D 202 -38.29 5.56 -14.56
N ILE D 203 -37.44 5.06 -15.46
CA ILE D 203 -36.51 3.99 -15.15
C ILE D 203 -35.16 4.32 -15.80
N VAL D 204 -34.09 4.16 -15.04
CA VAL D 204 -32.73 4.37 -15.53
C VAL D 204 -31.94 3.09 -15.26
N ILE D 205 -31.27 2.59 -16.28
CA ILE D 205 -30.41 1.42 -16.17
C ILE D 205 -29.06 1.76 -16.79
N SER D 206 -27.99 1.50 -16.06
CA SER D 206 -26.63 1.71 -16.55
C SER D 206 -25.82 0.49 -16.15
N VAL D 207 -25.67 -0.45 -17.07
CA VAL D 207 -25.02 -1.72 -16.80
C VAL D 207 -23.77 -1.82 -17.66
N GLN D 208 -22.65 -2.19 -17.05
CA GLN D 208 -21.41 -2.34 -17.80
C GLN D 208 -21.55 -3.47 -18.81
N HIS D 209 -21.01 -3.24 -20.01
CA HIS D 209 -21.10 -4.18 -21.11
C HIS D 209 -19.71 -4.37 -21.69
N ASP D 210 -19.64 -5.08 -22.82
CA ASP D 210 -18.38 -5.31 -23.50
C ASP D 210 -18.26 -4.38 -24.71
N GLU D 211 -17.10 -4.42 -25.35
CA GLU D 211 -16.77 -3.50 -26.44
C GLU D 211 -17.46 -3.86 -27.75
N GLU D 212 -18.15 -5.00 -27.81
CA GLU D 212 -18.66 -5.53 -29.06
C GLU D 212 -20.10 -5.10 -29.35
N VAL D 213 -20.99 -5.25 -28.38
CA VAL D 213 -22.41 -5.01 -28.63
C VAL D 213 -22.66 -3.53 -28.89
N CYS D 214 -23.67 -3.25 -29.72
CA CYS D 214 -24.02 -1.88 -30.08
C CYS D 214 -25.13 -1.36 -29.18
N LEU D 215 -25.31 -0.04 -29.21
CA LEU D 215 -26.27 0.59 -28.31
C LEU D 215 -27.70 0.12 -28.58
N ASP D 216 -28.07 -0.02 -29.84
CA ASP D 216 -29.44 -0.40 -30.15
C ASP D 216 -29.79 -1.74 -29.52
N GLU D 217 -28.90 -2.73 -29.65
CA GLU D 217 -29.16 -4.04 -29.08
C GLU D 217 -29.27 -3.96 -27.56
N MET D 218 -28.36 -3.23 -26.91
CA MET D 218 -28.41 -3.15 -25.46
C MET D 218 -29.70 -2.48 -25.00
N ARG D 219 -30.10 -1.40 -25.66
CA ARG D 219 -31.29 -0.67 -25.20
C ARG D 219 -32.56 -1.41 -25.53
N ASP D 220 -32.57 -2.26 -26.56
CA ASP D 220 -33.73 -3.10 -26.80
C ASP D 220 -33.79 -4.28 -25.83
N ALA D 221 -32.64 -4.86 -25.49
CA ALA D 221 -32.62 -6.00 -24.58
C ALA D 221 -32.96 -5.56 -23.16
N LEU D 222 -32.40 -4.44 -22.70
CA LEU D 222 -32.69 -3.96 -21.36
C LEU D 222 -34.15 -3.56 -21.20
N LYS D 223 -34.86 -3.33 -22.31
CA LYS D 223 -36.26 -2.96 -22.28
C LYS D 223 -37.18 -4.18 -22.36
N GLU D 224 -36.93 -5.05 -23.33
CA GLU D 224 -37.82 -6.20 -23.53
C GLU D 224 -37.50 -7.35 -22.59
N LYS D 225 -36.21 -7.60 -22.34
CA LYS D 225 -35.82 -8.78 -21.59
C LYS D 225 -35.69 -8.54 -20.09
N VAL D 226 -35.30 -7.34 -19.68
CA VAL D 226 -35.07 -7.06 -18.27
C VAL D 226 -36.26 -6.34 -17.67
N ILE D 227 -36.57 -5.15 -18.18
CA ILE D 227 -37.60 -4.31 -17.57
C ILE D 227 -38.96 -4.99 -17.66
N LYS D 228 -39.29 -5.53 -18.83
CA LYS D 228 -40.62 -6.11 -19.02
C LYS D 228 -40.82 -7.39 -18.22
N ALA D 229 -39.75 -8.04 -17.80
CA ALA D 229 -39.83 -9.26 -17.01
C ALA D 229 -39.81 -9.01 -15.51
N VAL D 230 -39.72 -7.75 -15.07
CA VAL D 230 -39.61 -7.43 -13.66
C VAL D 230 -40.80 -6.58 -13.23
N VAL D 231 -41.01 -5.46 -13.91
CA VAL D 231 -42.06 -4.52 -13.55
C VAL D 231 -43.40 -5.03 -14.09
N PRO D 232 -44.41 -5.24 -13.25
CA PRO D 232 -45.71 -5.66 -13.79
C PRO D 232 -46.23 -4.64 -14.81
N ALA D 233 -46.88 -5.16 -15.85
CA ALA D 233 -47.35 -4.30 -16.93
C ALA D 233 -48.35 -3.26 -16.44
N LYS D 234 -49.00 -3.49 -15.30
CA LYS D 234 -49.94 -2.51 -14.78
C LYS D 234 -49.26 -1.23 -14.33
N TYR D 235 -47.94 -1.28 -14.09
CA TYR D 235 -47.19 -0.08 -13.73
C TYR D 235 -46.55 0.60 -14.92
N LEU D 236 -46.30 -0.12 -16.01
CA LEU D 236 -45.69 0.42 -17.21
C LEU D 236 -46.78 0.80 -18.22
N ASP D 237 -46.70 2.00 -18.75
CA ASP D 237 -47.63 2.45 -19.78
C ASP D 237 -46.81 3.11 -20.89
N GLU D 238 -47.51 3.72 -21.85
CA GLU D 238 -46.84 4.27 -23.02
C GLU D 238 -46.09 5.56 -22.74
N ASP D 239 -46.39 6.23 -21.61
CA ASP D 239 -45.73 7.48 -21.27
C ASP D 239 -44.49 7.28 -20.42
N THR D 240 -44.18 6.05 -20.03
CA THR D 240 -43.02 5.81 -19.18
C THR D 240 -41.75 6.29 -19.87
N ILE D 241 -40.87 6.91 -19.10
CA ILE D 241 -39.61 7.41 -19.62
C ILE D 241 -38.51 6.41 -19.31
N TYR D 242 -37.80 5.97 -20.34
CA TYR D 242 -36.78 4.94 -20.21
C TYR D 242 -35.42 5.58 -20.51
N HIS D 243 -34.59 5.71 -19.48
CA HIS D 243 -33.20 6.14 -19.65
C HIS D 243 -32.33 4.89 -19.54
N LEU D 244 -32.25 4.14 -20.63
CA LEU D 244 -31.48 2.90 -20.66
C LEU D 244 -30.11 3.20 -21.24
N GLN D 245 -29.08 2.97 -20.45
CA GLN D 245 -27.70 3.30 -20.83
C GLN D 245 -27.61 4.76 -21.23
N PRO D 246 -27.96 5.68 -20.33
CA PRO D 246 -27.93 7.11 -20.70
C PRO D 246 -26.54 7.63 -21.01
N SER D 247 -25.49 6.99 -20.51
CA SER D 247 -24.14 7.47 -20.75
C SER D 247 -23.67 7.17 -22.16
N GLY D 248 -24.18 6.14 -22.77
CA GLY D 248 -23.73 5.71 -24.09
C GLY D 248 -22.67 4.64 -24.09
N ARG D 249 -21.58 4.86 -23.37
CA ARG D 249 -20.50 3.88 -23.28
C ARG D 249 -20.18 3.63 -21.82
N PHE D 250 -20.26 2.37 -21.41
CA PHE D 250 -20.00 1.98 -20.02
C PHE D 250 -19.12 0.74 -20.00
N VAL D 251 -18.05 0.77 -20.78
CA VAL D 251 -17.16 -0.39 -20.86
C VAL D 251 -16.25 -0.46 -19.65
N ILE D 252 -15.66 0.68 -19.27
CA ILE D 252 -14.77 0.74 -18.13
C ILE D 252 -15.63 0.86 -16.87
N GLY D 253 -15.62 -0.17 -16.04
CA GLY D 253 -16.44 -0.19 -14.85
C GLY D 253 -15.85 -1.08 -13.77
N GLY D 254 -16.61 -1.34 -12.72
CA GLY D 254 -16.11 -2.06 -11.59
C GLY D 254 -15.15 -1.21 -10.80
N PRO D 255 -14.28 -1.83 -10.01
CA PRO D 255 -13.31 -1.04 -9.23
C PRO D 255 -12.42 -0.18 -10.11
N GLN D 256 -12.19 -0.58 -11.35
CA GLN D 256 -11.35 0.23 -12.24
C GLN D 256 -11.99 1.58 -12.52
N GLY D 257 -13.29 1.62 -12.72
CA GLY D 257 -13.99 2.84 -13.07
C GLY D 257 -14.37 3.72 -11.90
N ASP D 258 -14.22 3.24 -10.67
CA ASP D 258 -14.53 4.03 -9.49
C ASP D 258 -14.07 3.29 -8.25
N ALA D 259 -13.58 4.03 -7.27
CA ALA D 259 -13.22 3.43 -6.00
C ALA D 259 -14.47 3.07 -5.20
N GLY D 260 -14.30 2.14 -4.27
CA GLY D 260 -15.40 1.73 -3.42
C GLY D 260 -14.96 1.64 -1.97
N LEU D 261 -15.95 1.67 -1.08
CA LEU D 261 -15.70 1.56 0.35
C LEU D 261 -16.87 0.84 1.00
N THR D 262 -16.62 0.26 2.17
CA THR D 262 -17.69 -0.37 2.93
C THR D 262 -18.63 0.69 3.47
N GLY D 263 -19.92 0.42 3.36
CA GLY D 263 -20.92 1.29 3.96
C GLY D 263 -21.10 2.63 3.29
N ARG D 264 -20.77 2.74 2.00
CA ARG D 264 -21.01 3.95 1.24
C ARG D 264 -22.33 3.90 0.48
N LYS D 265 -23.09 2.82 0.61
CA LYS D 265 -24.39 2.66 -0.05
C LYS D 265 -25.44 2.30 1.00
N ILE D 266 -25.47 3.06 2.08
CA ILE D 266 -26.33 2.70 3.22
C ILE D 266 -27.80 2.86 2.87
N ILE D 267 -28.15 3.90 2.10
CA ILE D 267 -29.55 4.11 1.75
C ILE D 267 -30.03 3.04 0.79
N VAL D 268 -29.18 2.63 -0.16
CA VAL D 268 -29.55 1.52 -1.02
C VAL D 268 -29.83 0.27 -0.21
N ASP D 269 -29.21 0.15 0.97
CA ASP D 269 -29.35 -1.07 1.75
C ASP D 269 -30.70 -1.18 2.42
N THR D 270 -31.29 -0.05 2.83
CA THR D 270 -32.42 -0.10 3.76
C THR D 270 -33.75 0.25 3.12
N TYR D 271 -33.92 1.46 2.62
CA TYR D 271 -35.22 1.85 2.10
C TYR D 271 -35.16 2.75 0.88
N GLY D 272 -33.96 3.06 0.36
CA GLY D 272 -33.90 3.90 -0.82
C GLY D 272 -34.53 5.25 -0.62
N GLY D 273 -34.26 5.91 0.51
CA GLY D 273 -34.72 7.24 0.79
C GLY D 273 -35.93 7.31 1.69
N TRP D 274 -36.75 6.26 1.73
CA TRP D 274 -37.92 6.25 2.57
C TRP D 274 -37.53 6.10 4.04
N GLY D 275 -38.40 6.59 4.92
CA GLY D 275 -38.12 6.54 6.33
C GLY D 275 -37.01 7.48 6.71
N ALA D 276 -35.90 6.93 7.21
CA ALA D 276 -34.72 7.72 7.51
C ALA D 276 -33.58 6.76 7.83
N HIS D 277 -32.39 7.32 8.00
CA HIS D 277 -31.21 6.52 8.29
C HIS D 277 -30.42 7.17 9.42
N GLY D 278 -29.84 6.33 10.28
CA GLY D 278 -29.02 6.84 11.35
C GLY D 278 -27.58 7.10 10.97
N GLY D 279 -27.21 6.81 9.72
CA GLY D 279 -25.87 7.03 9.22
C GLY D 279 -24.93 5.86 9.41
N GLY D 280 -25.34 4.83 10.13
CA GLY D 280 -24.43 3.73 10.43
C GLY D 280 -24.44 2.69 9.34
N ALA D 281 -23.24 2.30 8.92
CA ALA D 281 -23.10 1.22 7.95
C ALA D 281 -23.43 -0.12 8.60
N PHE D 282 -23.86 -1.06 7.77
CA PHE D 282 -24.21 -2.41 8.23
C PHE D 282 -23.07 -3.40 8.04
N SER D 283 -22.52 -3.47 6.82
CA SER D 283 -21.63 -4.56 6.48
C SER D 283 -20.36 -4.53 7.31
N GLY D 284 -19.90 -5.72 7.71
CA GLY D 284 -18.65 -5.87 8.43
C GLY D 284 -18.77 -5.83 9.94
N LYS D 285 -19.96 -5.66 10.50
CA LYS D 285 -20.15 -5.49 11.92
C LYS D 285 -20.91 -6.67 12.50
N ASP D 286 -20.53 -7.08 13.70
CA ASP D 286 -21.21 -8.16 14.41
C ASP D 286 -22.32 -7.59 15.29
N TYR D 287 -22.85 -8.42 16.20
CA TYR D 287 -24.06 -8.03 16.92
C TYR D 287 -23.80 -6.91 17.91
N THR D 288 -22.60 -6.86 18.51
CA THR D 288 -22.32 -5.84 19.50
C THR D 288 -22.44 -4.43 18.94
N LYS D 289 -22.34 -4.28 17.62
CA LYS D 289 -22.43 -2.96 16.98
C LYS D 289 -23.91 -2.68 16.75
N VAL D 290 -24.46 -1.75 17.54
CA VAL D 290 -25.87 -1.43 17.41
C VAL D 290 -26.17 -0.85 16.04
N ASP D 291 -25.16 -0.37 15.32
CA ASP D 291 -25.40 0.12 13.96
C ASP D 291 -26.08 -0.93 13.11
N ARG D 292 -25.74 -2.20 13.30
CA ARG D 292 -26.32 -3.30 12.55
C ARG D 292 -27.43 -4.02 13.30
N SER D 293 -27.14 -4.53 14.49
CA SER D 293 -28.14 -5.31 15.21
C SER D 293 -29.35 -4.46 15.59
N ALA D 294 -29.13 -3.20 15.99
CA ALA D 294 -30.25 -2.37 16.39
C ALA D 294 -31.08 -1.92 15.20
N ALA D 295 -30.46 -1.72 14.04
CA ALA D 295 -31.23 -1.44 12.83
C ALA D 295 -32.12 -2.62 12.49
N TYR D 296 -31.60 -3.84 12.61
CA TYR D 296 -32.40 -5.03 12.40
C TYR D 296 -33.54 -5.12 13.40
N ALA D 297 -33.28 -4.78 14.67
CA ALA D 297 -34.33 -4.82 15.68
C ALA D 297 -35.41 -3.78 15.38
N ALA D 298 -35.01 -2.59 14.94
CA ALA D 298 -36.00 -1.56 14.62
C ALA D 298 -36.83 -1.96 13.41
N ARG D 299 -36.20 -2.58 12.41
CA ARG D 299 -36.96 -3.10 11.28
C ARG D 299 -37.92 -4.19 11.74
N TRP D 300 -37.49 -5.05 12.66
CA TRP D 300 -38.37 -6.07 13.20
C TRP D 300 -39.56 -5.45 13.90
N VAL D 301 -39.34 -4.40 14.70
CA VAL D 301 -40.43 -3.74 15.40
C VAL D 301 -41.40 -3.12 14.39
N ALA D 302 -40.87 -2.44 13.37
CA ALA D 302 -41.73 -1.77 12.40
C ALA D 302 -42.55 -2.79 11.61
N LYS D 303 -41.92 -3.87 11.16
CA LYS D 303 -42.66 -4.89 10.42
C LYS D 303 -43.67 -5.61 11.32
N SER D 304 -43.36 -5.77 12.61
CA SER D 304 -44.32 -6.37 13.52
C SER D 304 -45.54 -5.47 13.68
N LEU D 305 -45.31 -4.16 13.80
CA LEU D 305 -46.45 -3.24 13.96
C LEU D 305 -47.29 -3.19 12.69
N VAL D 306 -46.65 -3.16 11.53
CA VAL D 306 -47.41 -3.09 10.28
C VAL D 306 -48.15 -4.40 10.03
N LYS D 307 -47.47 -5.54 10.20
CA LYS D 307 -48.08 -6.84 9.97
C LYS D 307 -49.05 -7.23 11.08
N GLY D 308 -48.84 -6.73 12.29
CA GLY D 308 -49.77 -6.97 13.36
C GLY D 308 -51.08 -6.22 13.23
N GLY D 309 -51.18 -5.36 12.21
CA GLY D 309 -52.40 -4.64 11.93
C GLY D 309 -52.50 -3.28 12.56
N LEU D 310 -51.61 -2.94 13.50
CA LEU D 310 -51.74 -1.68 14.22
C LEU D 310 -51.62 -0.49 13.28
N CYS D 311 -50.68 -0.54 12.34
CA CYS D 311 -50.41 0.55 11.42
C CYS D 311 -50.53 0.06 9.98
N ARG D 312 -50.30 0.97 9.04
CA ARG D 312 -50.05 0.62 7.65
C ARG D 312 -48.71 1.12 7.17
N ARG D 313 -48.08 2.03 7.89
CA ARG D 313 -46.77 2.56 7.53
C ARG D 313 -46.17 3.18 8.79
N VAL D 314 -45.08 2.60 9.29
CA VAL D 314 -44.56 2.96 10.60
C VAL D 314 -43.05 3.18 10.53
N LEU D 315 -42.58 4.09 11.38
CA LEU D 315 -41.16 4.41 11.54
C LEU D 315 -40.81 4.37 13.02
N VAL D 316 -39.72 3.68 13.34
CA VAL D 316 -39.24 3.53 14.71
C VAL D 316 -37.82 4.09 14.77
N GLN D 317 -37.51 4.77 15.87
CA GLN D 317 -36.23 5.45 16.02
C GLN D 317 -35.66 5.11 17.39
N VAL D 318 -34.48 4.50 17.41
CA VAL D 318 -33.83 4.07 18.64
C VAL D 318 -32.49 4.76 18.71
N SER D 319 -31.93 4.85 19.92
CA SER D 319 -30.61 5.43 20.08
C SER D 319 -29.95 4.86 21.32
N TYR D 320 -28.67 4.53 21.20
CA TYR D 320 -27.90 3.93 22.28
C TYR D 320 -26.76 4.84 22.69
N ALA D 321 -25.96 4.36 23.64
CA ALA D 321 -24.77 5.09 24.11
C ALA D 321 -23.58 4.14 24.13
N ILE D 330 -36.25 5.97 22.46
CA ILE D 330 -37.07 5.29 21.47
C ILE D 330 -38.17 6.23 21.02
N SER D 331 -38.56 6.14 19.75
CA SER D 331 -39.67 6.95 19.24
C SER D 331 -40.36 6.19 18.12
N ILE D 332 -41.60 6.58 17.86
CA ILE D 332 -42.39 5.99 16.79
C ILE D 332 -43.14 7.10 16.07
N PHE D 333 -43.40 6.89 14.78
CA PHE D 333 -44.17 7.82 13.97
C PHE D 333 -44.93 7.01 12.94
N HIS D 334 -46.20 6.72 13.24
CA HIS D 334 -47.02 5.87 12.39
C HIS D 334 -47.62 6.62 11.20
N TYR D 335 -47.20 7.86 10.97
CA TYR D 335 -47.62 8.65 9.81
C TYR D 335 -49.12 8.89 9.80
N GLY D 336 -49.79 8.80 10.95
CA GLY D 336 -51.22 8.99 10.99
C GLY D 336 -52.03 7.87 10.40
N THR D 337 -51.48 6.65 10.36
CA THR D 337 -52.14 5.50 9.80
C THR D 337 -52.56 4.49 10.86
N SER D 338 -52.79 4.93 12.09
CA SER D 338 -53.17 4.04 13.18
C SER D 338 -54.29 4.67 14.00
N GLN D 339 -55.04 3.80 14.67
CA GLN D 339 -56.13 4.25 15.53
C GLN D 339 -55.63 4.69 16.92
N LYS D 340 -54.36 4.52 17.21
CA LYS D 340 -53.81 4.82 18.52
C LYS D 340 -52.52 5.63 18.39
N SER D 341 -52.40 6.65 19.22
CA SER D 341 -51.30 7.60 19.11
C SER D 341 -49.97 6.92 19.37
N GLU D 342 -48.89 7.64 19.03
CA GLU D 342 -47.55 7.10 19.20
C GLU D 342 -47.23 6.77 20.65
N ARG D 343 -47.98 7.34 21.60
CA ARG D 343 -47.77 7.02 23.01
C ARG D 343 -48.25 5.61 23.34
N GLU D 344 -49.24 5.11 22.65
CA GLU D 344 -49.72 3.74 22.88
C GLU D 344 -49.01 2.73 21.99
N LEU D 345 -48.50 3.16 20.84
CA LEU D 345 -47.66 2.28 20.04
C LEU D 345 -46.29 2.10 20.64
N LEU D 346 -45.82 3.10 21.41
CA LEU D 346 -44.51 3.00 22.02
C LEU D 346 -44.52 2.08 23.24
N GLU D 347 -45.67 1.51 23.57
CA GLU D 347 -45.76 0.57 24.69
C GLU D 347 -45.73 -0.87 24.20
N GLY D 358 -28.75 -5.63 23.43
CA GLY D 358 -27.81 -6.71 23.67
C GLY D 358 -28.48 -8.08 23.82
N VAL D 359 -29.82 -8.06 23.92
CA VAL D 359 -30.61 -9.28 23.97
C VAL D 359 -31.28 -9.57 22.64
N ILE D 360 -30.95 -8.82 21.58
CA ILE D 360 -31.49 -9.10 20.26
C ILE D 360 -30.96 -10.42 19.73
N VAL D 361 -29.68 -10.72 20.00
CA VAL D 361 -29.06 -11.89 19.39
C VAL D 361 -29.86 -13.15 19.70
N ARG D 362 -30.33 -13.30 20.94
CA ARG D 362 -31.10 -14.48 21.28
C ARG D 362 -32.37 -14.57 20.44
N ASP D 363 -32.93 -13.42 20.07
CA ASP D 363 -34.20 -13.39 19.35
C ASP D 363 -34.02 -13.31 17.83
N LEU D 364 -32.85 -12.92 17.35
CA LEU D 364 -32.59 -12.80 15.92
C LEU D 364 -31.42 -13.67 15.47
N ASP D 365 -30.83 -14.46 16.36
CA ASP D 365 -29.75 -15.37 16.00
C ASP D 365 -28.67 -14.64 15.21
N LEU D 366 -28.30 -13.46 15.69
CA LEU D 366 -27.31 -12.65 14.99
C LEU D 366 -25.91 -13.23 15.04
N LYS D 367 -25.71 -14.41 15.65
CA LYS D 367 -24.41 -15.06 15.69
C LYS D 367 -24.22 -16.06 14.56
N LYS D 368 -25.23 -16.32 13.76
CA LYS D 368 -25.08 -17.28 12.68
C LYS D 368 -24.49 -16.61 11.45
N PRO D 369 -23.67 -17.30 10.68
CA PRO D 369 -23.05 -16.69 9.48
C PRO D 369 -24.01 -16.58 8.31
N ILE D 370 -24.97 -15.66 8.45
CA ILE D 370 -26.01 -15.46 7.44
C ILE D 370 -25.95 -14.02 6.94
N TYR D 371 -24.75 -13.44 6.90
CA TYR D 371 -24.62 -12.00 6.68
C TYR D 371 -24.23 -11.63 5.25
N GLN D 372 -23.51 -12.49 4.54
CA GLN D 372 -23.20 -12.16 3.15
C GLN D 372 -24.45 -12.14 2.30
N ARG D 373 -25.44 -12.97 2.64
CA ARG D 373 -26.70 -12.97 1.90
C ARG D 373 -27.36 -11.60 1.95
N THR D 374 -27.09 -10.82 2.99
CA THR D 374 -27.67 -9.48 3.13
C THR D 374 -26.87 -8.41 2.42
N ALA D 375 -25.67 -8.72 1.93
CA ALA D 375 -24.79 -7.68 1.41
C ALA D 375 -25.27 -7.09 0.09
N ALA D 376 -26.00 -7.86 -0.71
CA ALA D 376 -26.42 -7.42 -2.04
C ALA D 376 -27.93 -7.49 -2.16
N TYR D 377 -28.51 -6.49 -2.80
CA TYR D 377 -29.95 -6.41 -3.03
C TYR D 377 -30.72 -6.12 -1.75
N GLY D 378 -30.15 -5.34 -0.85
CA GLY D 378 -30.86 -4.84 0.30
C GLY D 378 -30.87 -5.77 1.48
N HIS D 379 -30.86 -5.20 2.69
CA HIS D 379 -30.88 -6.01 3.90
C HIS D 379 -32.28 -6.43 4.30
N PHE D 380 -33.31 -5.80 3.75
CA PHE D 380 -34.68 -6.02 4.16
C PHE D 380 -35.52 -6.46 2.97
N GLY D 381 -36.76 -6.85 3.26
CA GLY D 381 -37.68 -7.25 2.23
C GLY D 381 -37.47 -8.65 1.69
N ARG D 382 -36.57 -9.43 2.28
CA ARG D 382 -36.28 -10.78 1.84
C ARG D 382 -36.68 -11.76 2.94
N ASP D 383 -37.31 -12.86 2.53
CA ASP D 383 -38.05 -13.68 3.48
C ASP D 383 -37.16 -14.36 4.50
N SER D 384 -35.99 -14.82 4.09
CA SER D 384 -35.24 -15.81 4.88
C SER D 384 -34.65 -15.24 6.17
N PHE D 385 -34.69 -13.93 6.38
CA PHE D 385 -33.94 -13.41 7.52
C PHE D 385 -34.84 -13.29 8.75
N PRO D 386 -34.30 -13.58 9.95
CA PRO D 386 -35.17 -13.61 11.13
C PRO D 386 -35.83 -12.27 11.44
N TRP D 387 -35.18 -11.15 11.16
CA TRP D 387 -35.82 -9.86 11.41
C TRP D 387 -36.96 -9.58 10.45
N GLU D 388 -37.13 -10.40 9.41
CA GLU D 388 -38.25 -10.28 8.49
C GLU D 388 -39.39 -11.22 8.85
N VAL D 389 -39.47 -11.64 10.11
CA VAL D 389 -40.53 -12.50 10.59
C VAL D 389 -41.27 -11.76 11.70
N PRO D 390 -42.42 -11.16 11.40
CA PRO D 390 -43.14 -10.42 12.44
C PRO D 390 -43.61 -11.33 13.56
N LYS D 391 -43.71 -10.76 14.76
CA LYS D 391 -44.12 -11.52 15.93
C LYS D 391 -45.51 -11.12 16.39
#